data_6IQV
#
_entry.id   6IQV
#
_cell.length_a   126.043
_cell.length_b   172.949
_cell.length_c   149.235
_cell.angle_alpha   90.00
_cell.angle_beta   90.00
_cell.angle_gamma   90.00
#
_symmetry.space_group_name_H-M   'C 2 2 21'
#
loop_
_entity.id
_entity.type
_entity.pdbx_description
1 polymer 'Glyceraldehyde-3-phosphate dehydrogenase, type I'
2 non-polymer 1,2-ETHANEDIOL
3 non-polymer 'MERCURY (II) ION'
4 non-polymer 2-AMINO-2-HYDROXYMETHYL-PROPANE-1,3-DIOL
5 water water
#
_entity_poly.entity_id   1
_entity_poly.type   'polypeptide(L)'
_entity_poly.pdbx_seq_one_letter_code
;MSVKIGINGFGRIGRLAFRRILELGEKSSDIEVVAINDLTSPALLAHLLKYDSTHGTLNADVSATDDSIVVNGKNYRVYA
EPQAQNIPWVKNDGVDFVLECTGFYTSKAKSQAHLDAGAKRVLISAPAGSDLKTIVYNVNDDILTADDRIVSAGSCTTNC
LAPLAFFENKEFGIKVGTMTTIHAYTSTQMLLDGPVRGGNFRAARAAGVNTIPHSTGAAKALGLVIPELNGKLQGHAQRV
GVVDGSLTELVAILDKKVTADEVNAAIKKHTEGNESFGYNDDEIVSSDVIGTTFGSIFDPTQTEVTSDGDNQLVKTVAWY
DNEYGFTCQMVRTLLKFATL
;
_entity_poly.pdbx_strand_id   A,B,C,D
#
loop_
_chem_comp.id
_chem_comp.type
_chem_comp.name
_chem_comp.formula
EDO non-polymer 1,2-ETHANEDIOL 'C2 H6 O2'
HG non-polymer 'MERCURY (II) ION' 'Hg 2'
TRS non-polymer 2-AMINO-2-HYDROXYMETHYL-PROPANE-1,3-DIOL 'C4 H12 N O3 1'
#
# COMPACT_ATOMS: atom_id res chain seq x y z
N MET A 1 -35.93 12.93 27.96
CA MET A 1 -35.95 13.89 26.80
C MET A 1 -34.54 13.99 26.17
N SER A 2 -34.22 12.99 25.34
CA SER A 2 -32.91 12.88 24.66
C SER A 2 -32.30 14.15 24.02
N VAL A 3 -30.98 14.12 23.90
CA VAL A 3 -30.22 15.08 23.07
C VAL A 3 -30.37 14.78 21.55
N LYS A 4 -30.85 15.77 20.80
CA LYS A 4 -31.06 15.61 19.36
C LYS A 4 -30.03 16.37 18.45
N ILE A 5 -29.29 15.64 17.62
CA ILE A 5 -28.20 16.21 16.81
C ILE A 5 -28.59 16.36 15.33
N GLY A 6 -28.23 17.50 14.74
CA GLY A 6 -28.29 17.68 13.27
C GLY A 6 -26.86 17.53 12.81
N ILE A 7 -26.58 16.78 11.78
CA ILE A 7 -25.24 16.71 11.30
C ILE A 7 -25.14 17.47 10.01
N ASN A 8 -24.37 18.53 10.00
CA ASN A 8 -24.16 19.26 8.78
C ASN A 8 -22.92 18.81 8.05
N GLY A 9 -23.12 18.14 6.95
CA GLY A 9 -22.06 17.50 6.22
C GLY A 9 -21.91 16.04 6.57
N PHE A 10 -22.30 15.17 5.66
CA PHE A 10 -22.24 13.74 5.85
C PHE A 10 -21.04 13.07 5.21
N GLY A 11 -19.88 13.63 5.43
CA GLY A 11 -18.61 13.07 5.04
C GLY A 11 -18.12 12.05 6.04
N ARG A 12 -16.84 11.73 5.96
CA ARG A 12 -16.29 10.65 6.75
C ARG A 12 -16.51 10.86 8.22
N ILE A 13 -16.28 12.06 8.72
CA ILE A 13 -16.54 12.35 10.13
C ILE A 13 -18.04 12.32 10.44
N GLY A 14 -18.85 12.97 9.64
CA GLY A 14 -20.28 12.97 9.86
C GLY A 14 -20.83 11.57 9.97
N ARG A 15 -20.46 10.73 9.02
CA ARG A 15 -20.89 9.34 9.00
C ARG A 15 -20.51 8.54 10.24
N LEU A 16 -19.28 8.69 10.69
CA LEU A 16 -18.79 8.07 11.88
C LEU A 16 -19.50 8.58 13.11
N ALA A 17 -19.79 9.86 13.16
CA ALA A 17 -20.56 10.40 14.23
C ALA A 17 -21.92 9.73 14.26
N PHE A 18 -22.54 9.59 13.10
CA PHE A 18 -23.78 8.84 12.99
C PHE A 18 -23.65 7.45 13.55
N ARG A 19 -22.62 6.73 13.18
CA ARG A 19 -22.41 5.39 13.66
C ARG A 19 -22.20 5.34 15.17
N ARG A 20 -21.44 6.27 15.70
CA ARG A 20 -21.16 6.27 17.10
C ARG A 20 -22.40 6.59 17.94
N ILE A 21 -23.17 7.56 17.50
CA ILE A 21 -24.37 7.92 18.15
C ILE A 21 -25.38 6.78 18.02
N LEU A 22 -25.44 6.12 16.89
CA LEU A 22 -26.28 4.94 16.79
C LEU A 22 -25.92 3.87 17.81
N GLU A 23 -24.65 3.54 17.90
CA GLU A 23 -24.15 2.57 18.85
C GLU A 23 -24.47 2.97 20.28
N LEU A 24 -24.23 4.21 20.65
CA LEU A 24 -24.58 4.69 21.98
C LEU A 24 -26.08 4.59 22.24
N GLY A 25 -26.87 4.71 21.19
CA GLY A 25 -28.30 4.67 21.27
C GLY A 25 -28.81 3.32 21.70
N GLU A 26 -28.03 2.29 21.45
CA GLU A 26 -28.47 0.95 21.74
C GLU A 26 -28.40 0.62 23.20
N LYS A 27 -27.56 1.29 23.94
CA LYS A 27 -27.56 1.13 25.40
C LYS A 27 -27.87 2.47 26.12
N SER A 28 -29.00 3.07 25.74
CA SER A 28 -29.21 4.53 25.60
C SER A 28 -28.39 5.51 26.40
N SER A 29 -27.71 6.38 25.66
CA SER A 29 -27.04 7.53 26.21
C SER A 29 -28.08 8.66 26.36
N ASP A 30 -29.04 8.55 25.47
CA ASP A 30 -29.91 9.58 25.09
C ASP A 30 -29.13 10.65 24.40
N ILE A 31 -28.69 10.27 23.24
CA ILE A 31 -28.29 11.17 22.22
C ILE A 31 -28.78 10.42 21.02
N GLU A 32 -29.21 11.14 20.01
CA GLU A 32 -29.63 10.59 18.76
C GLU A 32 -29.48 11.62 17.66
N VAL A 33 -29.19 11.16 16.48
CA VAL A 33 -29.22 11.98 15.31
C VAL A 33 -30.63 12.02 14.80
N VAL A 34 -31.20 13.18 14.64
CA VAL A 34 -32.48 13.29 14.00
C VAL A 34 -32.45 13.77 12.55
N ALA A 35 -31.37 14.34 12.07
CA ALA A 35 -31.33 14.85 10.71
C ALA A 35 -29.94 15.18 10.21
N ILE A 36 -29.81 15.23 8.90
CA ILE A 36 -28.56 15.48 8.24
C ILE A 36 -28.73 16.53 7.19
N ASN A 37 -27.70 17.25 6.85
CA ASN A 37 -27.74 18.15 5.75
C ASN A 37 -26.56 17.89 4.88
N ASP A 38 -26.77 17.61 3.62
CA ASP A 38 -25.70 17.31 2.70
C ASP A 38 -26.25 17.37 1.33
N LEU A 39 -25.42 17.61 0.33
CA LEU A 39 -25.86 17.79 -1.03
C LEU A 39 -25.68 16.58 -1.96
N THR A 40 -25.12 15.52 -1.44
CA THR A 40 -24.94 14.26 -2.12
C THR A 40 -26.22 13.44 -2.04
N SER A 41 -26.60 12.78 -3.12
CA SER A 41 -27.74 11.90 -3.10
C SER A 41 -27.79 10.93 -1.90
N PRO A 42 -28.95 10.76 -1.33
CA PRO A 42 -29.10 9.94 -0.14
C PRO A 42 -28.74 8.49 -0.35
N ALA A 43 -28.85 8.00 -1.56
CA ALA A 43 -28.53 6.63 -1.85
C ALA A 43 -27.04 6.39 -1.85
N LEU A 44 -26.28 7.39 -2.24
CA LEU A 44 -24.85 7.29 -2.18
C LEU A 44 -24.39 7.43 -0.73
N LEU A 45 -24.93 8.38 -0.02
CA LEU A 45 -24.69 8.55 1.39
C LEU A 45 -24.97 7.30 2.17
N ALA A 46 -26.11 6.69 1.91
CA ALA A 46 -26.49 5.47 2.54
C ALA A 46 -25.52 4.35 2.26
N HIS A 47 -25.01 4.31 1.04
CA HIS A 47 -24.04 3.34 0.64
C HIS A 47 -22.74 3.52 1.38
N LEU A 48 -22.29 4.75 1.49
CA LEU A 48 -21.12 5.10 2.28
C LEU A 48 -21.29 4.97 3.78
N LEU A 49 -22.50 5.03 4.31
CA LEU A 49 -22.73 4.77 5.73
C LEU A 49 -22.65 3.29 6.08
N LYS A 50 -23.09 2.45 5.15
CA LYS A 50 -23.12 1.01 5.32
C LYS A 50 -21.76 0.33 5.13
N TYR A 51 -21.06 0.68 4.08
CA TYR A 51 -19.80 0.10 3.76
C TYR A 51 -18.68 1.14 3.91
N ASP A 52 -17.59 0.74 4.54
CA ASP A 52 -16.40 1.56 4.74
C ASP A 52 -15.10 0.77 4.73
N SER A 53 -14.18 1.20 3.90
CA SER A 53 -12.92 0.52 3.66
C SER A 53 -12.00 0.54 4.86
N THR A 54 -12.24 1.44 5.78
CA THR A 54 -11.46 1.56 6.97
C THR A 54 -12.13 0.92 8.17
N HIS A 55 -13.36 1.29 8.39
CA HIS A 55 -14.06 0.98 9.59
C HIS A 55 -15.07 -0.10 9.45
N GLY A 56 -15.10 -0.74 8.32
CA GLY A 56 -15.97 -1.87 8.10
C GLY A 56 -17.42 -1.63 7.78
N THR A 57 -18.19 -2.70 7.74
CA THR A 57 -19.60 -2.63 7.40
C THR A 57 -20.45 -2.44 8.64
N LEU A 58 -21.39 -1.50 8.61
CA LEU A 58 -22.33 -1.26 9.69
C LEU A 58 -23.28 -2.43 9.90
N ASN A 59 -23.40 -2.93 11.11
CA ASN A 59 -24.34 -3.99 11.38
C ASN A 59 -25.72 -3.46 11.65
N ALA A 60 -26.34 -2.96 10.61
CA ALA A 60 -27.65 -2.42 10.67
C ALA A 60 -28.18 -2.51 9.27
N ASP A 61 -29.49 -2.47 9.13
CA ASP A 61 -30.12 -2.46 7.84
C ASP A 61 -30.22 -1.04 7.34
N VAL A 62 -29.59 -0.78 6.20
CA VAL A 62 -29.49 0.55 5.64
C VAL A 62 -30.01 0.71 4.23
N SER A 63 -30.86 1.69 4.06
CA SER A 63 -31.40 2.03 2.77
C SER A 63 -31.68 3.51 2.64
N ALA A 64 -32.05 3.93 1.45
CA ALA A 64 -32.38 5.31 1.14
C ALA A 64 -33.74 5.52 0.51
N THR A 65 -34.27 6.72 0.66
CA THR A 65 -35.45 7.14 -0.04
C THR A 65 -34.89 8.22 -0.90
N ASP A 66 -35.70 9.05 -1.56
CA ASP A 66 -35.04 10.13 -2.28
C ASP A 66 -34.76 11.38 -1.48
N ASP A 67 -35.13 11.43 -0.21
CA ASP A 67 -34.70 12.51 0.65
C ASP A 67 -34.35 12.09 2.06
N SER A 68 -34.04 10.83 2.27
CA SER A 68 -33.71 10.39 3.59
C SER A 68 -32.89 9.13 3.53
N ILE A 69 -32.39 8.74 4.68
CA ILE A 69 -31.63 7.55 4.86
C ILE A 69 -32.35 6.76 5.93
N VAL A 70 -32.57 5.49 5.68
CA VAL A 70 -33.31 4.69 6.58
C VAL A 70 -32.40 3.68 7.23
N VAL A 71 -32.46 3.55 8.54
CA VAL A 71 -31.64 2.64 9.26
C VAL A 71 -32.45 1.87 10.27
N ASN A 72 -32.42 0.55 10.23
CA ASN A 72 -33.20 -0.25 11.16
C ASN A 72 -34.62 0.24 11.35
N GLY A 73 -35.21 0.69 10.26
CA GLY A 73 -36.55 1.24 10.25
C GLY A 73 -36.84 2.66 10.69
N LYS A 74 -35.84 3.43 11.08
CA LYS A 74 -36.01 4.84 11.41
C LYS A 74 -35.58 5.73 10.26
N ASN A 75 -36.27 6.82 10.05
CA ASN A 75 -36.06 7.72 8.94
C ASN A 75 -35.22 8.90 9.39
N TYR A 76 -34.15 9.19 8.66
CA TYR A 76 -33.29 10.30 8.98
C TYR A 76 -33.29 11.18 7.78
N ARG A 77 -33.93 12.32 7.87
CA ARG A 77 -34.07 13.21 6.75
C ARG A 77 -32.76 13.81 6.32
N VAL A 78 -32.55 13.87 5.02
CA VAL A 78 -31.38 14.49 4.47
C VAL A 78 -31.79 15.74 3.74
N TYR A 79 -31.57 16.86 4.39
CA TYR A 79 -31.80 18.14 3.83
C TYR A 79 -30.66 18.44 2.89
N ALA A 80 -30.89 19.33 1.97
CA ALA A 80 -29.88 19.74 1.01
C ALA A 80 -29.81 21.25 0.79
N GLU A 81 -29.57 21.98 1.86
CA GLU A 81 -29.45 23.42 1.84
C GLU A 81 -28.00 23.90 1.84
N PRO A 82 -27.54 24.46 0.75
CA PRO A 82 -26.17 24.96 0.69
C PRO A 82 -25.89 26.02 1.73
N GLN A 83 -26.92 26.67 2.25
CA GLN A 83 -26.80 27.67 3.31
C GLN A 83 -27.44 27.24 4.60
N ALA A 84 -26.68 27.20 5.67
CA ALA A 84 -27.09 26.58 6.89
C ALA A 84 -28.28 27.19 7.60
N GLN A 85 -28.48 28.48 7.39
CA GLN A 85 -29.55 29.21 8.06
C GLN A 85 -30.88 28.76 7.51
N ASN A 86 -30.83 28.00 6.44
CA ASN A 86 -31.98 27.53 5.74
C ASN A 86 -32.43 26.13 6.11
N ILE A 87 -31.59 25.40 6.80
CA ILE A 87 -31.95 24.06 7.22
C ILE A 87 -33.08 24.15 8.23
N PRO A 88 -34.16 23.41 7.99
CA PRO A 88 -35.36 23.52 8.80
C PRO A 88 -35.49 22.53 9.93
N TRP A 89 -34.38 21.92 10.32
CA TRP A 89 -34.37 20.79 11.21
C TRP A 89 -34.71 21.00 12.67
N VAL A 90 -34.68 22.23 13.14
CA VAL A 90 -35.00 22.46 14.52
C VAL A 90 -36.49 22.30 14.70
N LYS A 91 -37.23 23.00 13.87
CA LYS A 91 -38.68 22.97 13.83
C LYS A 91 -39.18 21.64 13.29
N ASN A 92 -38.67 21.20 12.16
CA ASN A 92 -39.07 19.92 11.60
C ASN A 92 -38.71 18.68 12.43
N ASP A 93 -37.56 18.67 13.06
CA ASP A 93 -37.02 17.45 13.61
C ASP A 93 -36.58 17.48 15.07
N GLY A 94 -36.61 18.63 15.72
CA GLY A 94 -36.21 18.72 17.08
C GLY A 94 -34.74 18.94 17.36
N VAL A 95 -33.94 19.26 16.35
CA VAL A 95 -32.52 19.45 16.52
C VAL A 95 -32.20 20.37 17.67
N ASP A 96 -31.33 19.93 18.56
CA ASP A 96 -30.79 20.77 19.61
C ASP A 96 -29.45 21.32 19.19
N PHE A 97 -28.53 20.43 18.95
CA PHE A 97 -27.17 20.79 18.69
C PHE A 97 -26.78 20.38 17.28
N VAL A 98 -26.00 21.21 16.64
CA VAL A 98 -25.49 20.89 15.35
C VAL A 98 -24.06 20.38 15.42
N LEU A 99 -23.79 19.26 14.78
CA LEU A 99 -22.44 18.90 14.54
C LEU A 99 -22.05 19.45 13.16
N GLU A 100 -21.14 20.40 13.15
CA GLU A 100 -20.77 21.07 11.92
C GLU A 100 -19.43 20.58 11.38
N CYS A 101 -19.44 19.62 10.45
CA CYS A 101 -18.22 19.06 9.86
C CYS A 101 -18.05 19.30 8.36
N THR A 102 -18.63 20.36 7.81
CA THR A 102 -18.46 20.63 6.38
C THR A 102 -17.14 21.22 5.99
N GLY A 103 -16.48 21.84 6.93
CA GLY A 103 -15.31 22.64 6.66
C GLY A 103 -15.59 24.00 6.09
N PHE A 104 -16.85 24.40 5.99
CA PHE A 104 -17.22 25.68 5.41
C PHE A 104 -17.78 26.69 6.42
N TYR A 105 -18.00 26.27 7.65
CA TYR A 105 -18.56 27.14 8.66
C TYR A 105 -17.64 27.29 9.84
N THR A 106 -16.36 27.34 9.54
CA THR A 106 -15.24 27.16 10.44
C THR A 106 -14.83 28.41 11.31
N SER A 107 -15.81 29.10 11.84
CA SER A 107 -15.60 30.26 12.68
C SER A 107 -16.87 30.60 13.41
N LYS A 108 -16.76 31.41 14.43
CA LYS A 108 -17.91 31.85 15.18
C LYS A 108 -18.88 32.61 14.31
N ALA A 109 -18.34 33.50 13.51
CA ALA A 109 -19.12 34.28 12.60
C ALA A 109 -19.84 33.47 11.53
N LYS A 110 -19.21 32.43 11.04
CA LYS A 110 -19.85 31.64 10.02
C LYS A 110 -20.93 30.76 10.63
N SER A 111 -20.67 30.21 11.78
CA SER A 111 -21.54 29.21 12.36
C SER A 111 -22.73 29.86 13.06
N GLN A 112 -22.71 31.18 13.09
CA GLN A 112 -23.84 31.92 13.57
C GLN A 112 -25.07 31.44 12.80
N ALA A 113 -24.91 31.10 11.54
CA ALA A 113 -25.96 30.57 10.71
C ALA A 113 -26.82 29.49 11.37
N HIS A 114 -26.22 28.57 12.08
CA HIS A 114 -26.95 27.55 12.76
C HIS A 114 -27.79 28.08 13.86
N LEU A 115 -27.26 29.02 14.62
CA LEU A 115 -28.00 29.68 15.66
C LEU A 115 -29.19 30.44 15.08
N ASP A 116 -28.96 31.17 14.00
CA ASP A 116 -30.00 31.87 13.30
C ASP A 116 -31.12 30.94 12.84
N ALA A 117 -30.78 29.70 12.54
CA ALA A 117 -31.75 28.68 12.22
C ALA A 117 -32.31 28.02 13.46
N GLY A 118 -31.94 28.50 14.62
CA GLY A 118 -32.55 28.04 15.85
C GLY A 118 -31.89 26.93 16.61
N ALA A 119 -30.64 26.62 16.30
CA ALA A 119 -29.89 25.62 17.03
C ALA A 119 -29.48 26.18 18.36
N LYS A 120 -29.48 25.36 19.38
CA LYS A 120 -29.08 25.79 20.69
C LYS A 120 -27.58 25.99 20.77
N ARG A 121 -26.81 25.02 20.30
CA ARG A 121 -25.35 25.07 20.25
C ARG A 121 -24.75 24.40 19.00
N VAL A 122 -23.56 24.80 18.65
CA VAL A 122 -22.86 24.23 17.53
C VAL A 122 -21.48 23.77 17.96
N LEU A 123 -21.11 22.58 17.54
CA LEU A 123 -19.78 22.08 17.71
C LEU A 123 -19.08 21.98 16.36
N ILE A 124 -18.00 22.72 16.19
CA ILE A 124 -17.30 22.80 14.94
C ILE A 124 -16.16 21.80 14.92
N SER A 125 -16.14 20.95 13.92
CA SER A 125 -15.21 19.84 13.88
C SER A 125 -13.80 20.22 13.44
N ALA A 126 -13.37 21.41 13.75
CA ALA A 126 -12.12 21.92 13.25
C ALA A 126 -11.67 23.12 14.04
N PRO A 127 -10.45 23.54 13.86
CA PRO A 127 -10.00 24.78 14.46
C PRO A 127 -10.84 25.91 13.93
N ALA A 128 -11.25 26.79 14.79
CA ALA A 128 -12.11 27.84 14.36
C ALA A 128 -11.85 29.20 14.99
N GLY A 129 -10.59 29.52 15.17
CA GLY A 129 -10.23 30.83 15.66
C GLY A 129 -10.15 30.94 17.15
N SER A 130 -10.00 32.18 17.62
CA SER A 130 -9.70 32.47 18.99
C SER A 130 -10.79 33.20 19.76
N ASP A 131 -11.87 33.56 19.10
CA ASP A 131 -12.97 34.25 19.76
C ASP A 131 -14.04 33.36 20.30
N LEU A 132 -13.81 32.06 20.26
CA LEU A 132 -14.65 31.09 20.92
C LEU A 132 -13.76 30.12 21.62
N LYS A 133 -14.34 29.21 22.33
CA LYS A 133 -13.57 28.24 23.04
C LYS A 133 -13.26 27.04 22.18
N THR A 134 -12.04 26.55 22.33
CA THR A 134 -11.61 25.34 21.72
C THR A 134 -11.49 24.32 22.82
N ILE A 135 -12.27 23.26 22.72
CA ILE A 135 -12.41 22.25 23.74
C ILE A 135 -11.87 20.90 23.30
N VAL A 136 -10.97 20.35 24.09
CA VAL A 136 -10.57 18.97 24.04
C VAL A 136 -11.19 18.24 25.22
N TYR A 137 -12.08 17.32 24.95
CA TYR A 137 -12.78 16.70 26.03
C TYR A 137 -11.84 15.99 26.97
N ASN A 138 -12.07 16.19 28.25
CA ASN A 138 -11.25 15.64 29.31
C ASN A 138 -9.90 16.28 29.52
N VAL A 139 -9.71 17.42 28.89
CA VAL A 139 -8.63 18.34 29.20
C VAL A 139 -9.18 19.68 29.67
N ASN A 140 -10.02 20.33 28.88
CA ASN A 140 -10.60 21.58 29.28
C ASN A 140 -12.09 21.74 29.11
N ASP A 141 -12.84 20.67 28.98
CA ASP A 141 -14.29 20.81 28.90
C ASP A 141 -14.94 21.48 30.09
N ASP A 142 -14.31 21.44 31.24
CA ASP A 142 -14.75 22.16 32.43
C ASP A 142 -14.91 23.65 32.27
N ILE A 143 -14.38 24.24 31.20
CA ILE A 143 -14.50 25.67 30.97
C ILE A 143 -15.77 26.08 30.29
N LEU A 144 -16.56 25.13 29.82
CA LEU A 144 -17.77 25.43 29.13
C LEU A 144 -18.83 25.98 30.09
N THR A 145 -19.50 27.06 29.71
CA THR A 145 -20.63 27.60 30.45
C THR A 145 -21.85 27.63 29.57
N ALA A 146 -22.94 28.16 30.08
CA ALA A 146 -24.15 28.15 29.29
C ALA A 146 -24.16 29.18 28.18
N ASP A 147 -23.22 30.09 28.18
CA ASP A 147 -23.23 31.11 27.19
C ASP A 147 -22.49 30.67 25.95
N ASP A 148 -21.95 29.47 25.97
CA ASP A 148 -21.16 28.98 24.84
C ASP A 148 -22.02 28.24 23.86
N ARG A 149 -22.37 28.92 22.81
CA ARG A 149 -23.26 28.36 21.83
C ARG A 149 -22.55 27.87 20.57
N ILE A 150 -21.35 28.32 20.34
CA ILE A 150 -20.56 27.82 19.25
C ILE A 150 -19.20 27.48 19.76
N VAL A 151 -18.82 26.24 19.63
CA VAL A 151 -17.62 25.72 20.20
C VAL A 151 -16.79 24.99 19.15
N SER A 152 -15.49 25.00 19.34
CA SER A 152 -14.60 24.28 18.46
C SER A 152 -13.98 23.08 19.12
N ALA A 153 -13.87 22.01 18.37
CA ALA A 153 -13.27 20.79 18.84
C ALA A 153 -11.79 20.72 18.58
N GLY A 154 -11.25 21.75 17.96
CA GLY A 154 -9.92 21.70 17.45
C GLY A 154 -9.87 20.69 16.33
N SER A 155 -8.70 20.13 16.09
CA SER A 155 -8.49 19.16 15.05
C SER A 155 -8.23 17.78 15.63
N CYS A 156 -8.15 16.78 14.76
CA CYS A 156 -7.80 15.43 15.16
C CYS A 156 -6.48 15.44 15.93
N THR A 157 -5.45 16.09 15.42
CA THR A 157 -4.16 16.23 16.06
C THR A 157 -4.14 16.90 17.45
N THR A 158 -4.92 17.96 17.59
CA THR A 158 -5.12 18.63 18.84
C THR A 158 -5.63 17.69 19.90
N ASN A 159 -6.63 16.92 19.54
CA ASN A 159 -7.19 15.90 20.38
C ASN A 159 -6.22 14.77 20.80
N CYS A 160 -5.15 14.56 20.05
CA CYS A 160 -4.09 13.66 20.46
C CYS A 160 -3.05 14.35 21.34
N LEU A 161 -2.48 15.42 20.86
CA LEU A 161 -1.41 16.12 21.52
C LEU A 161 -1.78 16.75 22.87
N ALA A 162 -2.94 17.37 22.94
CA ALA A 162 -3.39 18.06 24.13
C ALA A 162 -3.24 17.34 25.46
N PRO A 163 -3.80 16.16 25.62
CA PRO A 163 -3.66 15.44 26.88
C PRO A 163 -2.25 15.01 27.20
N LEU A 164 -1.50 14.54 26.23
CA LEU A 164 -0.12 14.21 26.43
C LEU A 164 0.62 15.41 26.98
N ALA A 165 0.60 16.48 26.24
CA ALA A 165 1.26 17.69 26.62
C ALA A 165 0.73 18.23 27.92
N PHE A 166 -0.57 18.15 28.13
CA PHE A 166 -1.19 18.69 29.32
C PHE A 166 -0.70 17.98 30.54
N PHE A 167 -0.73 16.67 30.52
CA PHE A 167 -0.33 15.94 31.69
C PHE A 167 1.17 15.95 31.89
N GLU A 168 1.93 15.99 30.82
CA GLU A 168 3.37 16.08 30.93
C GLU A 168 3.83 17.42 31.47
N ASN A 169 3.21 18.48 31.05
CA ASN A 169 3.45 19.77 31.61
C ASN A 169 3.03 19.80 33.07
N LYS A 170 1.88 19.23 33.39
CA LYS A 170 1.40 19.29 34.76
C LYS A 170 2.40 18.66 35.71
N GLU A 171 2.92 17.53 35.31
CA GLU A 171 3.84 16.77 36.11
C GLU A 171 5.30 17.23 36.15
N PHE A 172 5.76 17.82 35.08
CA PHE A 172 7.18 18.06 34.89
C PHE A 172 7.47 19.45 34.41
N GLY A 173 6.49 20.08 33.80
CA GLY A 173 6.65 21.41 33.28
C GLY A 173 7.34 21.42 31.93
N ILE A 174 6.64 21.81 30.89
CA ILE A 174 7.22 21.88 29.60
C ILE A 174 7.76 23.26 29.34
N LYS A 175 9.05 23.33 29.14
CA LYS A 175 9.69 24.57 28.85
C LYS A 175 9.47 24.89 27.39
N VAL A 176 9.68 23.89 26.56
CA VAL A 176 9.60 24.05 25.14
C VAL A 176 9.47 22.66 24.52
N GLY A 177 8.74 22.53 23.43
CA GLY A 177 8.61 21.28 22.71
C GLY A 177 8.34 21.37 21.22
N THR A 178 8.66 20.32 20.51
CA THR A 178 8.29 20.18 19.15
C THR A 178 7.70 18.80 18.94
N MET A 179 6.77 18.66 18.04
CA MET A 179 6.14 17.39 17.77
C MET A 179 6.26 17.06 16.30
N THR A 180 6.31 15.79 15.99
CA THR A 180 6.13 15.31 14.66
C THR A 180 5.04 14.27 14.70
N THR A 181 3.96 14.48 13.96
CA THR A 181 2.95 13.46 13.80
C THR A 181 3.14 12.66 12.52
N ILE A 182 3.22 11.36 12.66
CA ILE A 182 3.29 10.44 11.56
C ILE A 182 1.88 9.92 11.28
N HIS A 183 1.30 10.45 10.23
CA HIS A 183 -0.12 10.53 10.03
C HIS A 183 -0.60 9.81 8.80
N ALA A 184 -1.69 9.09 8.94
CA ALA A 184 -2.33 8.50 7.79
C ALA A 184 -2.71 9.52 6.75
N TYR A 185 -2.66 9.12 5.49
CA TYR A 185 -3.00 10.02 4.43
C TYR A 185 -4.47 10.44 4.55
N THR A 186 -4.81 11.61 4.08
CA THR A 186 -6.16 12.12 4.24
C THR A 186 -6.86 12.46 2.94
N SER A 187 -8.11 12.84 3.06
CA SER A 187 -8.95 13.35 2.01
C SER A 187 -8.38 14.48 1.17
N THR A 188 -7.59 15.34 1.74
CA THR A 188 -7.06 16.43 1.01
C THR A 188 -5.96 15.99 0.05
N GLN A 189 -5.36 14.85 0.30
CA GLN A 189 -4.27 14.39 -0.55
C GLN A 189 -4.71 13.71 -1.82
N MET A 190 -3.77 13.52 -2.73
CA MET A 190 -3.98 12.94 -4.04
C MET A 190 -3.53 11.49 -4.17
N LEU A 191 -4.19 10.76 -5.03
CA LEU A 191 -3.80 9.41 -5.34
C LEU A 191 -2.57 9.40 -6.24
N LEU A 192 -2.55 10.27 -7.23
CA LEU A 192 -1.42 10.40 -8.14
C LEU A 192 -0.91 11.84 -8.19
N ASP A 193 0.31 12.06 -8.63
CA ASP A 193 0.85 13.40 -8.73
C ASP A 193 0.05 14.28 -9.66
N GLY A 194 -0.32 15.43 -9.19
CA GLY A 194 -0.90 16.44 -10.03
C GLY A 194 -1.28 17.68 -9.28
N PRO A 195 -1.78 18.66 -10.00
CA PRO A 195 -2.20 19.91 -9.39
C PRO A 195 -3.19 19.74 -8.28
N VAL A 196 -3.15 20.64 -7.32
CA VAL A 196 -4.01 20.54 -6.18
C VAL A 196 -4.45 21.91 -5.66
N ARG A 197 -5.61 21.98 -5.04
CA ARG A 197 -6.13 23.16 -4.38
C ARG A 197 -5.08 23.83 -3.57
N GLY A 198 -4.74 25.05 -3.87
CA GLY A 198 -3.75 25.71 -3.05
C GLY A 198 -2.37 25.72 -3.66
N GLY A 199 -2.07 24.79 -4.55
CA GLY A 199 -0.82 24.84 -5.28
C GLY A 199 0.42 24.26 -4.66
N ASN A 200 0.33 23.79 -3.43
CA ASN A 200 1.45 23.28 -2.68
C ASN A 200 2.15 22.09 -3.35
N PHE A 201 3.47 22.13 -3.46
CA PHE A 201 4.22 21.09 -4.18
C PHE A 201 4.13 19.73 -3.53
N ARG A 202 3.82 19.71 -2.26
CA ARG A 202 3.79 18.48 -1.50
C ARG A 202 2.43 17.83 -1.52
N ALA A 203 1.41 18.64 -1.31
CA ALA A 203 0.02 18.30 -1.45
C ALA A 203 -0.31 17.66 -2.79
N ALA A 204 0.46 18.04 -3.79
CA ALA A 204 0.34 17.57 -5.13
C ALA A 204 0.89 16.18 -5.39
N ARG A 205 1.43 15.49 -4.41
CA ARG A 205 2.14 14.24 -4.63
C ARG A 205 1.37 12.97 -4.21
N ALA A 206 1.67 11.86 -4.86
CA ALA A 206 0.97 10.60 -4.64
C ALA A 206 1.09 10.10 -3.22
N ALA A 207 -0.01 9.92 -2.54
CA ALA A 207 -0.01 9.66 -1.11
C ALA A 207 0.30 8.26 -0.63
N GLY A 208 -0.05 7.26 -1.42
CA GLY A 208 0.14 5.89 -1.05
C GLY A 208 1.54 5.35 -1.26
N VAL A 209 2.36 6.09 -1.97
CA VAL A 209 3.67 5.65 -2.28
C VAL A 209 4.76 6.67 -1.91
N ASN A 210 4.42 7.56 -0.98
CA ASN A 210 5.30 8.57 -0.45
C ASN A 210 5.11 8.84 1.03
N THR A 211 6.19 9.25 1.65
CA THR A 211 6.19 9.93 2.93
C THR A 211 6.29 11.40 2.57
N ILE A 212 5.27 12.15 2.93
CA ILE A 212 5.11 13.54 2.55
C ILE A 212 5.03 14.50 3.73
N PRO A 213 5.95 15.42 3.78
CA PRO A 213 5.89 16.41 4.84
C PRO A 213 4.73 17.39 4.65
N HIS A 214 4.16 17.77 5.76
CA HIS A 214 2.96 18.52 5.80
C HIS A 214 2.87 19.44 7.00
N SER A 215 2.42 20.65 6.80
CA SER A 215 2.26 21.64 7.84
C SER A 215 1.08 21.39 8.76
N THR A 216 1.20 21.74 10.02
CA THR A 216 0.12 21.64 10.95
C THR A 216 0.23 22.79 11.87
N GLY A 217 -0.88 23.23 12.39
CA GLY A 217 -0.89 24.26 13.40
C GLY A 217 -1.35 23.82 14.76
N ALA A 218 -1.40 22.54 15.01
CA ALA A 218 -1.90 22.02 16.27
C ALA A 218 -1.06 22.40 17.48
N ALA A 219 0.24 22.33 17.33
CA ALA A 219 1.15 22.68 18.36
C ALA A 219 1.16 24.16 18.63
N LYS A 220 1.26 24.96 17.58
CA LYS A 220 1.31 26.40 17.69
C LYS A 220 0.10 27.01 18.39
N ALA A 221 -1.06 26.40 18.17
CA ALA A 221 -2.35 26.82 18.64
C ALA A 221 -2.79 26.20 19.96
N LEU A 222 -1.98 25.34 20.51
CA LEU A 222 -2.33 24.61 21.70
C LEU A 222 -2.66 25.48 22.91
N GLY A 223 -2.25 26.73 22.87
CA GLY A 223 -2.52 27.72 23.88
C GLY A 223 -3.98 27.97 24.07
N LEU A 224 -4.76 27.83 23.02
CA LEU A 224 -6.20 27.89 23.13
C LEU A 224 -6.75 26.86 24.09
N VAL A 225 -6.09 25.73 24.22
CA VAL A 225 -6.60 24.66 25.03
C VAL A 225 -5.88 24.63 26.36
N ILE A 226 -4.60 24.92 26.35
CA ILE A 226 -3.79 24.94 27.53
C ILE A 226 -3.04 26.26 27.58
N PRO A 227 -3.60 27.30 28.17
CA PRO A 227 -2.98 28.61 28.09
C PRO A 227 -1.53 28.66 28.46
N GLU A 228 -1.09 27.94 29.47
CA GLU A 228 0.31 27.99 29.85
C GLU A 228 1.33 27.51 28.80
N LEU A 229 0.89 26.86 27.74
CA LEU A 229 1.78 26.33 26.72
C LEU A 229 1.81 27.18 25.50
N ASN A 230 1.08 28.27 25.54
CA ASN A 230 1.09 29.23 24.48
C ASN A 230 2.51 29.65 24.11
N GLY A 231 2.84 29.51 22.85
CA GLY A 231 4.13 29.90 22.35
C GLY A 231 5.24 28.98 22.76
N LYS A 232 4.89 27.81 23.28
CA LYS A 232 5.88 26.88 23.73
C LYS A 232 6.08 25.68 22.81
N LEU A 233 5.21 25.48 21.86
CA LEU A 233 5.34 24.32 21.06
C LEU A 233 5.23 24.65 19.59
N GLN A 234 5.97 23.93 18.78
CA GLN A 234 5.82 23.95 17.35
C GLN A 234 5.74 22.49 16.87
N GLY A 235 5.47 22.30 15.60
CA GLY A 235 5.46 20.97 15.05
C GLY A 235 5.13 20.86 13.59
N HIS A 236 5.13 19.64 13.07
CA HIS A 236 4.73 19.34 11.74
C HIS A 236 4.29 17.92 11.61
N ALA A 237 4.01 17.50 10.40
CA ALA A 237 3.50 16.19 10.06
C ALA A 237 4.21 15.53 8.92
N GLN A 238 4.29 14.22 8.99
CA GLN A 238 4.62 13.37 7.89
C GLN A 238 3.44 12.47 7.56
N ARG A 239 2.86 12.65 6.40
CA ARG A 239 1.78 11.82 5.94
C ARG A 239 2.33 10.59 5.30
N VAL A 240 1.96 9.45 5.81
CA VAL A 240 2.44 8.20 5.35
C VAL A 240 1.37 7.33 4.75
N GLY A 241 1.77 6.25 4.13
CA GLY A 241 0.88 5.49 3.28
C GLY A 241 -0.08 4.52 3.90
N VAL A 242 -0.74 4.87 4.99
CA VAL A 242 -1.79 4.06 5.51
C VAL A 242 -3.10 4.83 5.45
N VAL A 243 -4.22 4.13 5.42
CA VAL A 243 -5.53 4.74 5.28
C VAL A 243 -6.02 5.41 6.51
N ASP A 244 -5.56 4.99 7.67
CA ASP A 244 -6.00 5.50 8.96
C ASP A 244 -5.07 5.01 10.05
N GLY A 245 -5.02 5.74 11.13
CA GLY A 245 -4.18 5.40 12.25
C GLY A 245 -2.88 6.15 12.26
N SER A 246 -2.63 6.89 13.33
CA SER A 246 -1.58 7.86 13.41
C SER A 246 -0.91 7.90 14.78
N LEU A 247 0.24 8.54 14.84
CA LEU A 247 0.96 8.71 16.06
C LEU A 247 1.62 10.07 16.11
N THR A 248 1.76 10.63 17.29
CA THR A 248 2.49 11.85 17.50
C THR A 248 3.68 11.62 18.41
N GLU A 249 4.85 12.08 17.99
CA GLU A 249 6.00 12.12 18.85
C GLU A 249 6.17 13.53 19.43
N LEU A 250 6.29 13.63 20.73
CA LEU A 250 6.61 14.87 21.42
C LEU A 250 8.04 14.90 21.96
N VAL A 251 8.81 15.87 21.54
CA VAL A 251 10.14 16.08 22.06
C VAL A 251 10.21 17.37 22.86
N ALA A 252 10.50 17.26 24.14
CA ALA A 252 10.47 18.41 25.04
C ALA A 252 11.65 18.56 25.95
N ILE A 253 11.92 19.80 26.34
CA ILE A 253 12.79 20.14 27.44
C ILE A 253 11.88 20.38 28.66
N LEU A 254 12.09 19.62 29.72
CA LEU A 254 11.26 19.71 30.91
C LEU A 254 11.93 20.47 32.04
N ASP A 255 11.20 20.79 33.08
CA ASP A 255 11.74 21.50 34.22
C ASP A 255 12.44 20.55 35.13
N LYS A 256 12.03 19.30 35.14
CA LYS A 256 12.58 18.32 36.04
C LYS A 256 13.51 17.37 35.32
N LYS A 257 14.51 16.92 36.04
CA LYS A 257 15.32 15.85 35.58
C LYS A 257 14.53 14.61 35.88
N VAL A 258 14.43 13.73 34.91
CA VAL A 258 13.54 12.59 35.00
C VAL A 258 14.20 11.36 34.45
N THR A 259 13.61 10.22 34.65
CA THR A 259 13.96 9.01 33.96
C THR A 259 12.77 8.57 33.13
N ALA A 260 12.97 7.65 32.21
CA ALA A 260 11.89 7.10 31.42
C ALA A 260 10.82 6.43 32.25
N ASP A 261 11.21 5.59 33.19
CA ASP A 261 10.21 4.95 34.08
C ASP A 261 9.33 5.96 34.84
N GLU A 262 9.93 7.08 35.19
CA GLU A 262 9.29 8.15 35.89
C GLU A 262 8.31 8.93 35.05
N VAL A 263 8.68 9.26 33.84
CA VAL A 263 7.80 9.87 32.89
C VAL A 263 6.65 8.92 32.59
N ASN A 264 6.96 7.65 32.41
CA ASN A 264 5.95 6.69 32.16
C ASN A 264 4.96 6.57 33.30
N ALA A 265 5.42 6.46 34.55
CA ALA A 265 4.53 6.32 35.75
C ALA A 265 3.66 7.54 35.87
N ALA A 266 4.25 8.69 35.65
CA ALA A 266 3.51 9.91 35.83
C ALA A 266 2.44 10.09 34.81
N ILE A 267 2.72 9.82 33.56
CA ILE A 267 1.67 9.91 32.57
C ILE A 267 0.63 8.82 32.71
N LYS A 268 1.07 7.63 33.00
CA LYS A 268 0.15 6.52 33.16
C LYS A 268 -1.00 6.80 34.14
N LYS A 269 -0.72 7.44 35.25
CA LYS A 269 -1.77 7.67 36.20
C LYS A 269 -2.91 8.48 35.62
N HIS A 270 -2.62 9.31 34.63
CA HIS A 270 -3.63 10.13 34.04
C HIS A 270 -4.44 9.50 32.96
N THR A 271 -4.07 8.29 32.55
CA THR A 271 -4.79 7.52 31.57
C THR A 271 -5.80 6.58 32.18
N GLU A 272 -5.58 6.25 33.43
CA GLU A 272 -6.37 5.27 34.16
C GLU A 272 -7.82 5.67 34.25
N GLY A 273 -8.70 4.89 33.66
CA GLY A 273 -10.09 5.25 33.67
C GLY A 273 -10.36 6.52 32.89
N ASN A 274 -9.45 6.90 32.01
CA ASN A 274 -9.61 8.07 31.17
C ASN A 274 -10.14 7.61 29.83
N GLU A 275 -11.35 7.99 29.51
CA GLU A 275 -11.95 7.54 28.31
C GLU A 275 -11.44 8.31 27.07
N SER A 276 -10.77 9.41 27.30
CA SER A 276 -10.25 10.23 26.25
C SER A 276 -8.77 10.01 25.98
N PHE A 277 -8.01 9.66 27.02
CA PHE A 277 -6.57 9.50 26.96
C PHE A 277 -6.23 8.12 27.46
N GLY A 278 -5.89 7.24 26.55
CA GLY A 278 -5.72 5.87 26.89
C GLY A 278 -4.30 5.42 27.08
N TYR A 279 -4.11 4.14 27.24
CA TYR A 279 -2.84 3.56 27.54
C TYR A 279 -2.71 2.20 26.93
N ASN A 280 -1.62 1.96 26.24
CA ASN A 280 -1.30 0.66 25.75
C ASN A 280 0.17 0.37 25.78
N ASP A 281 0.54 -0.68 26.47
CA ASP A 281 1.91 -1.11 26.50
C ASP A 281 2.09 -2.50 25.97
N ASP A 282 1.31 -2.89 24.99
CA ASP A 282 1.46 -4.19 24.41
C ASP A 282 2.29 -4.17 23.15
N GLU A 283 3.01 -3.10 22.90
CA GLU A 283 3.80 -2.93 21.68
C GLU A 283 2.98 -3.00 20.40
N ILE A 284 1.94 -2.16 20.32
CA ILE A 284 1.04 -2.13 19.20
C ILE A 284 1.60 -1.37 17.99
N VAL A 285 0.89 -1.48 16.90
CA VAL A 285 1.20 -0.74 15.70
C VAL A 285 -0.06 -0.01 15.27
N SER A 286 0.01 0.79 14.23
CA SER A 286 -1.05 1.70 13.88
C SER A 286 -2.41 1.10 13.58
N SER A 287 -2.49 -0.07 12.98
CA SER A 287 -3.77 -0.66 12.76
C SER A 287 -4.48 -1.09 14.03
N ASP A 288 -3.76 -1.40 15.08
CA ASP A 288 -4.35 -1.75 16.36
C ASP A 288 -5.22 -0.64 16.98
N VAL A 289 -4.99 0.60 16.57
CA VAL A 289 -5.75 1.74 17.03
C VAL A 289 -6.95 2.10 16.17
N ILE A 290 -7.06 1.52 14.99
CA ILE A 290 -8.21 1.79 14.16
C ILE A 290 -9.47 1.27 14.82
N GLY A 291 -10.40 2.16 15.11
CA GLY A 291 -11.61 1.80 15.75
C GLY A 291 -11.67 2.01 17.23
N THR A 292 -10.60 2.47 17.83
CA THR A 292 -10.60 2.74 19.24
C THR A 292 -11.21 4.10 19.55
N THR A 293 -11.73 4.23 20.73
CA THR A 293 -12.57 5.34 21.11
C THR A 293 -11.86 6.48 21.82
N PHE A 294 -10.57 6.36 22.02
CA PHE A 294 -9.74 7.34 22.66
C PHE A 294 -9.34 8.47 21.70
N GLY A 295 -9.12 9.65 22.24
CA GLY A 295 -8.60 10.75 21.50
C GLY A 295 -7.11 10.62 21.35
N SER A 296 -6.49 9.86 22.23
CA SER A 296 -5.05 9.73 22.30
C SER A 296 -4.72 8.51 23.12
N ILE A 297 -3.74 7.73 22.71
CA ILE A 297 -3.35 6.56 23.48
C ILE A 297 -1.86 6.59 23.77
N PHE A 298 -1.50 6.77 25.03
CA PHE A 298 -0.12 6.86 25.47
C PHE A 298 0.62 5.54 25.33
N ASP A 299 1.77 5.57 24.70
CA ASP A 299 2.59 4.39 24.49
C ASP A 299 3.92 4.46 25.23
N PRO A 300 3.98 3.87 26.41
CA PRO A 300 5.18 3.89 27.23
C PRO A 300 6.41 3.21 26.63
N THR A 301 6.20 2.29 25.72
CA THR A 301 7.28 1.56 25.13
C THR A 301 8.19 2.43 24.27
N GLN A 302 7.77 3.62 23.92
CA GLN A 302 8.51 4.48 23.01
C GLN A 302 9.15 5.66 23.71
N THR A 303 8.93 5.75 25.00
CA THR A 303 9.48 6.82 25.79
C THR A 303 11.00 6.79 25.77
N GLU A 304 11.60 7.96 25.73
CA GLU A 304 13.03 8.05 25.69
C GLU A 304 13.56 9.31 26.33
N VAL A 305 14.46 9.17 27.26
CA VAL A 305 15.09 10.30 27.88
C VAL A 305 16.56 10.32 27.55
N THR A 306 17.01 11.42 27.00
CA THR A 306 18.37 11.59 26.60
C THR A 306 19.05 12.65 27.41
N SER A 307 20.19 12.28 27.99
CA SER A 307 20.82 12.98 29.09
C SER A 307 22.33 13.11 28.98
N ASP A 308 22.85 14.32 28.99
CA ASP A 308 24.31 14.54 28.93
C ASP A 308 24.58 15.64 29.87
N GLY A 309 24.86 15.28 31.11
CA GLY A 309 24.99 16.23 32.17
C GLY A 309 23.70 16.92 32.55
N ASP A 310 23.63 18.21 32.28
CA ASP A 310 22.52 19.06 32.64
C ASP A 310 21.45 19.20 31.58
N ASN A 311 21.74 18.74 30.38
CA ASN A 311 20.86 18.96 29.28
C ASN A 311 20.07 17.73 29.04
N GLN A 312 18.77 17.88 28.90
CA GLN A 312 17.91 16.74 28.79
C GLN A 312 16.82 16.91 27.77
N LEU A 313 16.54 15.83 27.08
CA LEU A 313 15.49 15.76 26.11
C LEU A 313 14.57 14.61 26.46
N VAL A 314 13.29 14.85 26.43
CA VAL A 314 12.33 13.81 26.70
C VAL A 314 11.39 13.57 25.57
N LYS A 315 11.28 12.32 25.20
CA LYS A 315 10.42 11.99 24.11
C LYS A 315 9.35 11.03 24.50
N THR A 316 8.13 11.43 24.24
CA THR A 316 6.98 10.62 24.47
C THR A 316 6.12 10.54 23.23
N VAL A 317 5.30 9.51 23.19
CA VAL A 317 4.55 9.15 22.02
C VAL A 317 3.14 8.73 22.36
N ALA A 318 2.20 9.14 21.54
CA ALA A 318 0.81 8.77 21.62
C ALA A 318 0.19 8.39 20.30
N TRP A 319 -0.56 7.29 20.29
CA TRP A 319 -1.31 6.82 19.15
C TRP A 319 -2.73 7.35 19.15
N TYR A 320 -3.31 7.47 17.97
CA TYR A 320 -4.70 7.83 17.76
C TYR A 320 -5.32 7.42 16.44
N ASP A 321 -6.58 7.05 16.47
CA ASP A 321 -7.40 6.99 15.29
C ASP A 321 -7.81 8.40 14.91
N ASN A 322 -7.15 8.95 13.92
CA ASN A 322 -7.44 10.28 13.54
C ASN A 322 -8.88 10.49 13.08
N GLU A 323 -9.54 9.43 12.70
CA GLU A 323 -10.93 9.49 12.37
C GLU A 323 -11.82 9.15 13.58
N TYR A 324 -11.81 7.91 14.00
CA TYR A 324 -12.66 7.43 15.06
C TYR A 324 -12.47 8.09 16.42
N GLY A 325 -11.24 8.28 16.84
CA GLY A 325 -10.89 8.94 18.06
C GLY A 325 -11.36 10.36 18.17
N PHE A 326 -10.96 11.16 17.21
CA PHE A 326 -11.44 12.49 17.04
C PHE A 326 -12.95 12.57 17.13
N THR A 327 -13.62 11.67 16.46
CA THR A 327 -15.07 11.70 16.42
C THR A 327 -15.73 11.37 17.76
N CYS A 328 -15.22 10.40 18.48
CA CYS A 328 -15.74 10.01 19.78
C CYS A 328 -15.51 11.13 20.80
N GLN A 329 -14.43 11.86 20.66
CA GLN A 329 -14.20 13.06 21.43
C GLN A 329 -15.34 14.06 21.21
N MET A 330 -15.73 14.30 19.98
CA MET A 330 -16.77 15.26 19.66
C MET A 330 -18.11 14.83 20.19
N VAL A 331 -18.43 13.57 20.04
CA VAL A 331 -19.65 13.05 20.61
C VAL A 331 -19.69 13.26 22.14
N ARG A 332 -18.59 13.09 22.83
CA ARG A 332 -18.53 13.35 24.23
C ARG A 332 -18.85 14.80 24.56
N THR A 333 -18.35 15.72 23.75
CA THR A 333 -18.60 17.13 23.94
C THR A 333 -20.05 17.50 23.72
N LEU A 334 -20.71 16.85 22.78
CA LEU A 334 -22.13 16.99 22.50
C LEU A 334 -22.96 16.57 23.68
N LEU A 335 -22.66 15.43 24.25
CA LEU A 335 -23.35 14.96 25.41
C LEU A 335 -23.21 16.00 26.51
N LYS A 336 -22.03 16.54 26.67
CA LYS A 336 -21.76 17.56 27.64
C LYS A 336 -22.49 18.87 27.44
N PHE A 337 -22.83 19.17 26.21
CA PHE A 337 -23.63 20.33 25.90
C PHE A 337 -24.96 20.26 26.65
N ALA A 338 -25.48 19.06 26.82
CA ALA A 338 -26.76 18.86 27.49
C ALA A 338 -26.75 19.19 28.96
N THR A 339 -25.58 19.35 29.54
CA THR A 339 -25.47 19.57 30.96
C THR A 339 -25.32 21.01 31.24
N LEU A 340 -25.16 21.77 30.20
CA LEU A 340 -25.03 23.18 30.35
C LEU A 340 -26.40 23.82 30.36
N VAL B 3 41.44 -3.49 -9.22
CA VAL B 3 40.61 -3.40 -7.96
C VAL B 3 39.37 -4.36 -7.99
N LYS B 4 39.50 -5.53 -7.39
CA LYS B 4 38.54 -6.58 -7.60
C LYS B 4 37.73 -6.91 -6.39
N ILE B 5 36.43 -6.96 -6.54
CA ILE B 5 35.57 -7.25 -5.42
C ILE B 5 34.91 -8.60 -5.45
N GLY B 6 34.91 -9.22 -4.30
CA GLY B 6 34.12 -10.39 -4.11
C GLY B 6 32.95 -10.01 -3.25
N ILE B 7 31.78 -10.48 -3.59
CA ILE B 7 30.60 -10.14 -2.85
C ILE B 7 30.04 -11.32 -2.10
N ASN B 8 30.05 -11.27 -0.79
CA ASN B 8 29.49 -12.34 -0.04
C ASN B 8 28.08 -12.02 0.36
N GLY B 9 27.13 -12.68 -0.29
CA GLY B 9 25.73 -12.44 -0.08
C GLY B 9 25.18 -11.56 -1.16
N PHE B 10 24.44 -12.16 -2.08
CA PHE B 10 23.84 -11.41 -3.17
C PHE B 10 22.41 -11.06 -2.88
N GLY B 11 22.17 -10.50 -1.71
CA GLY B 11 20.91 -9.89 -1.38
C GLY B 11 20.71 -8.56 -2.07
N ARG B 12 19.79 -7.75 -1.59
CA ARG B 12 19.48 -6.49 -2.23
C ARG B 12 20.64 -5.50 -2.29
N ILE B 13 21.33 -5.36 -1.17
CA ILE B 13 22.50 -4.53 -1.12
C ILE B 13 23.62 -5.09 -2.00
N GLY B 14 23.88 -6.38 -1.91
CA GLY B 14 24.84 -7.05 -2.78
C GLY B 14 24.64 -6.80 -4.27
N ARG B 15 23.41 -6.96 -4.74
CA ARG B 15 23.03 -6.74 -6.11
C ARG B 15 23.11 -5.30 -6.54
N LEU B 16 22.75 -4.39 -5.66
CA LEU B 16 22.89 -3.00 -5.92
C LEU B 16 24.36 -2.63 -6.01
N ALA B 17 25.19 -3.25 -5.20
CA ALA B 17 26.59 -2.97 -5.30
C ALA B 17 27.09 -3.40 -6.65
N PHE B 18 26.61 -4.54 -7.14
CA PHE B 18 26.95 -5.03 -8.47
C PHE B 18 26.59 -4.01 -9.53
N ARG B 19 25.37 -3.53 -9.47
CA ARG B 19 24.88 -2.55 -10.41
C ARG B 19 25.73 -1.34 -10.39
N ARG B 20 26.06 -0.86 -9.21
CA ARG B 20 26.78 0.36 -9.05
C ARG B 20 28.18 0.24 -9.57
N ILE B 21 28.86 -0.83 -9.24
CA ILE B 21 30.21 -1.03 -9.68
C ILE B 21 30.23 -1.19 -11.19
N LEU B 22 29.20 -1.79 -11.75
CA LEU B 22 29.05 -1.95 -13.18
C LEU B 22 28.92 -0.63 -13.91
N GLU B 23 28.08 0.25 -13.41
CA GLU B 23 27.95 1.56 -13.96
C GLU B 23 29.26 2.33 -13.89
N LEU B 24 29.96 2.23 -12.79
CA LEU B 24 31.16 2.98 -12.59
C LEU B 24 32.22 2.51 -13.54
N GLY B 25 32.31 1.20 -13.68
CA GLY B 25 33.22 0.56 -14.57
C GLY B 25 33.00 0.88 -16.01
N GLU B 26 31.92 1.52 -16.33
CA GLU B 26 31.64 1.81 -17.70
C GLU B 26 32.27 3.09 -18.09
N LYS B 27 32.85 3.78 -17.13
CA LYS B 27 33.33 5.13 -17.37
C LYS B 27 34.65 5.38 -16.76
N SER B 28 35.38 4.33 -16.40
CA SER B 28 36.68 4.48 -15.78
C SER B 28 37.38 3.18 -15.63
N ILE B 31 36.22 -0.49 -10.81
CA ILE B 31 36.86 -1.28 -9.76
C ILE B 31 35.87 -2.17 -10.53
N GLU B 32 35.84 -3.45 -10.17
CA GLU B 32 34.95 -4.43 -10.75
C GLU B 32 34.68 -5.55 -9.79
N VAL B 33 33.56 -6.20 -9.95
CA VAL B 33 33.26 -7.39 -9.22
C VAL B 33 33.70 -8.56 -10.07
N VAL B 34 34.19 -9.60 -9.41
CA VAL B 34 34.69 -10.80 -10.08
C VAL B 34 34.09 -12.07 -9.57
N ALA B 35 33.42 -12.03 -8.45
CA ALA B 35 32.86 -13.22 -7.93
C ALA B 35 31.86 -12.95 -6.87
N ILE B 36 30.96 -13.89 -6.65
CA ILE B 36 29.93 -13.74 -5.69
C ILE B 36 29.85 -14.99 -4.89
N ASN B 37 29.31 -14.92 -3.69
CA ASN B 37 29.09 -16.13 -2.93
C ASN B 37 27.70 -16.09 -2.38
N ASP B 38 26.92 -17.12 -2.64
CA ASP B 38 25.52 -17.14 -2.33
C ASP B 38 24.93 -18.53 -2.48
N LEU B 39 23.92 -18.83 -1.71
CA LEU B 39 23.26 -20.10 -1.67
C LEU B 39 22.18 -20.27 -2.75
N THR B 40 21.73 -19.18 -3.35
CA THR B 40 20.66 -19.23 -4.31
C THR B 40 21.13 -19.63 -5.68
N SER B 41 20.29 -20.35 -6.39
CA SER B 41 20.57 -20.66 -7.75
C SER B 41 20.87 -19.40 -8.53
N PRO B 42 21.92 -19.45 -9.31
CA PRO B 42 22.31 -18.32 -10.13
C PRO B 42 21.25 -17.85 -11.07
N ALA B 43 20.35 -18.75 -11.45
CA ALA B 43 19.29 -18.41 -12.39
C ALA B 43 18.36 -17.35 -11.79
N LEU B 44 17.97 -17.56 -10.56
CA LEU B 44 17.18 -16.64 -9.77
C LEU B 44 17.96 -15.36 -9.48
N LEU B 45 19.16 -15.47 -8.97
CA LEU B 45 20.04 -14.34 -8.80
C LEU B 45 20.14 -13.49 -10.02
N ALA B 46 20.39 -14.05 -11.18
CA ALA B 46 20.42 -13.28 -12.40
C ALA B 46 19.12 -12.58 -12.64
N HIS B 47 18.02 -13.27 -12.44
CA HIS B 47 16.72 -12.65 -12.56
C HIS B 47 16.52 -11.45 -11.65
N LEU B 48 16.93 -11.57 -10.40
CA LEU B 48 16.83 -10.48 -9.46
C LEU B 48 17.81 -9.35 -9.71
N LEU B 49 18.89 -9.59 -10.41
CA LEU B 49 19.80 -8.54 -10.81
C LEU B 49 19.23 -7.74 -11.98
N LYS B 50 18.53 -8.41 -12.85
CA LYS B 50 17.93 -7.80 -14.01
C LYS B 50 16.67 -7.02 -13.70
N TYR B 51 15.79 -7.60 -12.93
CA TYR B 51 14.53 -6.96 -12.61
C TYR B 51 14.44 -6.58 -11.14
N ASP B 52 14.05 -5.35 -10.89
CA ASP B 52 13.87 -4.85 -9.54
C ASP B 52 12.65 -3.96 -9.43
N SER B 53 11.78 -4.29 -8.49
CA SER B 53 10.56 -3.55 -8.30
C SER B 53 10.81 -2.12 -7.82
N THR B 54 11.96 -1.87 -7.23
CA THR B 54 12.27 -0.57 -6.71
C THR B 54 13.13 0.23 -7.64
N HIS B 55 14.16 -0.40 -8.16
CA HIS B 55 15.18 0.24 -8.92
C HIS B 55 15.14 0.03 -10.40
N GLY B 56 14.15 -0.66 -10.92
CA GLY B 56 14.01 -0.77 -12.33
C GLY B 56 14.84 -1.84 -12.94
N THR B 57 14.84 -1.87 -14.25
CA THR B 57 15.42 -2.94 -15.01
C THR B 57 16.79 -2.56 -15.41
N LEU B 58 17.76 -3.43 -15.17
CA LEU B 58 19.13 -3.20 -15.51
C LEU B 58 19.31 -3.14 -17.01
N ASN B 59 19.85 -2.07 -17.53
CA ASN B 59 20.11 -1.99 -18.96
C ASN B 59 21.38 -2.72 -19.38
N ALA B 60 21.27 -4.02 -19.54
CA ALA B 60 22.39 -4.88 -19.85
C ALA B 60 21.86 -6.25 -20.05
N ASP B 61 22.63 -7.07 -20.73
CA ASP B 61 22.23 -8.42 -20.97
C ASP B 61 22.56 -9.35 -19.83
N VAL B 62 21.56 -9.90 -19.22
CA VAL B 62 21.76 -10.77 -18.10
C VAL B 62 21.30 -12.20 -18.35
N SER B 63 22.16 -13.15 -18.05
CA SER B 63 21.79 -14.54 -18.06
C SER B 63 22.52 -15.25 -16.94
N ALA B 64 22.37 -16.55 -16.85
CA ALA B 64 23.05 -17.37 -15.85
C ALA B 64 23.60 -18.65 -16.48
N THR B 65 24.45 -19.35 -15.76
CA THR B 65 24.78 -20.69 -16.04
C THR B 65 24.61 -21.43 -14.75
N ASP B 66 25.14 -22.62 -14.64
CA ASP B 66 24.87 -23.36 -13.45
C ASP B 66 25.70 -22.91 -12.29
N ASP B 67 26.82 -22.28 -12.57
CA ASP B 67 27.67 -21.77 -11.52
C ASP B 67 28.06 -20.32 -11.69
N SER B 68 27.27 -19.53 -12.39
CA SER B 68 27.65 -18.18 -12.60
C SER B 68 26.52 -17.30 -13.06
N ILE B 69 26.78 -16.01 -13.07
CA ILE B 69 25.89 -15.05 -13.59
C ILE B 69 26.63 -14.38 -14.71
N VAL B 70 25.95 -14.05 -15.78
CA VAL B 70 26.60 -13.48 -16.95
C VAL B 70 26.02 -12.13 -17.29
N VAL B 71 26.86 -11.12 -17.37
CA VAL B 71 26.44 -9.79 -17.78
C VAL B 71 27.33 -9.24 -18.88
N ASN B 72 26.71 -8.83 -19.95
CA ASN B 72 27.38 -8.26 -21.10
C ASN B 72 28.64 -9.02 -21.48
N GLY B 73 28.49 -10.32 -21.61
CA GLY B 73 29.56 -11.18 -22.03
C GLY B 73 30.60 -11.48 -21.00
N LYS B 74 30.32 -11.21 -19.75
CA LYS B 74 31.30 -11.46 -18.74
C LYS B 74 30.76 -12.43 -17.75
N ASN B 75 31.61 -13.29 -17.26
CA ASN B 75 31.18 -14.33 -16.39
C ASN B 75 31.60 -14.09 -14.96
N TYR B 76 30.64 -14.18 -14.05
CA TYR B 76 30.83 -13.93 -12.63
C TYR B 76 30.47 -15.16 -11.87
N ARG B 77 31.48 -15.87 -11.42
CA ARG B 77 31.21 -17.11 -10.75
C ARG B 77 30.48 -16.91 -9.44
N VAL B 78 29.54 -17.78 -9.13
CA VAL B 78 28.94 -17.78 -7.82
C VAL B 78 29.18 -19.07 -7.08
N TYR B 79 29.90 -18.95 -5.98
CA TYR B 79 30.22 -20.05 -5.12
C TYR B 79 29.08 -20.21 -4.19
N ALA B 80 29.04 -21.33 -3.50
CA ALA B 80 28.01 -21.58 -2.53
C ALA B 80 28.57 -22.14 -1.24
N GLU B 81 29.52 -21.46 -0.64
CA GLU B 81 30.11 -21.92 0.57
C GLU B 81 29.47 -21.25 1.76
N PRO B 82 28.95 -22.01 2.68
CA PRO B 82 28.26 -21.41 3.83
C PRO B 82 29.23 -20.88 4.89
N GLN B 83 30.46 -21.28 4.80
CA GLN B 83 31.46 -20.75 5.67
C GLN B 83 32.48 -19.97 4.83
N ALA B 84 32.63 -18.69 5.13
CA ALA B 84 33.42 -17.79 4.30
C ALA B 84 34.82 -18.26 4.01
N GLN B 85 35.43 -18.93 4.95
CA GLN B 85 36.82 -19.33 4.85
C GLN B 85 37.04 -20.33 3.75
N ASN B 86 36.00 -21.05 3.40
CA ASN B 86 36.07 -22.00 2.32
C ASN B 86 35.82 -21.40 0.94
N ILE B 87 35.54 -20.12 0.86
CA ILE B 87 35.41 -19.50 -0.45
C ILE B 87 36.73 -19.37 -1.18
N PRO B 88 36.90 -20.06 -2.30
CA PRO B 88 38.16 -20.00 -3.02
C PRO B 88 38.40 -18.79 -3.93
N TRP B 89 37.68 -17.69 -3.75
CA TRP B 89 37.71 -16.65 -4.76
C TRP B 89 38.97 -15.92 -4.91
N VAL B 90 39.89 -16.07 -3.97
CA VAL B 90 41.17 -15.35 -4.05
C VAL B 90 42.09 -15.94 -5.11
N LYS B 91 42.50 -17.19 -4.95
CA LYS B 91 43.34 -17.77 -5.98
C LYS B 91 42.57 -17.89 -7.28
N ASN B 92 41.33 -18.35 -7.18
CA ASN B 92 40.45 -18.61 -8.32
C ASN B 92 40.15 -17.38 -9.16
N ASP B 93 39.93 -16.24 -8.52
CA ASP B 93 39.31 -15.11 -9.22
C ASP B 93 40.00 -13.76 -9.08
N GLY B 94 40.90 -13.64 -8.13
CA GLY B 94 41.67 -12.44 -8.00
C GLY B 94 41.08 -11.45 -7.01
N VAL B 95 40.18 -11.91 -6.17
CA VAL B 95 39.52 -11.03 -5.23
C VAL B 95 40.53 -10.33 -4.35
N ASP B 96 40.51 -9.02 -4.35
CA ASP B 96 41.17 -8.20 -3.36
C ASP B 96 40.34 -7.99 -2.08
N PHE B 97 39.25 -7.26 -2.18
CA PHE B 97 38.40 -6.94 -1.04
C PHE B 97 37.09 -7.68 -1.11
N VAL B 98 36.57 -8.06 0.04
CA VAL B 98 35.26 -8.65 0.14
C VAL B 98 34.24 -7.66 0.64
N LEU B 99 33.17 -7.47 -0.10
CA LEU B 99 32.06 -6.76 0.45
C LEU B 99 31.23 -7.74 1.22
N GLU B 100 31.12 -7.59 2.52
CA GLU B 100 30.42 -8.58 3.30
C GLU B 100 28.98 -8.18 3.67
N CYS B 101 28.01 -8.70 2.92
CA CYS B 101 26.63 -8.26 2.92
C CYS B 101 25.70 -9.20 3.65
N THR B 102 26.20 -10.29 4.16
CA THR B 102 25.34 -11.35 4.65
C THR B 102 24.70 -11.21 6.02
N GLY B 103 25.23 -10.39 6.88
CA GLY B 103 24.67 -10.22 8.20
C GLY B 103 25.09 -11.32 9.15
N PHE B 104 25.84 -12.26 8.63
CA PHE B 104 26.30 -13.36 9.41
C PHE B 104 27.72 -13.24 9.94
N TYR B 105 28.51 -12.35 9.36
CA TYR B 105 29.92 -12.21 9.70
C TYR B 105 30.25 -10.85 10.33
N THR B 106 29.47 -10.48 11.31
CA THR B 106 29.27 -9.12 11.71
C THR B 106 30.13 -8.65 12.89
N SER B 107 31.35 -9.13 12.93
CA SER B 107 32.29 -8.81 13.96
C SER B 107 33.65 -9.01 13.38
N LYS B 108 34.68 -8.48 14.02
CA LYS B 108 36.06 -8.70 13.62
C LYS B 108 36.41 -10.16 13.63
N ALA B 109 36.09 -10.85 14.71
CA ALA B 109 36.33 -12.26 14.82
C ALA B 109 35.70 -13.06 13.70
N LYS B 110 34.41 -12.92 13.54
CA LYS B 110 33.70 -13.66 12.51
C LYS B 110 34.27 -13.45 11.13
N SER B 111 34.65 -12.24 10.79
CA SER B 111 35.07 -11.90 9.45
C SER B 111 36.48 -12.29 9.14
N GLN B 112 37.23 -12.69 10.16
CA GLN B 112 38.59 -13.13 9.99
C GLN B 112 38.59 -14.23 8.97
N ALA B 113 37.54 -15.03 9.02
CA ALA B 113 37.28 -16.04 8.04
C ALA B 113 37.57 -15.56 6.65
N HIS B 114 37.31 -14.32 6.33
CA HIS B 114 37.62 -13.88 5.00
C HIS B 114 39.07 -13.72 4.84
N LEU B 115 39.75 -13.41 5.92
CA LEU B 115 41.15 -13.09 5.80
C LEU B 115 41.99 -14.35 5.67
N ASP B 116 41.57 -15.31 6.44
CA ASP B 116 42.07 -16.63 6.42
C ASP B 116 42.09 -17.13 4.99
N ALA B 117 41.12 -16.71 4.21
CA ALA B 117 40.97 -17.16 2.85
C ALA B 117 41.60 -16.25 1.85
N GLY B 118 42.32 -15.28 2.33
CA GLY B 118 43.26 -14.59 1.50
C GLY B 118 42.92 -13.21 1.08
N ALA B 119 41.81 -12.68 1.56
CA ALA B 119 41.44 -11.35 1.19
C ALA B 119 42.28 -10.29 1.85
N LYS B 120 42.69 -9.26 1.13
CA LYS B 120 43.39 -8.11 1.68
C LYS B 120 42.58 -7.35 2.75
N ARG B 121 41.35 -6.99 2.40
CA ARG B 121 40.45 -6.25 3.25
C ARG B 121 39.00 -6.70 3.12
N VAL B 122 38.19 -6.32 4.10
CA VAL B 122 36.80 -6.62 4.16
C VAL B 122 36.01 -5.41 4.58
N LEU B 123 34.92 -5.15 3.94
CA LEU B 123 34.03 -4.11 4.36
C LEU B 123 32.71 -4.76 4.71
N ILE B 124 32.31 -4.69 5.98
CA ILE B 124 31.06 -5.20 6.44
C ILE B 124 29.97 -4.15 6.35
N SER B 125 28.82 -4.52 5.83
CA SER B 125 27.74 -3.57 5.61
C SER B 125 26.75 -3.45 6.75
N ALA B 126 27.25 -3.43 7.96
CA ALA B 126 26.45 -3.32 9.14
C ALA B 126 27.33 -2.91 10.30
N PRO B 127 26.72 -2.53 11.42
CA PRO B 127 27.49 -2.34 12.63
C PRO B 127 28.18 -3.65 12.87
N ALA B 128 29.41 -3.63 13.35
CA ALA B 128 30.12 -4.86 13.62
C ALA B 128 31.03 -4.78 14.84
N GLY B 129 30.70 -3.92 15.78
CA GLY B 129 31.40 -3.83 17.04
C GLY B 129 32.17 -2.55 17.28
N SER B 130 32.93 -2.50 18.37
CA SER B 130 33.76 -1.35 18.69
C SER B 130 35.24 -1.64 18.50
N ASP B 131 35.60 -2.89 18.21
CA ASP B 131 37.01 -3.25 18.06
C ASP B 131 37.55 -3.18 16.66
N LEU B 132 36.92 -2.36 15.84
CA LEU B 132 37.36 -2.06 14.51
C LEU B 132 36.74 -0.74 14.12
N LYS B 133 37.09 -0.22 12.98
CA LYS B 133 36.65 1.09 12.64
C LYS B 133 35.33 1.08 11.91
N THR B 134 34.50 2.07 12.19
CA THR B 134 33.21 2.24 11.56
C THR B 134 33.31 3.49 10.73
N ILE B 135 33.21 3.33 9.42
CA ILE B 135 33.43 4.41 8.48
C ILE B 135 32.19 4.91 7.78
N VAL B 136 31.95 6.20 7.82
CA VAL B 136 31.00 6.84 6.98
C VAL B 136 31.77 7.72 6.02
N TYR B 137 31.75 7.36 4.76
CA TYR B 137 32.53 8.06 3.79
C TYR B 137 32.15 9.51 3.74
N ASN B 138 33.15 10.37 3.72
CA ASN B 138 33.02 11.83 3.79
C ASN B 138 32.70 12.39 5.15
N VAL B 139 32.88 11.60 6.17
CA VAL B 139 32.85 12.05 7.53
C VAL B 139 34.17 11.70 8.23
N ASN B 140 34.44 10.43 8.40
CA ASN B 140 35.64 9.97 9.04
C ASN B 140 36.47 8.95 8.24
N ASP B 141 36.37 8.93 6.92
CA ASP B 141 37.14 7.96 6.14
C ASP B 141 38.63 8.24 6.14
N ASP B 142 39.02 9.47 6.42
CA ASP B 142 40.38 9.85 6.70
C ASP B 142 41.07 9.10 7.81
N ILE B 143 40.34 8.46 8.68
CA ILE B 143 41.00 7.75 9.72
C ILE B 143 41.45 6.38 9.28
N LEU B 144 41.23 6.06 8.02
CA LEU B 144 41.61 4.77 7.51
C LEU B 144 43.10 4.74 7.32
N THR B 145 43.70 3.62 7.73
CA THR B 145 45.09 3.37 7.45
C THR B 145 45.35 2.00 6.82
N ALA B 146 46.52 1.87 6.23
CA ALA B 146 46.86 0.64 5.57
C ALA B 146 46.70 -0.56 6.48
N ASP B 147 46.78 -0.36 7.77
CA ASP B 147 46.68 -1.45 8.71
C ASP B 147 45.27 -1.97 8.83
N ASP B 148 44.30 -1.19 8.39
CA ASP B 148 42.91 -1.54 8.59
C ASP B 148 42.35 -2.62 7.65
N ARG B 149 42.15 -3.80 8.16
CA ARG B 149 41.71 -4.86 7.33
C ARG B 149 40.24 -5.18 7.38
N ILE B 150 39.64 -5.17 8.54
CA ILE B 150 38.23 -5.35 8.64
C ILE B 150 37.65 -4.02 9.06
N VAL B 151 36.71 -3.51 8.31
CA VAL B 151 36.13 -2.24 8.56
C VAL B 151 34.64 -2.34 8.54
N SER B 152 33.97 -1.42 9.20
CA SER B 152 32.54 -1.45 9.15
C SER B 152 32.02 -0.20 8.50
N ALA B 153 30.96 -0.35 7.72
CA ALA B 153 30.33 0.77 7.08
C ALA B 153 29.20 1.33 7.90
N GLY B 154 28.97 0.74 9.04
CA GLY B 154 27.84 1.05 9.84
C GLY B 154 26.56 0.61 9.18
N SER B 155 25.50 1.34 9.46
CA SER B 155 24.21 1.09 8.85
C SER B 155 23.78 2.17 7.87
N CYS B 156 22.72 1.88 7.13
CA CYS B 156 22.04 2.83 6.30
C CYS B 156 21.62 4.08 7.06
N THR B 157 21.15 3.92 8.28
CA THR B 157 20.76 5.05 9.09
C THR B 157 21.98 5.83 9.50
N THR B 158 23.02 5.15 9.90
CA THR B 158 24.25 5.82 10.26
C THR B 158 24.72 6.72 9.17
N ASN B 159 24.76 6.23 7.96
CA ASN B 159 25.18 7.03 6.84
C ASN B 159 24.30 8.23 6.51
N CYS B 160 23.03 8.24 6.88
CA CYS B 160 22.24 9.42 6.75
C CYS B 160 22.47 10.38 7.88
N LEU B 161 22.41 9.91 9.10
CA LEU B 161 22.54 10.72 10.28
C LEU B 161 23.92 11.34 10.42
N ALA B 162 24.98 10.60 10.18
CA ALA B 162 26.33 11.06 10.52
C ALA B 162 26.68 12.40 9.97
N PRO B 163 26.55 12.65 8.70
CA PRO B 163 26.95 13.95 8.21
C PRO B 163 26.12 15.10 8.73
N LEU B 164 24.83 14.90 8.93
CA LEU B 164 23.96 15.89 9.51
C LEU B 164 24.37 16.25 10.91
N ALA B 165 24.58 15.26 11.74
CA ALA B 165 25.03 15.49 13.08
C ALA B 165 26.44 16.09 13.09
N PHE B 166 27.33 15.56 12.27
CA PHE B 166 28.69 16.03 12.11
C PHE B 166 28.78 17.51 11.89
N PHE B 167 28.21 18.00 10.82
CA PHE B 167 28.25 19.39 10.52
C PHE B 167 27.40 20.26 11.44
N GLU B 168 26.28 19.76 11.92
CA GLU B 168 25.48 20.54 12.82
C GLU B 168 26.25 20.79 14.13
N ASN B 169 26.89 19.78 14.61
CA ASN B 169 27.72 19.89 15.78
C ASN B 169 28.93 20.77 15.60
N LYS B 170 29.56 20.73 14.44
CA LYS B 170 30.67 21.60 14.17
C LYS B 170 30.29 23.05 14.05
N GLU B 171 29.08 23.33 13.58
CA GLU B 171 28.64 24.70 13.49
C GLU B 171 28.09 25.22 14.80
N PHE B 172 27.45 24.41 15.59
CA PHE B 172 26.62 24.91 16.67
C PHE B 172 26.76 24.20 18.01
N GLY B 173 27.42 23.08 18.04
CA GLY B 173 27.64 22.32 19.23
C GLY B 173 26.42 21.58 19.72
N ILE B 174 26.32 20.31 19.41
CA ILE B 174 25.21 19.56 19.89
C ILE B 174 25.51 19.13 21.29
N LYS B 175 24.68 19.53 22.22
CA LYS B 175 24.73 19.11 23.60
C LYS B 175 24.09 17.76 23.77
N VAL B 176 22.93 17.61 23.17
CA VAL B 176 22.18 16.42 23.28
C VAL B 176 21.19 16.39 22.11
N GLY B 177 20.83 15.22 21.65
CA GLY B 177 19.88 15.12 20.58
C GLY B 177 19.14 13.81 20.56
N THR B 178 17.97 13.83 19.95
CA THR B 178 17.20 12.64 19.69
C THR B 178 16.76 12.58 18.24
N MET B 179 16.67 11.38 17.73
CA MET B 179 16.43 11.14 16.34
C MET B 179 15.21 10.27 16.15
N THR B 180 14.43 10.55 15.14
CA THR B 180 13.46 9.62 14.58
C THR B 180 13.59 9.44 13.07
N THR B 181 13.81 8.22 12.64
CA THR B 181 13.83 7.96 11.22
C THR B 181 12.51 7.30 10.77
N ILE B 182 11.87 7.94 9.79
CA ILE B 182 10.70 7.47 9.10
C ILE B 182 11.13 6.76 7.83
N HIS B 183 11.16 5.46 7.94
CA HIS B 183 11.93 4.60 7.15
C HIS B 183 11.06 3.66 6.39
N ALA B 184 11.35 3.48 5.14
CA ALA B 184 10.73 2.46 4.37
C ALA B 184 10.82 1.09 5.02
N TYR B 185 9.86 0.25 4.74
CA TYR B 185 9.90 -1.11 5.23
C TYR B 185 11.06 -1.90 4.64
N THR B 186 11.56 -2.90 5.36
CA THR B 186 12.67 -3.75 4.93
C THR B 186 12.43 -5.26 4.93
N SER B 187 13.38 -5.98 4.39
CA SER B 187 13.36 -7.42 4.28
C SER B 187 13.25 -8.18 5.57
N THR B 188 13.63 -7.58 6.66
CA THR B 188 13.48 -8.22 7.94
C THR B 188 12.06 -8.19 8.40
N GLN B 189 11.23 -7.43 7.73
CA GLN B 189 9.81 -7.34 8.01
C GLN B 189 8.94 -8.31 7.23
N MET B 190 7.69 -8.43 7.63
CA MET B 190 6.73 -9.35 7.07
C MET B 190 5.64 -8.68 6.28
N LEU B 191 5.13 -9.36 5.29
CA LEU B 191 3.92 -8.98 4.61
C LEU B 191 2.66 -9.03 5.49
N LEU B 192 2.46 -10.11 6.19
CA LEU B 192 1.28 -10.32 6.98
C LEU B 192 1.70 -10.60 8.40
N ASP B 193 0.82 -10.46 9.37
CA ASP B 193 1.21 -10.75 10.74
C ASP B 193 1.59 -12.20 10.94
N GLY B 194 2.66 -12.43 11.64
CA GLY B 194 3.03 -13.76 11.97
C GLY B 194 4.34 -13.79 12.66
N PRO B 195 4.73 -14.94 13.20
CA PRO B 195 5.98 -15.09 13.92
C PRO B 195 7.19 -14.84 13.09
N VAL B 196 8.20 -14.33 13.75
CA VAL B 196 9.40 -13.87 13.14
C VAL B 196 10.58 -14.21 14.02
N ARG B 197 11.77 -14.22 13.47
CA ARG B 197 12.97 -14.54 14.23
C ARG B 197 13.29 -13.47 15.23
N GLY B 198 13.47 -13.92 16.45
CA GLY B 198 13.68 -13.05 17.57
C GLY B 198 12.40 -12.94 18.38
N GLY B 199 11.28 -13.14 17.73
CA GLY B 199 10.03 -13.08 18.43
C GLY B 199 9.47 -11.72 18.77
N ASN B 200 10.06 -10.66 18.25
CA ASN B 200 9.57 -9.30 18.50
C ASN B 200 8.12 -9.06 18.13
N PHE B 201 7.38 -8.47 19.03
CA PHE B 201 5.99 -8.17 18.78
C PHE B 201 5.72 -7.26 17.57
N ARG B 202 6.58 -6.31 17.30
CA ARG B 202 6.42 -5.39 16.19
C ARG B 202 7.01 -5.90 14.90
N ALA B 203 8.10 -6.64 14.99
CA ALA B 203 8.67 -7.36 13.88
C ALA B 203 7.65 -8.30 13.23
N ALA B 204 6.72 -8.75 14.01
CA ALA B 204 5.75 -9.69 13.58
C ALA B 204 4.59 -9.15 12.75
N ARG B 205 4.44 -7.84 12.64
CA ARG B 205 3.29 -7.22 12.02
C ARG B 205 3.44 -6.81 10.52
N ALA B 206 2.32 -6.83 9.81
CA ALA B 206 2.24 -6.54 8.40
C ALA B 206 2.82 -5.20 7.99
N ALA B 207 3.86 -5.20 7.22
CA ALA B 207 4.64 -3.99 6.99
C ALA B 207 3.97 -2.98 6.13
N GLY B 208 3.14 -3.44 5.23
CA GLY B 208 2.60 -2.60 4.19
C GLY B 208 1.39 -1.81 4.62
N VAL B 209 0.79 -2.17 5.73
CA VAL B 209 -0.42 -1.53 6.21
C VAL B 209 -0.33 -1.08 7.66
N ASN B 210 0.88 -0.92 8.16
CA ASN B 210 1.13 -0.34 9.46
C ASN B 210 2.24 0.68 9.47
N THR B 211 2.20 1.60 10.41
CA THR B 211 3.34 2.31 10.91
C THR B 211 3.81 1.60 12.16
N ILE B 212 5.07 1.21 12.16
CA ILE B 212 5.63 0.29 13.11
C ILE B 212 6.90 0.80 13.76
N PRO B 213 6.88 1.02 15.06
CA PRO B 213 8.08 1.40 15.79
C PRO B 213 9.12 0.31 15.73
N HIS B 214 10.36 0.72 15.63
CA HIS B 214 11.50 -0.13 15.46
C HIS B 214 12.74 0.44 16.10
N SER B 215 13.47 -0.40 16.79
CA SER B 215 14.68 -0.02 17.49
C SER B 215 15.84 0.14 16.53
N THR B 216 16.64 1.18 16.68
CA THR B 216 17.91 1.23 15.98
C THR B 216 19.07 1.49 16.90
N GLY B 217 20.26 1.18 16.49
CA GLY B 217 21.41 1.55 17.27
C GLY B 217 22.12 2.76 16.74
N ALA B 218 21.68 3.26 15.61
CA ALA B 218 22.35 4.32 14.92
C ALA B 218 22.80 5.43 15.80
N ALA B 219 21.87 6.09 16.45
CA ALA B 219 22.20 7.24 17.26
C ALA B 219 23.10 6.88 18.45
N LYS B 220 22.78 5.81 19.16
CA LYS B 220 23.52 5.43 20.34
C LYS B 220 24.96 5.06 20.07
N ALA B 221 25.25 4.63 18.87
CA ALA B 221 26.59 4.21 18.53
C ALA B 221 27.32 5.22 17.69
N LEU B 222 26.69 6.37 17.45
CA LEU B 222 27.26 7.38 16.58
C LEU B 222 28.67 7.77 16.99
N GLY B 223 29.02 7.51 18.23
CA GLY B 223 30.35 7.78 18.71
C GLY B 223 31.45 7.02 18.03
N LEU B 224 31.15 5.87 17.46
CA LEU B 224 32.11 5.13 16.68
C LEU B 224 32.49 5.89 15.43
N VAL B 225 31.61 6.73 14.96
CA VAL B 225 31.85 7.57 13.81
C VAL B 225 32.23 8.99 14.21
N ILE B 226 31.57 9.53 15.21
CA ILE B 226 31.86 10.87 15.69
C ILE B 226 32.06 10.84 17.17
N PRO B 227 33.28 10.64 17.61
CA PRO B 227 33.54 10.27 18.99
C PRO B 227 33.06 11.28 20.02
N GLU B 228 33.10 12.57 19.73
CA GLU B 228 32.63 13.56 20.65
C GLU B 228 31.13 13.51 20.86
N LEU B 229 30.41 12.79 20.03
CA LEU B 229 28.98 12.62 20.23
C LEU B 229 28.61 11.36 20.96
N ASN B 230 29.57 10.54 21.33
CA ASN B 230 29.32 9.38 22.18
C ASN B 230 28.54 9.78 23.40
N GLY B 231 27.46 9.07 23.69
CA GLY B 231 26.61 9.38 24.82
C GLY B 231 25.64 10.54 24.65
N LYS B 232 25.63 11.19 23.49
CA LYS B 232 24.84 12.39 23.31
C LYS B 232 23.50 12.26 22.55
N LEU B 233 23.30 11.16 21.87
CA LEU B 233 22.13 10.97 21.04
C LEU B 233 21.47 9.64 21.26
N GLN B 234 20.18 9.61 21.11
CA GLN B 234 19.41 8.41 21.12
C GLN B 234 18.37 8.54 20.03
N GLY B 235 17.76 7.45 19.64
CA GLY B 235 16.80 7.50 18.58
C GLY B 235 16.11 6.20 18.36
N HIS B 236 15.19 6.19 17.42
CA HIS B 236 14.51 5.03 16.98
C HIS B 236 13.95 5.26 15.64
N ALA B 237 13.22 4.29 15.14
CA ALA B 237 12.60 4.39 13.87
C ALA B 237 11.12 4.09 13.85
N GLN B 238 10.47 4.57 12.81
CA GLN B 238 9.12 4.26 12.46
C GLN B 238 9.14 3.71 11.06
N ARG B 239 8.79 2.44 10.95
CA ARG B 239 8.69 1.76 9.67
C ARG B 239 7.33 1.97 9.06
N VAL B 240 7.33 2.51 7.86
CA VAL B 240 6.13 2.91 7.14
C VAL B 240 5.98 2.27 5.76
N GLY B 241 4.79 2.32 5.19
CA GLY B 241 4.44 1.53 4.02
C GLY B 241 4.89 1.96 2.64
N VAL B 242 6.18 2.23 2.47
CA VAL B 242 6.77 2.44 1.16
C VAL B 242 7.94 1.48 0.97
N VAL B 243 8.24 1.13 -0.27
CA VAL B 243 9.26 0.15 -0.60
C VAL B 243 10.67 0.60 -0.33
N ASP B 244 10.89 1.89 -0.37
CA ASP B 244 12.20 2.47 -0.28
C ASP B 244 12.04 3.97 -0.15
N GLY B 245 13.04 4.64 0.36
CA GLY B 245 13.00 6.06 0.55
C GLY B 245 12.69 6.39 1.98
N SER B 246 13.66 6.95 2.68
CA SER B 246 13.54 7.29 4.09
C SER B 246 13.92 8.73 4.42
N LEU B 247 13.62 9.15 5.63
CA LEU B 247 14.04 10.42 6.16
C LEU B 247 14.32 10.39 7.66
N THR B 248 15.27 11.19 8.13
CA THR B 248 15.67 11.26 9.53
C THR B 248 15.42 12.64 10.09
N GLU B 249 14.76 12.67 11.22
CA GLU B 249 14.53 13.89 11.94
C GLU B 249 15.44 13.93 13.12
N LEU B 250 16.23 14.96 13.19
CA LEU B 250 17.03 15.24 14.35
C LEU B 250 16.57 16.49 15.10
N VAL B 251 16.35 16.31 16.40
CA VAL B 251 16.00 17.35 17.33
C VAL B 251 17.04 17.44 18.43
N ALA B 252 17.64 18.61 18.56
CA ALA B 252 18.78 18.82 19.43
C ALA B 252 18.81 20.11 20.19
N ILE B 253 19.44 20.06 21.35
CA ILE B 253 19.78 21.22 22.11
C ILE B 253 21.18 21.61 21.66
N LEU B 254 21.35 22.82 21.23
CA LEU B 254 22.61 23.26 20.72
C LEU B 254 23.24 24.19 21.75
N ASP B 255 24.53 24.45 21.59
CA ASP B 255 25.24 25.38 22.44
C ASP B 255 24.93 26.81 22.03
N LYS B 256 24.72 27.02 20.75
CA LYS B 256 24.49 28.32 20.17
C LYS B 256 23.05 28.67 19.88
N LYS B 257 22.72 29.93 20.01
CA LYS B 257 21.43 30.36 19.66
C LYS B 257 21.34 30.54 18.18
N VAL B 258 20.29 30.03 17.57
CA VAL B 258 20.19 30.07 16.12
C VAL B 258 18.82 30.42 15.56
N THR B 259 18.78 30.81 14.31
CA THR B 259 17.56 30.84 13.54
C THR B 259 17.56 29.70 12.53
N ALA B 260 16.40 29.40 12.00
CA ALA B 260 16.29 28.40 10.97
C ALA B 260 17.08 28.74 9.71
N ASP B 261 17.08 30.00 9.31
CA ASP B 261 17.79 30.42 8.13
C ASP B 261 19.31 30.31 8.35
N GLU B 262 19.74 30.48 9.58
CA GLU B 262 21.13 30.39 9.95
C GLU B 262 21.54 28.92 9.91
N VAL B 263 20.79 28.02 10.50
CA VAL B 263 21.08 26.63 10.42
C VAL B 263 21.17 26.12 8.96
N ASN B 264 20.22 26.50 8.14
CA ASN B 264 20.16 26.08 6.76
C ASN B 264 21.36 26.53 5.95
N ALA B 265 21.74 27.79 6.04
CA ALA B 265 22.90 28.28 5.33
C ALA B 265 24.20 27.66 5.80
N ALA B 266 24.35 27.41 7.09
CA ALA B 266 25.53 26.78 7.60
C ALA B 266 25.71 25.38 7.05
N ILE B 267 24.65 24.58 7.08
CA ILE B 267 24.71 23.21 6.62
C ILE B 267 24.85 23.14 5.12
N LYS B 268 24.15 23.99 4.42
CA LYS B 268 24.26 24.05 2.98
C LYS B 268 25.69 24.09 2.51
N LYS B 269 26.49 24.97 3.09
CA LYS B 269 27.88 25.10 2.76
C LYS B 269 28.54 23.77 2.67
N HIS B 270 28.26 22.90 3.61
CA HIS B 270 28.93 21.64 3.64
C HIS B 270 28.44 20.59 2.68
N THR B 271 27.45 20.95 1.86
CA THR B 271 26.93 20.09 0.83
C THR B 271 27.49 20.42 -0.55
N GLU B 272 28.24 21.51 -0.64
CA GLU B 272 28.76 21.96 -1.91
C GLU B 272 29.81 21.00 -2.47
N GLY B 273 29.51 20.41 -3.60
CA GLY B 273 30.37 19.39 -4.17
C GLY B 273 30.54 18.10 -3.39
N ASN B 274 29.76 17.94 -2.36
CA ASN B 274 29.83 16.78 -1.54
C ASN B 274 28.98 15.65 -2.13
N GLU B 275 29.62 14.56 -2.49
CA GLU B 275 28.96 13.46 -3.14
C GLU B 275 28.23 12.59 -2.15
N SER B 276 28.49 12.77 -0.88
CA SER B 276 27.89 11.93 0.14
C SER B 276 26.73 12.56 0.88
N PHE B 277 26.64 13.88 0.84
CA PHE B 277 25.73 14.63 1.66
C PHE B 277 25.23 15.77 0.80
N GLY B 278 24.06 15.57 0.24
CA GLY B 278 23.48 16.52 -0.66
C GLY B 278 22.48 17.49 -0.11
N TYR B 279 21.81 18.20 -0.99
CA TYR B 279 20.94 19.25 -0.61
C TYR B 279 19.81 19.36 -1.57
N ASN B 280 18.62 19.50 -1.05
CA ASN B 280 17.44 19.73 -1.85
C ASN B 280 16.41 20.64 -1.22
N ASP B 281 16.11 21.72 -1.90
CA ASP B 281 15.13 22.64 -1.41
C ASP B 281 13.91 22.79 -2.32
N ASP B 282 13.59 21.73 -3.04
CA ASP B 282 12.48 21.72 -3.97
C ASP B 282 11.23 21.15 -3.37
N GLU B 283 11.21 21.01 -2.06
CA GLU B 283 10.14 20.35 -1.35
C GLU B 283 9.87 18.98 -1.93
N ILE B 284 10.83 18.11 -1.87
CA ILE B 284 10.67 16.78 -2.36
C ILE B 284 9.90 15.87 -1.39
N VAL B 285 9.55 14.69 -1.85
CA VAL B 285 8.98 13.64 -1.07
C VAL B 285 9.82 12.39 -1.27
N SER B 286 9.51 11.35 -0.55
CA SER B 286 10.35 10.18 -0.46
C SER B 286 10.69 9.51 -1.77
N SER B 287 9.72 9.33 -2.63
CA SER B 287 9.94 8.76 -3.93
C SER B 287 11.04 9.47 -4.68
N ASP B 288 11.15 10.77 -4.53
CA ASP B 288 12.12 11.58 -5.23
C ASP B 288 13.57 11.23 -4.94
N VAL B 289 13.84 10.53 -3.87
CA VAL B 289 15.20 10.20 -3.55
C VAL B 289 15.54 8.77 -3.93
N ILE B 290 14.61 8.02 -4.44
CA ILE B 290 14.95 6.65 -4.79
C ILE B 290 15.90 6.68 -5.98
N GLY B 291 17.03 6.01 -5.91
CA GLY B 291 17.98 6.02 -7.00
C GLY B 291 18.97 7.16 -6.99
N THR B 292 19.02 7.94 -5.92
CA THR B 292 20.03 8.96 -5.69
C THR B 292 21.30 8.41 -5.08
N THR B 293 22.40 9.07 -5.33
CA THR B 293 23.72 8.58 -4.99
C THR B 293 24.26 9.07 -3.64
N PHE B 294 23.63 10.06 -3.05
CA PHE B 294 24.03 10.56 -1.75
C PHE B 294 23.72 9.59 -0.62
N GLY B 295 24.46 9.65 0.46
CA GLY B 295 24.18 8.88 1.64
C GLY B 295 23.16 9.59 2.51
N SER B 296 22.90 10.83 2.19
CA SER B 296 22.07 11.75 2.98
C SER B 296 21.81 13.03 2.17
N ILE B 297 20.59 13.50 2.18
CA ILE B 297 20.20 14.70 1.51
C ILE B 297 19.48 15.62 2.49
N PHE B 298 20.13 16.73 2.83
CA PHE B 298 19.59 17.74 3.73
C PHE B 298 18.43 18.50 3.13
N ASP B 299 17.38 18.62 3.91
CA ASP B 299 16.19 19.30 3.48
C ASP B 299 15.91 20.53 4.35
N PRO B 300 16.33 21.69 3.88
CA PRO B 300 16.19 22.95 4.60
C PRO B 300 14.78 23.38 4.82
N THR B 301 13.90 22.90 3.98
CA THR B 301 12.50 23.23 4.09
C THR B 301 11.86 22.68 5.35
N GLN B 302 12.47 21.74 6.04
CA GLN B 302 11.89 21.19 7.23
C GLN B 302 12.53 21.66 8.51
N THR B 303 13.43 22.62 8.39
CA THR B 303 14.14 23.11 9.56
C THR B 303 13.24 23.91 10.48
N GLU B 304 13.30 23.60 11.75
CA GLU B 304 12.47 24.21 12.75
C GLU B 304 13.21 24.53 14.01
N VAL B 305 13.14 25.78 14.40
CA VAL B 305 13.69 26.23 15.65
C VAL B 305 12.62 26.68 16.63
N THR B 306 12.58 26.03 17.78
CA THR B 306 11.59 26.33 18.78
C THR B 306 12.20 26.88 20.06
N SER B 307 11.73 28.02 20.47
CA SER B 307 12.38 28.76 21.51
C SER B 307 11.43 29.54 22.37
N ASP B 308 11.76 29.60 23.64
CA ASP B 308 11.03 30.42 24.57
C ASP B 308 11.95 30.82 25.68
N GLY B 309 12.15 32.12 25.75
CA GLY B 309 13.24 32.69 26.45
C GLY B 309 14.45 32.13 25.74
N ASP B 310 15.34 31.51 26.47
CA ASP B 310 16.46 30.86 25.86
C ASP B 310 16.54 29.39 26.14
N ASN B 311 15.42 28.71 26.03
CA ASN B 311 15.42 27.28 25.90
C ASN B 311 15.08 27.07 24.44
N GLN B 312 15.95 26.35 23.73
CA GLN B 312 15.86 26.21 22.29
C GLN B 312 15.90 24.76 21.85
N LEU B 313 15.09 24.43 20.87
CA LEU B 313 15.13 23.15 20.25
C LEU B 313 15.28 23.36 18.76
N VAL B 314 16.09 22.57 18.12
CA VAL B 314 16.33 22.67 16.71
C VAL B 314 16.15 21.32 16.03
N LYS B 315 15.30 21.33 15.02
CA LYS B 315 14.96 20.14 14.32
C LYS B 315 15.45 20.31 12.90
N THR B 316 16.18 19.36 12.41
CA THR B 316 16.60 19.36 11.04
C THR B 316 16.31 17.99 10.48
N VAL B 317 16.31 17.86 9.18
CA VAL B 317 15.88 16.66 8.52
C VAL B 317 16.69 16.40 7.27
N ALA B 318 16.98 15.13 7.02
CA ALA B 318 17.62 14.69 5.82
C ALA B 318 17.00 13.42 5.19
N TRP B 319 16.86 13.41 3.88
CA TRP B 319 16.35 12.28 3.13
C TRP B 319 17.42 11.31 2.74
N TYR B 320 17.04 10.10 2.40
CA TYR B 320 17.95 9.09 1.89
C TYR B 320 17.33 7.82 1.29
N ASP B 321 17.85 7.41 0.15
CA ASP B 321 17.62 6.09 -0.36
C ASP B 321 18.38 5.11 0.53
N ASN B 322 17.70 4.59 1.52
CA ASN B 322 18.27 3.66 2.44
C ASN B 322 18.92 2.42 1.81
N GLU B 323 18.55 2.12 0.59
CA GLU B 323 19.17 1.10 -0.19
C GLU B 323 20.30 1.64 -1.02
N TYR B 324 20.00 2.44 -2.01
CA TYR B 324 20.92 2.89 -3.01
C TYR B 324 21.95 3.87 -2.45
N GLY B 325 21.54 4.76 -1.59
CA GLY B 325 22.41 5.70 -0.95
C GLY B 325 23.50 5.08 -0.10
N PHE B 326 23.10 4.19 0.78
CA PHE B 326 23.98 3.44 1.62
C PHE B 326 24.99 2.63 0.83
N THR B 327 24.52 2.00 -0.23
CA THR B 327 25.36 1.23 -1.11
C THR B 327 26.39 2.09 -1.84
N CYS B 328 26.00 3.23 -2.36
CA CYS B 328 26.93 4.11 -3.02
C CYS B 328 28.01 4.57 -2.02
N GLN B 329 27.65 4.67 -0.77
CA GLN B 329 28.56 5.03 0.27
C GLN B 329 29.59 3.94 0.45
N MET B 330 29.14 2.71 0.45
CA MET B 330 30.02 1.57 0.64
C MET B 330 30.97 1.40 -0.53
N VAL B 331 30.54 1.70 -1.73
CA VAL B 331 31.39 1.61 -2.89
C VAL B 331 32.47 2.68 -2.87
N ARG B 332 32.14 3.88 -2.45
CA ARG B 332 33.13 4.91 -2.18
C ARG B 332 34.22 4.44 -1.22
N THR B 333 33.86 3.66 -0.23
CA THR B 333 34.79 3.20 0.75
C THR B 333 35.64 2.05 0.25
N LEU B 334 35.04 1.14 -0.50
CA LEU B 334 35.78 0.14 -1.26
C LEU B 334 36.80 0.80 -2.16
N LEU B 335 36.47 1.93 -2.72
CA LEU B 335 37.40 2.59 -3.56
C LEU B 335 38.57 3.17 -2.76
N LYS B 336 38.30 3.69 -1.59
CA LYS B 336 39.30 4.30 -0.75
C LYS B 336 40.23 3.21 -0.22
N PHE B 337 39.73 2.01 -0.09
CA PHE B 337 40.58 0.89 0.23
C PHE B 337 41.79 0.76 -0.76
N ALA B 338 41.58 0.88 -2.06
CA ALA B 338 42.68 0.85 -3.07
C ALA B 338 43.83 1.83 -2.78
N THR B 339 43.49 3.01 -2.24
CA THR B 339 44.45 4.06 -1.98
C THR B 339 45.16 3.88 -0.64
N LEU B 340 44.76 2.93 0.20
CA LEU B 340 45.42 2.79 1.51
C LEU B 340 46.79 2.15 1.30
N MET C 1 10.07 22.89 -41.91
CA MET C 1 11.45 22.53 -41.47
C MET C 1 11.46 21.30 -40.50
N SER C 2 10.92 21.46 -39.29
CA SER C 2 10.52 20.34 -38.41
C SER C 2 9.24 20.67 -37.57
N VAL C 3 8.61 19.65 -37.00
CA VAL C 3 7.19 19.78 -36.61
C VAL C 3 6.86 20.27 -35.20
N LYS C 4 5.98 21.23 -35.06
CA LYS C 4 5.87 21.86 -33.76
C LYS C 4 4.62 21.47 -33.02
N ILE C 5 4.76 20.74 -31.93
CA ILE C 5 3.59 20.28 -31.21
C ILE C 5 3.19 21.27 -30.16
N GLY C 6 1.91 21.52 -30.00
CA GLY C 6 1.38 22.30 -28.91
C GLY C 6 0.55 21.41 -28.01
N ILE C 7 0.76 21.47 -26.73
CA ILE C 7 0.10 20.57 -25.82
C ILE C 7 -0.95 21.28 -25.01
N ASN C 8 -2.21 20.95 -25.22
CA ASN C 8 -3.30 21.49 -24.42
C ASN C 8 -3.63 20.53 -23.31
N GLY C 9 -3.37 20.97 -22.10
CA GLY C 9 -3.55 20.18 -20.90
C GLY C 9 -2.27 19.53 -20.44
N PHE C 10 -1.61 20.11 -19.47
CA PHE C 10 -0.33 19.60 -19.01
C PHE C 10 -0.51 18.70 -17.81
N GLY C 11 -1.37 17.71 -17.94
CA GLY C 11 -1.56 16.71 -16.91
C GLY C 11 -0.51 15.63 -16.99
N ARG C 12 -0.72 14.52 -16.33
CA ARG C 12 0.24 13.43 -16.34
C ARG C 12 0.64 13.00 -17.75
N ILE C 13 -0.33 12.88 -18.62
CA ILE C 13 -0.09 12.42 -19.97
C ILE C 13 0.59 13.51 -20.79
N GLY C 14 0.15 14.74 -20.67
CA GLY C 14 0.80 15.83 -21.34
C GLY C 14 2.24 16.00 -20.95
N ARG C 15 2.55 15.80 -19.69
CA ARG C 15 3.87 15.93 -19.15
C ARG C 15 4.77 14.82 -19.59
N LEU C 16 4.23 13.63 -19.72
CA LEU C 16 4.97 12.50 -20.14
C LEU C 16 5.23 12.64 -21.64
N ALA C 17 4.29 13.19 -22.36
CA ALA C 17 4.54 13.47 -23.75
C ALA C 17 5.64 14.49 -23.90
N PHE C 18 5.64 15.54 -23.09
CA PHE C 18 6.73 16.48 -23.07
C PHE C 18 8.07 15.79 -22.89
N ARG C 19 8.23 15.04 -21.82
CA ARG C 19 9.43 14.25 -21.55
C ARG C 19 9.83 13.30 -22.67
N ARG C 20 8.89 12.60 -23.26
CA ARG C 20 9.21 11.67 -24.32
C ARG C 20 9.64 12.40 -25.57
N ILE C 21 9.00 13.50 -25.89
CA ILE C 21 9.36 14.25 -27.06
C ILE C 21 10.72 14.88 -26.87
N LEU C 22 11.07 15.19 -25.64
CA LEU C 22 12.40 15.69 -25.34
C LEU C 22 13.45 14.60 -25.43
N GLU C 23 13.15 13.44 -24.94
CA GLU C 23 14.06 12.33 -25.06
C GLU C 23 14.38 12.05 -26.52
N LEU C 24 13.37 12.18 -27.36
CA LEU C 24 13.53 11.94 -28.78
C LEU C 24 14.17 13.16 -29.39
N GLU C 32 10.45 18.56 -30.30
CA GLU C 32 9.53 19.23 -31.19
C GLU C 32 8.33 19.97 -30.58
N VAL C 33 8.24 20.15 -29.26
CA VAL C 33 7.11 20.93 -28.72
C VAL C 33 7.49 22.34 -28.43
N VAL C 34 6.61 23.29 -28.70
CA VAL C 34 6.97 24.68 -28.51
C VAL C 34 6.10 25.50 -27.58
N ALA C 35 4.93 25.02 -27.21
CA ALA C 35 4.08 25.76 -26.30
C ALA C 35 3.05 24.88 -25.66
N ILE C 36 2.39 25.38 -24.63
CA ILE C 36 1.56 24.61 -23.72
C ILE C 36 0.39 25.44 -23.25
N ASN C 37 -0.77 24.85 -23.12
CA ASN C 37 -1.91 25.54 -22.56
C ASN C 37 -2.48 24.79 -21.35
N ASP C 38 -2.42 25.42 -20.20
CA ASP C 38 -2.85 24.84 -18.93
C ASP C 38 -3.18 25.94 -17.93
N LEU C 39 -4.26 25.73 -17.21
CA LEU C 39 -4.72 26.66 -16.21
C LEU C 39 -4.01 26.64 -14.88
N THR C 40 -3.12 25.70 -14.63
CA THR C 40 -2.40 25.74 -13.37
C THR C 40 -1.10 26.53 -13.51
N SER C 41 -0.60 27.06 -12.40
CA SER C 41 0.57 27.93 -12.43
C SER C 41 1.80 27.26 -12.98
N PRO C 42 2.56 27.96 -13.80
CA PRO C 42 3.78 27.40 -14.36
C PRO C 42 4.73 26.79 -13.33
N ALA C 43 4.68 27.25 -12.11
CA ALA C 43 5.59 26.79 -11.12
C ALA C 43 5.27 25.38 -10.73
N LEU C 44 4.00 25.12 -10.52
CA LEU C 44 3.55 23.82 -10.14
C LEU C 44 3.73 22.87 -11.30
N LEU C 45 3.48 23.33 -12.50
CA LEU C 45 3.69 22.52 -13.67
C LEU C 45 5.15 22.13 -13.79
N ALA C 46 6.01 23.07 -13.53
CA ALA C 46 7.42 22.85 -13.57
C ALA C 46 7.84 21.78 -12.60
N HIS C 47 7.35 21.88 -11.38
CA HIS C 47 7.66 20.95 -10.32
C HIS C 47 7.18 19.56 -10.68
N LEU C 48 5.97 19.45 -11.17
CA LEU C 48 5.46 18.18 -11.64
C LEU C 48 6.15 17.64 -12.91
N LEU C 49 6.61 18.49 -13.82
CA LEU C 49 7.46 18.00 -14.89
C LEU C 49 8.79 17.42 -14.37
N LYS C 50 9.39 18.08 -13.40
CA LYS C 50 10.68 17.64 -12.88
C LYS C 50 10.65 16.38 -12.00
N TYR C 51 9.66 16.32 -11.12
CA TYR C 51 9.53 15.22 -10.18
C TYR C 51 8.26 14.41 -10.36
N ASP C 52 8.38 13.09 -10.36
CA ASP C 52 7.25 12.20 -10.51
C ASP C 52 7.40 10.94 -9.68
N SER C 53 6.36 10.57 -8.95
CA SER C 53 6.41 9.45 -8.03
C SER C 53 6.53 8.11 -8.72
N THR C 54 6.17 8.10 -9.98
CA THR C 54 6.04 6.90 -10.73
C THR C 54 7.15 6.78 -11.69
N HIS C 55 7.45 7.85 -12.40
CA HIS C 55 8.43 7.83 -13.44
C HIS C 55 9.73 8.51 -13.16
N GLY C 56 9.95 8.87 -11.92
CA GLY C 56 11.20 9.47 -11.55
C GLY C 56 11.44 10.92 -11.90
N THR C 57 12.64 11.35 -11.63
CA THR C 57 13.03 12.73 -11.80
C THR C 57 13.54 12.96 -13.19
N LEU C 58 13.13 14.05 -13.80
CA LEU C 58 13.58 14.36 -15.14
C LEU C 58 15.03 14.77 -15.10
N ASN C 59 15.83 14.22 -15.97
CA ASN C 59 17.24 14.47 -15.95
C ASN C 59 17.60 15.62 -16.79
N ALA C 60 17.07 16.77 -16.41
CA ALA C 60 17.29 18.00 -17.12
C ALA C 60 17.14 19.05 -16.08
N ASP C 61 17.52 20.25 -16.42
CA ASP C 61 17.35 21.34 -15.50
C ASP C 61 16.08 22.05 -15.82
N VAL C 62 15.20 22.13 -14.83
CA VAL C 62 13.88 22.70 -15.04
C VAL C 62 13.63 23.86 -14.14
N SER C 63 12.98 24.87 -14.66
CA SER C 63 12.64 26.00 -13.86
C SER C 63 11.41 26.62 -14.40
N ALA C 64 10.97 27.68 -13.77
CA ALA C 64 9.78 28.32 -14.23
C ALA C 64 9.95 29.81 -14.22
N THR C 65 8.97 30.46 -14.80
CA THR C 65 8.87 31.87 -14.81
C THR C 65 7.43 32.15 -14.48
N ASP C 66 6.94 33.31 -14.87
CA ASP C 66 5.58 33.71 -14.59
C ASP C 66 4.60 33.22 -15.65
N ASP C 67 5.13 32.84 -16.80
CA ASP C 67 4.32 32.45 -17.94
C ASP C 67 4.94 31.36 -18.74
N SER C 68 5.87 30.62 -18.19
CA SER C 68 6.56 29.66 -19.00
C SER C 68 7.33 28.62 -18.22
N ILE C 69 7.69 27.54 -18.88
CA ILE C 69 8.46 26.54 -18.21
C ILE C 69 9.82 26.52 -18.90
N VAL C 70 10.88 26.39 -18.15
CA VAL C 70 12.18 26.42 -18.75
C VAL C 70 12.90 25.11 -18.58
N VAL C 71 13.36 24.53 -19.67
CA VAL C 71 14.10 23.28 -19.61
C VAL C 71 15.38 23.30 -20.42
N ASN C 72 16.47 22.86 -19.82
CA ASN C 72 17.71 22.78 -20.54
C ASN C 72 17.89 24.00 -21.43
N GLY C 73 17.49 25.14 -20.92
CA GLY C 73 17.74 26.38 -21.61
C GLY C 73 16.57 26.82 -22.42
N LYS C 74 15.96 25.90 -23.13
CA LYS C 74 14.90 26.27 -24.01
C LYS C 74 13.73 26.69 -23.16
N ASN C 75 12.84 27.51 -23.70
CA ASN C 75 11.74 28.09 -22.96
C ASN C 75 10.42 27.71 -23.61
N TYR C 76 9.45 27.24 -22.83
CA TYR C 76 8.16 26.81 -23.35
C TYR C 76 7.03 27.58 -22.72
N ARG C 77 6.39 28.42 -23.50
CA ARG C 77 5.35 29.28 -23.00
C ARG C 77 4.14 28.49 -22.57
N VAL C 78 3.54 28.87 -21.47
CA VAL C 78 2.33 28.23 -21.04
C VAL C 78 1.20 29.24 -21.07
N TYR C 79 0.31 29.10 -22.04
CA TYR C 79 -0.86 29.95 -22.17
C TYR C 79 -1.91 29.42 -21.23
N ALA C 80 -2.89 30.23 -20.89
CA ALA C 80 -3.92 29.85 -19.95
C ALA C 80 -5.35 30.13 -20.40
N GLU C 81 -5.71 29.60 -21.57
CA GLU C 81 -7.02 29.79 -22.16
C GLU C 81 -7.97 28.66 -21.95
N PRO C 82 -9.15 28.96 -21.49
CA PRO C 82 -10.12 27.91 -21.24
C PRO C 82 -10.94 27.63 -22.47
N GLN C 83 -10.73 28.39 -23.51
CA GLN C 83 -11.44 28.19 -24.75
C GLN C 83 -10.33 28.04 -25.76
N ALA C 84 -10.21 26.90 -26.41
CA ALA C 84 -9.05 26.63 -27.26
C ALA C 84 -8.88 27.44 -28.56
N GLN C 85 -9.96 28.05 -29.04
CA GLN C 85 -9.90 28.94 -30.17
C GLN C 85 -8.95 30.03 -29.83
N ASN C 86 -8.91 30.36 -28.54
CA ASN C 86 -8.20 31.52 -28.01
C ASN C 86 -6.74 31.34 -27.65
N ILE C 87 -6.15 30.25 -28.09
CA ILE C 87 -4.76 30.00 -27.80
C ILE C 87 -3.99 30.43 -29.00
N PRO C 88 -3.29 31.54 -28.93
CA PRO C 88 -2.39 31.88 -30.00
C PRO C 88 -1.37 30.79 -29.92
N TRP C 89 -0.55 30.61 -30.92
CA TRP C 89 0.40 29.54 -30.87
C TRP C 89 0.45 28.81 -32.15
N PHE C 97 0.71 20.71 -35.25
CA PHE C 97 -0.23 19.78 -34.64
C PHE C 97 -0.46 20.00 -33.14
N VAL C 98 -1.67 19.81 -32.67
CA VAL C 98 -2.00 19.90 -31.25
C VAL C 98 -2.31 18.56 -30.62
N LEU C 99 -1.68 18.27 -29.50
CA LEU C 99 -1.98 17.12 -28.67
C LEU C 99 -2.99 17.54 -27.64
N GLU C 100 -4.17 17.02 -27.72
CA GLU C 100 -5.28 17.44 -26.92
C GLU C 100 -5.52 16.45 -25.79
N CYS C 101 -5.06 16.81 -24.60
CA CYS C 101 -5.04 15.92 -23.47
C CYS C 101 -6.05 16.24 -22.43
N THR C 102 -6.80 17.32 -22.62
CA THR C 102 -7.62 17.87 -21.56
C THR C 102 -8.80 17.07 -21.09
N GLY C 103 -9.38 16.27 -21.97
CA GLY C 103 -10.62 15.59 -21.72
C GLY C 103 -11.87 16.38 -22.03
N PHE C 104 -11.68 17.59 -22.49
CA PHE C 104 -12.76 18.52 -22.72
C PHE C 104 -13.07 18.77 -24.17
N TYR C 105 -12.38 18.13 -25.09
CA TYR C 105 -12.53 18.42 -26.49
C TYR C 105 -12.67 17.12 -27.23
N THR C 106 -13.43 16.25 -26.61
CA THR C 106 -13.64 14.86 -26.92
C THR C 106 -14.60 14.61 -28.11
N SER C 107 -14.47 15.41 -29.16
CA SER C 107 -15.35 15.36 -30.30
C SER C 107 -14.68 15.97 -31.50
N LYS C 108 -15.12 15.62 -32.67
CA LYS C 108 -14.60 16.26 -33.85
C LYS C 108 -15.06 17.69 -33.82
N ALA C 109 -16.22 17.91 -33.26
CA ALA C 109 -16.84 19.21 -33.27
C ALA C 109 -16.19 20.12 -32.25
N LYS C 110 -16.00 19.60 -31.05
CA LYS C 110 -15.27 20.29 -30.01
C LYS C 110 -13.85 20.64 -30.40
N SER C 111 -13.12 19.69 -30.94
CA SER C 111 -11.77 19.92 -31.41
C SER C 111 -11.68 20.70 -32.69
N GLN C 112 -12.80 21.07 -33.27
CA GLN C 112 -12.81 22.05 -34.34
C GLN C 112 -12.12 23.33 -33.85
N ALA C 113 -12.26 23.63 -32.57
CA ALA C 113 -11.60 24.80 -32.00
C ALA C 113 -10.12 24.91 -32.30
N HIS C 114 -9.37 23.83 -32.16
CA HIS C 114 -7.97 23.91 -32.40
C HIS C 114 -7.71 24.17 -33.84
N LEU C 115 -8.72 23.94 -34.66
CA LEU C 115 -8.55 24.10 -36.08
C LEU C 115 -8.90 25.51 -36.41
N ASP C 116 -9.79 26.08 -35.64
CA ASP C 116 -10.07 27.46 -35.77
C ASP C 116 -8.86 28.29 -35.40
N ALA C 117 -8.02 27.76 -34.52
CA ALA C 117 -6.85 28.51 -34.13
C ALA C 117 -5.69 28.33 -35.07
N GLY C 118 -5.90 27.61 -36.15
CA GLY C 118 -4.87 27.52 -37.14
C GLY C 118 -4.01 26.30 -37.13
N ALA C 119 -4.36 25.32 -36.32
CA ALA C 119 -3.58 24.11 -36.22
C ALA C 119 -3.84 23.23 -37.41
N LYS C 120 -2.80 22.60 -37.92
CA LYS C 120 -2.98 21.71 -39.02
C LYS C 120 -3.77 20.47 -38.62
N ARG C 121 -3.32 19.78 -37.59
CA ARG C 121 -3.94 18.54 -37.20
C ARG C 121 -4.03 18.44 -35.69
N VAL C 122 -4.97 17.65 -35.22
CA VAL C 122 -5.20 17.47 -33.80
C VAL C 122 -5.24 15.99 -33.43
N LEU C 123 -4.52 15.60 -32.39
CA LEU C 123 -4.56 14.25 -31.91
C LEU C 123 -5.14 14.24 -30.54
N ILE C 124 -6.32 13.67 -30.41
CA ILE C 124 -7.01 13.59 -29.15
C ILE C 124 -6.68 12.29 -28.41
N SER C 125 -6.25 12.44 -27.19
CA SER C 125 -5.76 11.32 -26.40
C SER C 125 -6.83 10.59 -25.64
N ALA C 126 -7.98 10.39 -26.26
CA ALA C 126 -9.08 9.70 -25.67
C ALA C 126 -10.01 9.29 -26.78
N PRO C 127 -10.95 8.42 -26.46
CA PRO C 127 -11.98 8.05 -27.42
C PRO C 127 -12.84 9.25 -27.75
N ALA C 128 -13.01 9.51 -29.03
CA ALA C 128 -13.69 10.71 -29.47
C ALA C 128 -14.76 10.51 -30.55
N GLY C 129 -15.55 9.45 -30.44
CA GLY C 129 -16.66 9.17 -31.33
C GLY C 129 -16.36 8.29 -32.51
N SER C 130 -17.25 8.26 -33.47
CA SER C 130 -17.01 7.45 -34.63
C SER C 130 -16.94 8.20 -35.94
N ASP C 131 -17.10 9.51 -35.91
CA ASP C 131 -17.00 10.30 -37.12
C ASP C 131 -15.58 10.71 -37.41
N LEU C 132 -14.66 10.27 -36.57
CA LEU C 132 -13.24 10.42 -36.84
C LEU C 132 -12.59 9.07 -36.74
N LYS C 133 -11.36 8.97 -37.19
CA LYS C 133 -10.61 7.76 -37.09
C LYS C 133 -9.90 7.64 -35.74
N THR C 134 -9.95 6.46 -35.16
CA THR C 134 -9.30 6.12 -33.92
C THR C 134 -8.13 5.29 -34.31
N ILE C 135 -6.94 5.70 -33.97
CA ILE C 135 -5.77 5.05 -34.48
C ILE C 135 -4.95 4.38 -33.40
N VAL C 136 -4.60 3.13 -33.60
CA VAL C 136 -3.64 2.47 -32.79
C VAL C 136 -2.42 2.27 -33.63
N TYR C 137 -1.37 2.99 -33.28
CA TYR C 137 -0.17 2.95 -34.04
C TYR C 137 0.38 1.55 -34.13
N ASN C 138 0.74 1.18 -35.35
CA ASN C 138 1.19 -0.15 -35.69
C ASN C 138 0.10 -1.22 -35.82
N VAL C 139 -1.15 -0.81 -35.72
CA VAL C 139 -2.27 -1.64 -36.10
C VAL C 139 -2.98 -1.11 -37.34
N ASN C 140 -3.41 0.13 -37.29
CA ASN C 140 -4.20 0.74 -38.34
C ASN C 140 -3.86 2.18 -38.70
N ASP C 141 -2.63 2.59 -38.50
CA ASP C 141 -2.27 3.96 -38.80
C ASP C 141 -2.22 4.22 -40.31
N ASP C 142 -2.34 3.17 -41.09
CA ASP C 142 -2.27 3.31 -42.52
C ASP C 142 -3.48 3.93 -43.14
N ILE C 143 -4.55 3.99 -42.39
CA ILE C 143 -5.76 4.54 -42.93
C ILE C 143 -5.82 6.04 -42.83
N LEU C 144 -4.82 6.64 -42.19
CA LEU C 144 -4.75 8.07 -42.07
C LEU C 144 -4.44 8.70 -43.42
N THR C 145 -5.03 9.83 -43.71
CA THR C 145 -4.69 10.60 -44.90
C THR C 145 -4.77 12.08 -44.66
N ALA C 146 -4.37 12.83 -45.67
CA ALA C 146 -4.17 14.25 -45.55
C ALA C 146 -5.43 14.99 -45.21
N ASP C 147 -6.56 14.35 -45.31
CA ASP C 147 -7.76 15.07 -44.98
C ASP C 147 -8.14 14.98 -43.52
N ASP C 148 -7.52 14.08 -42.80
CA ASP C 148 -7.85 13.88 -41.39
C ASP C 148 -7.21 14.91 -40.53
N ARG C 149 -8.00 15.83 -40.03
CA ARG C 149 -7.47 16.90 -39.24
C ARG C 149 -7.68 16.70 -37.75
N ILE C 150 -8.49 15.72 -37.38
CA ILE C 150 -8.76 15.48 -36.00
C ILE C 150 -8.85 14.00 -35.76
N VAL C 151 -7.84 13.45 -35.11
CA VAL C 151 -7.73 12.03 -34.88
C VAL C 151 -7.81 11.64 -33.40
N SER C 152 -8.34 10.49 -33.11
CA SER C 152 -8.35 10.03 -31.74
C SER C 152 -7.35 8.94 -31.58
N ALA C 153 -6.66 8.91 -30.45
CA ALA C 153 -5.75 7.82 -30.21
C ALA C 153 -6.41 6.77 -29.37
N GLY C 154 -7.69 6.92 -29.14
CA GLY C 154 -8.39 5.95 -28.37
C GLY C 154 -7.85 6.04 -26.98
N SER C 155 -7.95 4.96 -26.26
CA SER C 155 -7.56 4.96 -24.85
C SER C 155 -6.33 4.12 -24.54
N CYS C 156 -5.89 4.18 -23.30
CA CYS C 156 -4.76 3.44 -22.83
C CYS C 156 -5.04 1.98 -23.06
N THR C 157 -6.22 1.53 -22.70
CA THR C 157 -6.55 0.14 -22.84
C THR C 157 -6.64 -0.27 -24.29
N THR C 158 -7.17 0.58 -25.12
CA THR C 158 -7.30 0.34 -26.53
C THR C 158 -5.97 0.07 -27.17
N ASN C 159 -4.95 0.81 -26.79
CA ASN C 159 -3.63 0.58 -27.29
C ASN C 159 -2.96 -0.68 -26.80
N CYS C 160 -3.39 -1.24 -25.69
CA CYS C 160 -2.88 -2.54 -25.29
C CYS C 160 -3.62 -3.65 -25.97
N LEU C 161 -4.94 -3.63 -25.88
CA LEU C 161 -5.78 -4.67 -26.46
C LEU C 161 -5.68 -4.81 -27.98
N ALA C 162 -5.55 -3.71 -28.70
CA ALA C 162 -5.60 -3.72 -30.16
C ALA C 162 -4.66 -4.67 -30.86
N PRO C 163 -3.36 -4.54 -30.68
CA PRO C 163 -2.46 -5.43 -31.40
C PRO C 163 -2.65 -6.90 -31.02
N LEU C 164 -2.94 -7.20 -29.77
CA LEU C 164 -3.10 -8.56 -29.35
C LEU C 164 -4.26 -9.20 -30.05
N ALA C 165 -5.39 -8.52 -30.03
CA ALA C 165 -6.59 -9.01 -30.64
C ALA C 165 -6.46 -9.05 -32.15
N PHE C 166 -5.86 -8.05 -32.74
CA PHE C 166 -5.62 -7.99 -34.18
C PHE C 166 -4.80 -9.15 -34.64
N PHE C 167 -3.70 -9.42 -33.97
CA PHE C 167 -2.85 -10.48 -34.41
C PHE C 167 -3.41 -11.86 -34.13
N GLU C 168 -4.01 -12.07 -32.98
CA GLU C 168 -4.62 -13.31 -32.64
C GLU C 168 -5.77 -13.60 -33.60
N ASN C 169 -6.49 -12.56 -33.97
CA ASN C 169 -7.59 -12.69 -34.88
C ASN C 169 -7.10 -13.05 -36.25
N LYS C 170 -6.07 -12.40 -36.72
CA LYS C 170 -5.53 -12.73 -38.01
C LYS C 170 -4.93 -14.14 -38.11
N GLU C 171 -4.38 -14.66 -37.05
CA GLU C 171 -3.85 -16.00 -37.10
C GLU C 171 -4.88 -17.09 -36.85
N PHE C 172 -5.82 -16.85 -35.97
CA PHE C 172 -6.76 -17.86 -35.55
C PHE C 172 -8.21 -17.56 -35.76
N GLY C 173 -8.56 -16.30 -35.91
CA GLY C 173 -9.92 -15.88 -35.99
C GLY C 173 -10.69 -15.91 -34.69
N ILE C 174 -11.05 -14.74 -34.19
CA ILE C 174 -11.83 -14.65 -32.96
C ILE C 174 -13.30 -14.68 -33.26
N LYS C 175 -14.03 -15.54 -32.58
CA LYS C 175 -15.44 -15.61 -32.76
C LYS C 175 -16.11 -14.74 -31.76
N VAL C 176 -15.56 -14.74 -30.57
CA VAL C 176 -16.09 -13.99 -29.48
C VAL C 176 -15.01 -13.93 -28.42
N GLY C 177 -14.98 -12.86 -27.66
CA GLY C 177 -13.99 -12.69 -26.61
C GLY C 177 -14.39 -11.77 -25.50
N THR C 178 -13.81 -11.98 -24.33
CA THR C 178 -13.97 -11.10 -23.21
C THR C 178 -12.64 -10.77 -22.52
N MET C 179 -12.47 -9.52 -22.13
CA MET C 179 -11.27 -9.06 -21.47
C MET C 179 -11.50 -8.59 -20.04
N THR C 180 -10.50 -8.79 -19.21
CA THR C 180 -10.41 -8.20 -17.90
C THR C 180 -9.04 -7.57 -17.79
N THR C 181 -8.98 -6.27 -17.65
CA THR C 181 -7.71 -5.64 -17.46
C THR C 181 -7.51 -5.40 -15.95
N ILE C 182 -6.45 -5.93 -15.39
CA ILE C 182 -6.07 -5.65 -14.04
C ILE C 182 -5.17 -4.42 -14.04
N HIS C 183 -5.74 -3.30 -13.63
CA HIS C 183 -5.28 -1.97 -13.94
C HIS C 183 -4.89 -1.22 -12.71
N ALA C 184 -3.78 -0.52 -12.81
CA ALA C 184 -3.35 0.37 -11.78
C ALA C 184 -4.41 1.39 -11.49
N TYR C 185 -4.48 1.85 -10.26
CA TYR C 185 -5.37 2.95 -9.96
C TYR C 185 -5.08 4.21 -10.73
N THR C 186 -6.09 4.99 -10.97
CA THR C 186 -5.97 6.24 -11.72
C THR C 186 -6.45 7.53 -10.99
N SER C 187 -6.21 8.67 -11.58
CA SER C 187 -6.62 9.98 -11.12
C SER C 187 -8.08 10.16 -10.86
N THR C 188 -8.92 9.48 -11.59
CA THR C 188 -10.33 9.64 -11.38
C THR C 188 -10.72 9.01 -10.05
N GLN C 189 -9.87 8.19 -9.48
CA GLN C 189 -10.22 7.49 -8.26
C GLN C 189 -9.85 8.28 -7.04
N MET C 190 -10.29 7.83 -5.90
CA MET C 190 -10.08 8.51 -4.64
C MET C 190 -9.14 7.79 -3.73
N LEU C 191 -8.65 8.50 -2.75
CA LEU C 191 -7.79 7.98 -1.75
C LEU C 191 -8.59 7.35 -0.62
N LEU C 192 -9.62 8.02 -0.15
CA LEU C 192 -10.51 7.52 0.88
C LEU C 192 -11.97 7.44 0.37
N ASP C 193 -12.84 6.71 1.06
CA ASP C 193 -14.21 6.56 0.61
C ASP C 193 -14.94 7.86 0.72
N GLY C 194 -15.67 8.22 -0.30
CA GLY C 194 -16.49 9.40 -0.26
C GLY C 194 -17.03 9.73 -1.61
N PRO C 195 -17.92 10.69 -1.66
CA PRO C 195 -18.56 11.12 -2.88
C PRO C 195 -17.60 11.47 -3.98
N VAL C 196 -17.99 11.13 -5.19
CA VAL C 196 -17.25 11.52 -6.32
C VAL C 196 -18.18 11.91 -7.44
N ARG C 197 -17.65 12.60 -8.41
CA ARG C 197 -18.43 13.15 -9.48
C ARG C 197 -19.04 12.05 -10.34
N GLY C 198 -20.34 12.05 -10.47
CA GLY C 198 -21.02 11.00 -11.20
C GLY C 198 -21.75 10.05 -10.29
N GLY C 199 -21.26 9.89 -9.06
CA GLY C 199 -21.96 9.18 -8.04
C GLY C 199 -21.79 7.69 -8.02
N ASN C 200 -20.84 7.15 -8.75
CA ASN C 200 -20.75 5.70 -8.80
C ASN C 200 -20.33 5.05 -7.49
N PHE C 201 -21.06 4.07 -7.02
CA PHE C 201 -20.82 3.50 -5.70
C PHE C 201 -19.39 2.93 -5.58
N ARG C 202 -18.79 2.52 -6.68
CA ARG C 202 -17.48 1.90 -6.63
C ARG C 202 -16.33 2.87 -6.84
N ALA C 203 -16.59 3.88 -7.65
CA ALA C 203 -15.72 5.00 -7.88
C ALA C 203 -15.50 5.79 -6.61
N ALA C 204 -16.44 5.69 -5.71
CA ALA C 204 -16.36 6.32 -4.42
C ALA C 204 -15.45 5.65 -3.41
N ARG C 205 -14.74 4.61 -3.76
CA ARG C 205 -14.10 3.81 -2.75
C ARG C 205 -12.61 3.98 -2.79
N ALA C 206 -11.98 3.80 -1.66
CA ALA C 206 -10.54 3.94 -1.47
C ALA C 206 -9.70 3.05 -2.36
N ALA C 207 -8.98 3.64 -3.29
CA ALA C 207 -8.26 2.96 -4.33
C ALA C 207 -7.07 2.12 -3.88
N GLY C 208 -6.31 2.63 -2.94
CA GLY C 208 -5.11 1.99 -2.50
C GLY C 208 -5.34 0.76 -1.65
N VAL C 209 -6.54 0.54 -1.20
CA VAL C 209 -6.80 -0.61 -0.35
C VAL C 209 -7.98 -1.48 -0.76
N ASN C 210 -8.34 -1.36 -2.02
CA ASN C 210 -9.37 -2.16 -2.60
C ASN C 210 -9.01 -2.68 -3.98
N THR C 211 -9.53 -3.84 -4.30
CA THR C 211 -9.67 -4.25 -5.65
C THR C 211 -11.08 -3.82 -6.00
N ILE C 212 -11.18 -3.01 -7.04
CA ILE C 212 -12.39 -2.33 -7.46
C ILE C 212 -12.77 -2.52 -8.93
N PRO C 213 -13.88 -3.18 -9.15
CA PRO C 213 -14.41 -3.31 -10.50
C PRO C 213 -14.79 -1.96 -11.10
N HIS C 214 -14.49 -1.83 -12.37
CA HIS C 214 -14.69 -0.65 -13.12
C HIS C 214 -15.04 -0.95 -14.56
N SER C 215 -16.07 -0.28 -15.05
CA SER C 215 -16.47 -0.41 -16.42
C SER C 215 -15.46 0.11 -17.39
N THR C 216 -15.56 -0.33 -18.62
CA THR C 216 -14.63 0.00 -19.63
C THR C 216 -15.31 -0.11 -20.95
N GLY C 217 -14.88 0.67 -21.92
CA GLY C 217 -15.49 0.58 -23.21
C GLY C 217 -14.55 0.16 -24.29
N ALA C 218 -13.30 -0.08 -23.97
CA ALA C 218 -12.32 -0.41 -24.96
C ALA C 218 -12.62 -1.61 -25.86
N ALA C 219 -13.12 -2.69 -25.31
CA ALA C 219 -13.43 -3.88 -26.07
C ALA C 219 -14.64 -3.73 -26.98
N LYS C 220 -15.74 -3.24 -26.44
CA LYS C 220 -16.93 -2.96 -27.22
C LYS C 220 -16.59 -2.10 -28.42
N ALA C 221 -15.69 -1.17 -28.23
CA ALA C 221 -15.39 -0.20 -29.25
C ALA C 221 -14.29 -0.59 -30.19
N LEU C 222 -13.68 -1.74 -29.97
CA LEU C 222 -12.50 -2.13 -30.71
C LEU C 222 -12.80 -2.13 -32.19
N GLY C 223 -14.07 -2.16 -32.52
CA GLY C 223 -14.55 -2.14 -33.88
C GLY C 223 -14.11 -0.95 -34.69
N LEU C 224 -13.96 0.19 -34.03
CA LEU C 224 -13.49 1.37 -34.69
C LEU C 224 -12.04 1.27 -35.17
N VAL C 225 -11.27 0.33 -34.62
CA VAL C 225 -9.86 0.16 -34.97
C VAL C 225 -9.67 -1.04 -35.85
N ILE C 226 -10.36 -2.12 -35.49
CA ILE C 226 -10.33 -3.39 -36.20
C ILE C 226 -11.74 -3.77 -36.56
N PRO C 227 -12.15 -3.45 -37.77
CA PRO C 227 -13.54 -3.56 -38.13
C PRO C 227 -14.06 -4.96 -38.12
N GLU C 228 -13.27 -5.96 -38.39
CA GLU C 228 -13.80 -7.29 -38.32
C GLU C 228 -14.11 -7.74 -36.87
N LEU C 229 -13.64 -7.00 -35.88
CA LEU C 229 -13.85 -7.40 -34.49
C LEU C 229 -15.01 -6.70 -33.85
N ASN C 230 -15.63 -5.81 -34.61
CA ASN C 230 -16.82 -5.10 -34.21
C ASN C 230 -17.84 -6.07 -33.73
N GLY C 231 -18.30 -5.89 -32.50
CA GLY C 231 -19.35 -6.69 -31.95
C GLY C 231 -18.99 -8.01 -31.34
N LYS C 232 -17.70 -8.33 -31.31
CA LYS C 232 -17.22 -9.61 -30.85
C LYS C 232 -16.57 -9.63 -29.48
N LEU C 233 -16.24 -8.45 -28.98
CA LEU C 233 -15.57 -8.30 -27.71
C LEU C 233 -16.29 -7.41 -26.70
N GLN C 234 -16.16 -7.81 -25.45
CA GLN C 234 -16.58 -7.07 -24.29
C GLN C 234 -15.58 -7.22 -23.15
N GLY C 235 -15.68 -6.41 -22.14
CA GLY C 235 -14.83 -6.54 -20.99
C GLY C 235 -15.02 -5.53 -19.89
N HIS C 236 -14.15 -5.58 -18.92
CA HIS C 236 -14.20 -4.73 -17.79
C HIS C 236 -12.87 -4.63 -17.14
N ALA C 237 -12.80 -3.89 -16.06
CA ALA C 237 -11.58 -3.74 -15.28
C ALA C 237 -11.73 -4.00 -13.79
N GLN C 238 -10.60 -4.35 -13.23
CA GLN C 238 -10.38 -4.39 -11.83
C GLN C 238 -9.26 -3.42 -11.56
N ARG C 239 -9.56 -2.37 -10.83
CA ARG C 239 -8.60 -1.40 -10.39
C ARG C 239 -7.99 -1.91 -9.10
N VAL C 240 -6.69 -2.00 -9.07
CA VAL C 240 -5.97 -2.55 -7.95
C VAL C 240 -4.89 -1.62 -7.41
N GLY C 241 -4.34 -1.98 -6.27
CA GLY C 241 -3.56 -1.08 -5.47
C GLY C 241 -2.13 -0.78 -5.80
N VAL C 242 -1.81 -0.58 -7.07
CA VAL C 242 -0.51 -0.11 -7.50
C VAL C 242 -0.64 1.19 -8.29
N VAL C 243 0.37 2.06 -8.25
CA VAL C 243 0.27 3.35 -8.89
C VAL C 243 0.33 3.38 -10.43
N ASP C 244 0.85 2.32 -11.01
CA ASP C 244 1.00 2.20 -12.44
C ASP C 244 1.44 0.82 -12.82
N GLY C 245 1.14 0.45 -14.06
CA GLY C 245 1.43 -0.83 -14.61
C GLY C 245 0.22 -1.71 -14.57
N SER C 246 -0.23 -2.16 -15.72
CA SER C 246 -1.43 -2.95 -15.88
C SER C 246 -1.26 -4.15 -16.78
N LEU C 247 -2.26 -5.01 -16.78
CA LEU C 247 -2.31 -6.18 -17.67
C LEU C 247 -3.72 -6.54 -18.06
N THR C 248 -3.86 -7.08 -19.24
CA THR C 248 -5.14 -7.45 -19.78
C THR C 248 -5.16 -8.92 -20.05
N GLU C 249 -6.17 -9.63 -19.58
CA GLU C 249 -6.42 -10.99 -19.98
C GLU C 249 -7.56 -11.04 -20.96
N LEU C 250 -7.30 -11.67 -22.08
CA LEU C 250 -8.29 -11.96 -23.10
C LEU C 250 -8.60 -13.44 -23.15
N VAL C 251 -9.87 -13.77 -23.05
CA VAL C 251 -10.38 -15.10 -23.19
C VAL C 251 -11.28 -15.14 -24.39
N ALA C 252 -10.93 -15.98 -25.33
CA ALA C 252 -11.58 -15.99 -26.61
C ALA C 252 -11.88 -17.38 -27.11
N ILE C 253 -12.92 -17.50 -27.91
CA ILE C 253 -13.18 -18.66 -28.71
C ILE C 253 -12.67 -18.37 -30.09
N LEU C 254 -11.90 -19.27 -30.64
CA LEU C 254 -11.26 -19.05 -31.91
C LEU C 254 -11.84 -19.96 -32.98
N ASP C 255 -11.52 -19.68 -34.23
CA ASP C 255 -11.96 -20.44 -35.37
C ASP C 255 -11.19 -21.74 -35.51
N LYS C 256 -9.93 -21.72 -35.08
CA LYS C 256 -9.05 -22.88 -35.10
C LYS C 256 -8.77 -23.50 -33.75
N LYS C 257 -8.46 -24.79 -33.77
CA LYS C 257 -7.93 -25.47 -32.63
C LYS C 257 -6.48 -25.09 -32.56
N VAL C 258 -5.96 -24.99 -31.34
CA VAL C 258 -4.62 -24.55 -31.11
C VAL C 258 -4.08 -25.19 -29.85
N THR C 259 -2.79 -25.06 -29.66
CA THR C 259 -2.19 -25.28 -28.36
C THR C 259 -1.55 -24.01 -27.84
N ALA C 260 -1.25 -23.97 -26.57
CA ALA C 260 -0.60 -22.83 -26.02
C ALA C 260 0.69 -22.50 -26.76
N ASP C 261 1.52 -23.48 -27.05
CA ASP C 261 2.75 -23.26 -27.79
C ASP C 261 2.52 -22.67 -29.18
N GLU C 262 1.53 -23.16 -29.90
CA GLU C 262 1.17 -22.64 -31.20
C GLU C 262 0.78 -21.16 -31.15
N VAL C 263 -0.06 -20.80 -30.20
CA VAL C 263 -0.53 -19.45 -30.02
C VAL C 263 0.63 -18.52 -29.73
N ASN C 264 1.53 -18.98 -28.91
CA ASN C 264 2.67 -18.21 -28.53
C ASN C 264 3.60 -17.95 -29.69
N ALA C 265 3.94 -18.99 -30.43
CA ALA C 265 4.75 -18.87 -31.63
C ALA C 265 4.17 -17.92 -32.63
N ALA C 266 2.89 -18.05 -32.88
CA ALA C 266 2.14 -17.21 -33.80
C ALA C 266 2.07 -15.74 -33.44
N ILE C 267 1.79 -15.46 -32.19
CA ILE C 267 1.78 -14.08 -31.74
C ILE C 267 3.17 -13.47 -31.66
N LYS C 268 4.14 -14.24 -31.21
CA LYS C 268 5.50 -13.82 -31.11
C LYS C 268 6.02 -13.28 -32.43
N LYS C 269 5.65 -13.88 -33.54
CA LYS C 269 6.26 -13.43 -34.76
C LYS C 269 5.83 -12.06 -35.20
N HIS C 270 4.73 -11.58 -34.69
CA HIS C 270 4.32 -10.24 -34.98
C HIS C 270 4.94 -9.24 -34.05
N THR C 271 5.72 -9.71 -33.12
CA THR C 271 6.38 -8.78 -32.22
C THR C 271 7.75 -8.40 -32.70
N GLU C 272 8.34 -9.23 -33.54
CA GLU C 272 9.66 -8.99 -34.08
C GLU C 272 9.81 -7.62 -34.71
N GLY C 273 10.73 -6.85 -34.15
CA GLY C 273 10.95 -5.48 -34.53
C GLY C 273 9.79 -4.54 -34.35
N ASN C 274 8.83 -4.96 -33.53
CA ASN C 274 7.63 -4.22 -33.29
C ASN C 274 7.79 -3.41 -32.05
N GLU C 275 7.79 -2.11 -32.27
CA GLU C 275 8.02 -1.15 -31.24
C GLU C 275 6.76 -0.78 -30.54
N SER C 276 5.63 -1.17 -31.10
CA SER C 276 4.36 -0.90 -30.50
C SER C 276 3.80 -2.08 -29.71
N PHE C 277 4.26 -3.29 -30.02
CA PHE C 277 3.74 -4.52 -29.45
C PHE C 277 4.95 -5.40 -29.22
N GLY C 278 5.35 -5.54 -27.96
CA GLY C 278 6.53 -6.26 -27.60
C GLY C 278 6.35 -7.64 -27.02
N TYR C 279 7.43 -8.21 -26.53
CA TYR C 279 7.47 -9.58 -26.10
C TYR C 279 8.34 -9.79 -24.88
N ASN C 280 7.82 -10.46 -23.89
CA ASN C 280 8.60 -10.75 -22.74
C ASN C 280 8.28 -12.07 -22.09
N ASP C 281 9.27 -12.92 -22.05
CA ASP C 281 9.08 -14.22 -21.51
C ASP C 281 9.98 -14.56 -20.32
N ASP C 282 10.43 -13.51 -19.65
CA ASP C 282 11.17 -13.63 -18.42
C ASP C 282 10.38 -13.77 -17.13
N GLU C 283 9.09 -14.02 -17.19
CA GLU C 283 8.25 -14.02 -16.00
C GLU C 283 8.22 -12.72 -15.21
N ILE C 284 7.98 -11.63 -15.88
CA ILE C 284 7.91 -10.31 -15.27
C ILE C 284 6.67 -10.03 -14.44
N VAL C 285 6.68 -8.90 -13.76
CA VAL C 285 5.55 -8.45 -12.99
C VAL C 285 5.29 -7.02 -13.32
N SER C 286 4.16 -6.48 -12.91
CA SER C 286 3.72 -5.15 -13.30
C SER C 286 4.79 -4.06 -13.27
N SER C 287 5.53 -3.97 -12.17
CA SER C 287 6.62 -3.03 -11.99
C SER C 287 7.55 -3.00 -13.15
N ASP C 288 7.76 -4.15 -13.75
CA ASP C 288 8.74 -4.35 -14.78
C ASP C 288 8.40 -3.58 -16.04
N VAL C 289 7.14 -3.26 -16.23
CA VAL C 289 6.71 -2.60 -17.44
C VAL C 289 6.60 -1.10 -17.34
N ILE C 290 6.74 -0.57 -16.14
CA ILE C 290 6.71 0.86 -15.92
C ILE C 290 7.87 1.53 -16.61
N GLY C 291 7.57 2.51 -17.42
CA GLY C 291 8.57 3.16 -18.22
C GLY C 291 8.93 2.47 -19.51
N THR C 292 8.23 1.39 -19.88
CA THR C 292 8.45 0.70 -21.14
C THR C 292 7.78 1.45 -22.27
N THR C 293 8.29 1.29 -23.48
CA THR C 293 7.87 2.13 -24.59
C THR C 293 6.78 1.54 -25.48
N PHE C 294 6.47 0.27 -25.27
CA PHE C 294 5.46 -0.44 -26.03
C PHE C 294 4.06 -0.05 -25.57
N GLY C 295 3.07 -0.19 -26.44
CA GLY C 295 1.71 0.07 -26.08
C GLY C 295 1.22 -1.15 -25.38
N SER C 296 1.93 -2.24 -25.61
CA SER C 296 1.53 -3.54 -25.16
C SER C 296 2.65 -4.56 -25.26
N ILE C 297 2.74 -5.40 -24.26
CA ILE C 297 3.73 -6.44 -24.20
C ILE C 297 3.12 -7.82 -24.00
N PHE C 298 3.23 -8.64 -25.01
CA PHE C 298 2.76 -10.01 -24.96
C PHE C 298 3.57 -10.85 -23.97
N ASP C 299 2.90 -11.60 -23.14
CA ASP C 299 3.52 -12.46 -22.16
C ASP C 299 3.07 -13.90 -22.36
N PRO C 300 3.91 -14.69 -22.96
CA PRO C 300 3.57 -16.05 -23.31
C PRO C 300 3.53 -17.00 -22.15
N THR C 301 4.06 -16.64 -21.01
CA THR C 301 4.06 -17.47 -19.83
C THR C 301 2.71 -17.62 -19.22
N GLN C 302 1.77 -16.78 -19.61
CA GLN C 302 0.45 -16.80 -19.06
C GLN C 302 -0.62 -17.40 -19.98
N THR C 303 -0.23 -17.84 -21.15
CA THR C 303 -1.12 -18.42 -22.13
C THR C 303 -1.70 -19.75 -21.68
N GLU C 304 -2.98 -19.93 -21.91
CA GLU C 304 -3.71 -21.05 -21.47
C GLU C 304 -4.80 -21.41 -22.46
N VAL C 305 -4.78 -22.66 -22.86
CA VAL C 305 -5.80 -23.25 -23.66
C VAL C 305 -6.52 -24.30 -22.87
N THR C 306 -7.82 -24.16 -22.76
CA THR C 306 -8.63 -25.12 -22.11
C THR C 306 -9.60 -25.83 -23.05
N SER C 307 -9.56 -27.15 -23.08
CA SER C 307 -10.47 -27.97 -23.88
C SER C 307 -11.00 -29.25 -23.26
N ASP C 308 -12.23 -29.57 -23.62
CA ASP C 308 -12.88 -30.82 -23.30
C ASP C 308 -13.79 -31.06 -24.46
N GLY C 309 -13.57 -32.21 -25.08
CA GLY C 309 -14.15 -32.50 -26.35
C GLY C 309 -13.59 -31.51 -27.33
N ASP C 310 -14.48 -30.89 -28.07
CA ASP C 310 -14.10 -29.92 -29.07
C ASP C 310 -14.47 -28.51 -28.66
N ASN C 311 -14.60 -28.30 -27.37
CA ASN C 311 -14.83 -26.97 -26.87
C ASN C 311 -13.54 -26.44 -26.35
N GLN C 312 -13.12 -25.30 -26.86
CA GLN C 312 -11.84 -24.74 -26.59
C GLN C 312 -11.92 -23.26 -26.17
N LEU C 313 -11.21 -22.91 -25.11
CA LEU C 313 -11.09 -21.55 -24.64
C LEU C 313 -9.64 -21.20 -24.58
N VAL C 314 -9.33 -20.00 -25.03
CA VAL C 314 -8.00 -19.52 -25.13
C VAL C 314 -7.74 -18.24 -24.37
N LYS C 315 -6.79 -18.28 -23.47
CA LYS C 315 -6.43 -17.11 -22.71
C LYS C 315 -5.02 -16.59 -23.03
N THR C 316 -4.98 -15.34 -23.42
CA THR C 316 -3.73 -14.69 -23.68
C THR C 316 -3.67 -13.45 -22.84
N VAL C 317 -2.47 -12.96 -22.61
CA VAL C 317 -2.20 -11.90 -21.66
C VAL C 317 -1.10 -10.97 -22.14
N ALA C 318 -1.35 -9.67 -22.04
CA ALA C 318 -0.35 -8.65 -22.31
C ALA C 318 -0.26 -7.57 -21.23
N TRP C 319 0.95 -7.13 -20.95
CA TRP C 319 1.23 -6.09 -19.98
C TRP C 319 1.35 -4.80 -20.66
N TYR C 320 1.10 -3.72 -19.94
CA TYR C 320 1.39 -2.36 -20.37
C TYR C 320 1.52 -1.30 -19.28
N ASP C 321 2.35 -0.31 -19.54
CA ASP C 321 2.38 0.87 -18.70
C ASP C 321 1.29 1.77 -19.21
N ASN C 322 0.16 1.81 -18.52
CA ASN C 322 -1.01 2.57 -18.93
C ASN C 322 -0.81 4.06 -19.10
N GLU C 323 0.26 4.57 -18.56
CA GLU C 323 0.63 5.92 -18.82
C GLU C 323 1.68 6.01 -19.92
N TYR C 324 2.84 5.45 -19.69
CA TYR C 324 3.96 5.59 -20.57
C TYR C 324 3.83 4.99 -21.95
N GLY C 325 3.26 3.80 -22.04
CA GLY C 325 2.97 3.10 -23.31
C GLY C 325 2.01 3.89 -24.19
N PHE C 326 0.88 4.24 -23.62
CA PHE C 326 -0.12 5.06 -24.27
C PHE C 326 0.52 6.32 -24.86
N THR C 327 1.28 7.02 -24.04
CA THR C 327 1.88 8.26 -24.46
C THR C 327 2.90 8.03 -25.58
N CYS C 328 3.70 6.99 -25.48
CA CYS C 328 4.67 6.73 -26.50
C CYS C 328 3.95 6.33 -27.81
N GLN C 329 2.83 5.63 -27.71
CA GLN C 329 1.97 5.39 -28.85
C GLN C 329 1.43 6.67 -29.46
N MET C 330 0.99 7.60 -28.63
CA MET C 330 0.55 8.87 -29.14
C MET C 330 1.60 9.62 -29.92
N VAL C 331 2.81 9.64 -29.42
CA VAL C 331 3.88 10.37 -30.05
C VAL C 331 4.15 9.76 -31.44
N ARG C 332 4.21 8.45 -31.52
CA ARG C 332 4.46 7.77 -32.75
C ARG C 332 3.45 8.23 -33.80
N THR C 333 2.23 8.49 -33.35
CA THR C 333 1.18 8.96 -34.23
C THR C 333 1.38 10.41 -34.61
N LEU C 334 1.81 11.24 -33.68
CA LEU C 334 2.14 12.63 -33.98
C LEU C 334 3.21 12.73 -35.06
N LEU C 335 4.23 11.90 -34.94
CA LEU C 335 5.29 11.91 -35.90
C LEU C 335 4.75 11.52 -37.28
N LYS C 336 3.76 10.64 -37.32
CA LYS C 336 3.22 10.15 -38.57
C LYS C 336 2.34 11.17 -39.25
N PHE C 337 1.67 11.97 -38.48
CA PHE C 337 1.03 13.15 -38.97
C PHE C 337 1.87 13.93 -39.94
N ALA C 338 3.19 13.90 -39.78
CA ALA C 338 4.09 14.74 -40.53
C ALA C 338 4.24 14.28 -41.95
N THR C 339 4.21 12.98 -42.14
CA THR C 339 4.40 12.39 -43.44
C THR C 339 3.18 12.51 -44.30
N LEU C 340 2.33 13.49 -44.02
CA LEU C 340 0.97 13.41 -44.51
C LEU C 340 0.46 14.75 -45.02
N MET D 1 -20.55 -33.22 27.15
CA MET D 1 -20.80 -34.14 26.00
C MET D 1 -19.81 -33.97 24.82
N SER D 2 -18.85 -33.04 24.93
CA SER D 2 -18.11 -32.50 23.74
C SER D 2 -16.83 -33.20 23.22
N VAL D 3 -16.63 -33.05 21.91
CA VAL D 3 -15.43 -33.54 21.18
C VAL D 3 -14.30 -32.47 21.24
N LYS D 4 -13.17 -32.92 21.76
CA LYS D 4 -12.05 -32.06 22.13
C LYS D 4 -11.10 -31.82 20.93
N ILE D 5 -10.89 -30.56 20.57
CA ILE D 5 -10.05 -30.20 19.44
C ILE D 5 -8.65 -29.72 19.76
N GLY D 6 -7.66 -30.39 19.19
CA GLY D 6 -6.29 -29.93 19.15
C GLY D 6 -5.91 -29.24 17.86
N ILE D 7 -5.20 -28.13 17.96
CA ILE D 7 -4.76 -27.40 16.80
C ILE D 7 -3.26 -27.47 16.59
N ASN D 8 -2.85 -28.10 15.52
CA ASN D 8 -1.48 -28.14 15.16
C ASN D 8 -1.15 -27.02 14.21
N GLY D 9 -0.34 -26.08 14.65
CA GLY D 9 0.05 -24.94 13.87
C GLY D 9 -0.81 -23.72 14.15
N PHE D 10 -0.35 -22.82 14.99
CA PHE D 10 -1.10 -21.63 15.33
C PHE D 10 -0.72 -20.47 14.46
N GLY D 11 -0.77 -20.68 13.16
CA GLY D 11 -0.55 -19.64 12.19
C GLY D 11 -1.78 -18.80 11.98
N ARG D 12 -1.86 -18.08 10.88
CA ARG D 12 -2.98 -17.18 10.68
C ARG D 12 -4.31 -17.93 10.69
N ILE D 13 -4.37 -18.99 9.92
CA ILE D 13 -5.55 -19.78 9.80
C ILE D 13 -5.92 -20.46 11.11
N GLY D 14 -4.98 -21.07 11.78
CA GLY D 14 -5.24 -21.68 13.07
C GLY D 14 -5.74 -20.73 14.13
N ARG D 15 -5.24 -19.51 14.13
CA ARG D 15 -5.68 -18.51 15.06
C ARG D 15 -7.08 -18.02 14.72
N LEU D 16 -7.41 -17.87 13.46
CA LEU D 16 -8.72 -17.46 13.05
C LEU D 16 -9.76 -18.51 13.40
N ALA D 17 -9.39 -19.78 13.33
CA ALA D 17 -10.23 -20.91 13.69
C ALA D 17 -10.59 -20.86 15.15
N PHE D 18 -9.60 -20.59 15.98
CA PHE D 18 -9.76 -20.33 17.38
C PHE D 18 -10.71 -19.19 17.59
N ARG D 19 -10.54 -18.08 16.87
CA ARG D 19 -11.44 -16.91 17.15
C ARG D 19 -12.87 -17.29 16.74
N ARG D 20 -12.95 -18.03 15.63
CA ARG D 20 -14.23 -18.44 15.11
C ARG D 20 -14.93 -19.43 16.07
N ILE D 21 -14.19 -20.41 16.58
CA ILE D 21 -14.72 -21.35 17.55
C ILE D 21 -15.09 -20.64 18.84
N LEU D 22 -14.29 -19.69 19.30
CA LEU D 22 -14.62 -18.86 20.44
C LEU D 22 -15.89 -18.06 20.22
N GLU D 23 -16.05 -17.49 19.07
CA GLU D 23 -17.21 -16.69 18.81
C GLU D 23 -18.50 -17.50 18.73
N LEU D 24 -18.45 -18.67 18.13
CA LEU D 24 -19.66 -19.43 17.97
C LEU D 24 -20.24 -19.72 19.32
N GLY D 25 -19.42 -19.66 20.35
CA GLY D 25 -19.92 -19.82 21.69
C GLY D 25 -20.80 -20.99 21.45
N GLU D 26 -21.86 -21.14 22.22
CA GLU D 26 -22.65 -22.40 22.33
C GLU D 26 -22.96 -23.06 20.99
N GLU D 32 -15.07 -26.46 20.70
CA GLU D 32 -14.18 -26.18 21.83
C GLU D 32 -12.76 -26.75 21.77
N VAL D 33 -11.80 -25.88 21.54
CA VAL D 33 -10.39 -26.21 21.57
C VAL D 33 -9.92 -26.44 22.98
N VAL D 34 -9.00 -27.38 23.17
CA VAL D 34 -8.43 -27.65 24.48
C VAL D 34 -6.91 -27.69 24.52
N ALA D 35 -6.28 -27.49 23.37
CA ALA D 35 -4.85 -27.54 23.26
C ALA D 35 -4.36 -27.11 21.89
N ILE D 36 -3.12 -26.67 21.84
CA ILE D 36 -2.46 -26.16 20.68
C ILE D 36 -1.06 -26.75 20.60
N ASN D 37 -0.51 -26.82 19.42
CA ASN D 37 0.84 -27.25 19.26
C ASN D 37 1.51 -26.34 18.28
N ASP D 38 2.64 -25.78 18.65
CA ASP D 38 3.28 -24.74 17.91
C ASP D 38 4.67 -24.45 18.41
N LEU D 39 5.50 -23.98 17.51
CA LEU D 39 6.88 -23.75 17.74
C LEU D 39 7.20 -22.38 18.32
N THR D 40 6.27 -21.47 18.20
CA THR D 40 6.46 -20.11 18.58
C THR D 40 6.12 -19.94 20.05
N SER D 41 6.76 -19.02 20.72
CA SER D 41 6.45 -18.77 22.12
C SER D 41 5.01 -18.38 22.35
N PRO D 42 4.43 -18.87 23.42
CA PRO D 42 3.07 -18.52 23.80
C PRO D 42 2.81 -17.04 23.90
N ALA D 43 3.78 -16.28 24.35
CA ALA D 43 3.64 -14.85 24.39
C ALA D 43 3.38 -14.21 23.04
N LEU D 44 4.15 -14.55 22.02
CA LEU D 44 3.92 -14.00 20.71
C LEU D 44 2.62 -14.49 20.16
N LEU D 45 2.28 -15.72 20.46
CA LEU D 45 1.08 -16.29 19.92
C LEU D 45 -0.15 -15.61 20.51
N ALA D 46 -0.15 -15.39 21.80
CA ALA D 46 -1.20 -14.66 22.44
C ALA D 46 -1.34 -13.28 21.86
N HIS D 47 -0.23 -12.65 21.55
CA HIS D 47 -0.21 -11.33 21.00
C HIS D 47 -0.82 -11.28 19.64
N LEU D 48 -0.49 -12.26 18.82
CA LEU D 48 -1.00 -12.37 17.49
C LEU D 48 -2.43 -12.83 17.46
N LEU D 49 -2.88 -13.48 18.51
CA LEU D 49 -4.27 -13.82 18.68
C LEU D 49 -5.07 -12.59 19.08
N LYS D 50 -4.49 -11.76 19.91
CA LYS D 50 -5.16 -10.58 20.39
C LYS D 50 -5.20 -9.51 19.33
N TYR D 51 -4.08 -9.26 18.70
CA TYR D 51 -3.98 -8.22 17.71
C TYR D 51 -3.80 -8.72 16.29
N ASP D 52 -4.51 -8.12 15.36
CA ASP D 52 -4.41 -8.46 13.94
C ASP D 52 -4.62 -7.28 13.00
N SER D 53 -3.72 -7.12 12.07
CA SER D 53 -3.72 -6.00 11.21
C SER D 53 -4.82 -6.11 10.18
N THR D 54 -5.32 -7.29 9.96
CA THR D 54 -6.42 -7.51 9.07
C THR D 54 -7.74 -7.63 9.75
N HIS D 55 -7.84 -8.44 10.79
CA HIS D 55 -9.11 -8.76 11.35
C HIS D 55 -9.45 -8.08 12.63
N GLY D 56 -8.64 -7.14 13.03
CA GLY D 56 -8.88 -6.38 14.23
C GLY D 56 -8.55 -7.04 15.55
N THR D 57 -8.86 -6.35 16.63
CA THR D 57 -8.55 -6.76 17.97
C THR D 57 -9.61 -7.68 18.56
N LEU D 58 -9.21 -8.85 18.98
CA LEU D 58 -10.13 -9.78 19.59
C LEU D 58 -10.74 -9.20 20.85
N ASN D 59 -12.05 -9.20 20.95
CA ASN D 59 -12.72 -8.72 22.12
C ASN D 59 -12.83 -9.81 23.18
N ALA D 60 -11.73 -10.10 23.83
CA ALA D 60 -11.64 -11.10 24.85
C ALA D 60 -10.41 -10.78 25.63
N ASP D 61 -10.33 -11.24 26.86
CA ASP D 61 -9.14 -11.06 27.65
C ASP D 61 -8.14 -12.13 27.29
N VAL D 62 -7.04 -11.75 26.66
CA VAL D 62 -6.01 -12.66 26.24
C VAL D 62 -4.71 -12.43 27.00
N SER D 63 -4.08 -13.51 27.42
CA SER D 63 -2.79 -13.45 28.08
C SER D 63 -1.99 -14.72 27.84
N ALA D 64 -0.76 -14.74 28.26
CA ALA D 64 0.07 -15.89 28.01
C ALA D 64 0.80 -16.36 29.24
N THR D 65 1.18 -17.60 29.28
CA THR D 65 2.06 -18.04 30.32
C THR D 65 3.28 -18.62 29.68
N ASP D 66 4.07 -19.34 30.43
CA ASP D 66 5.28 -19.95 29.91
C ASP D 66 5.01 -21.12 29.01
N ASP D 67 3.86 -21.72 29.17
CA ASP D 67 3.50 -22.88 28.41
C ASP D 67 2.05 -22.93 27.94
N SER D 68 1.36 -21.80 27.98
CA SER D 68 -0.01 -21.73 27.56
C SER D 68 -0.45 -20.32 27.17
N ILE D 69 -1.61 -20.20 26.58
CA ILE D 69 -2.28 -18.94 26.45
C ILE D 69 -3.63 -19.01 27.12
N VAL D 70 -4.06 -17.93 27.73
CA VAL D 70 -5.29 -17.85 28.47
C VAL D 70 -6.24 -16.86 27.80
N VAL D 71 -7.48 -17.27 27.58
CA VAL D 71 -8.50 -16.44 27.00
C VAL D 71 -9.75 -16.57 27.88
N ASN D 72 -10.19 -15.47 28.43
CA ASN D 72 -11.36 -15.43 29.27
C ASN D 72 -11.35 -16.48 30.38
N GLY D 73 -10.21 -16.68 31.00
CA GLY D 73 -10.08 -17.56 32.12
C GLY D 73 -9.92 -19.03 31.81
N LYS D 74 -9.92 -19.36 30.54
CA LYS D 74 -9.75 -20.72 30.08
C LYS D 74 -8.32 -20.94 29.65
N ASN D 75 -7.77 -22.06 30.02
CA ASN D 75 -6.39 -22.36 29.76
C ASN D 75 -6.22 -23.28 28.54
N TYR D 76 -5.36 -22.85 27.64
CA TYR D 76 -5.10 -23.54 26.40
C TYR D 76 -3.65 -23.86 26.28
N ARG D 77 -3.29 -25.06 26.66
CA ARG D 77 -1.94 -25.51 26.69
C ARG D 77 -1.30 -25.53 25.30
N VAL D 78 -0.09 -25.01 25.22
CA VAL D 78 0.67 -24.94 23.99
C VAL D 78 1.88 -25.84 24.01
N TYR D 79 1.80 -26.97 23.36
CA TYR D 79 2.94 -27.84 23.22
C TYR D 79 3.84 -27.29 22.15
N ALA D 80 5.05 -27.77 22.15
CA ALA D 80 6.05 -27.37 21.22
C ALA D 80 6.75 -28.59 20.69
N GLU D 81 6.03 -29.52 20.10
CA GLU D 81 6.65 -30.72 19.60
C GLU D 81 6.80 -30.58 18.12
N PRO D 82 8.01 -30.67 17.60
CA PRO D 82 8.22 -30.51 16.17
C PRO D 82 7.63 -31.65 15.42
N GLN D 83 7.54 -32.81 16.06
CA GLN D 83 7.02 -33.97 15.41
C GLN D 83 5.64 -34.34 15.91
N ALA D 84 4.71 -34.37 14.99
CA ALA D 84 3.32 -34.49 15.36
C ALA D 84 3.01 -35.73 16.18
N GLN D 85 3.76 -36.79 16.00
CA GLN D 85 3.43 -38.04 16.63
C GLN D 85 3.59 -37.99 18.13
N ASN D 86 4.43 -37.06 18.59
CA ASN D 86 4.73 -36.90 20.00
C ASN D 86 3.82 -35.98 20.77
N ILE D 87 2.95 -35.27 20.09
CA ILE D 87 2.04 -34.42 20.81
C ILE D 87 1.11 -35.27 21.63
N PRO D 88 1.00 -34.97 22.91
CA PRO D 88 0.30 -35.79 23.88
C PRO D 88 -1.01 -35.27 24.28
N TRP D 89 -1.70 -34.54 23.43
CA TRP D 89 -2.87 -33.88 23.84
C TRP D 89 -4.06 -34.78 23.88
N VAL D 90 -3.86 -36.07 23.68
CA VAL D 90 -4.99 -36.99 23.70
C VAL D 90 -5.23 -37.39 25.13
N LYS D 91 -4.24 -38.03 25.72
CA LYS D 91 -4.20 -38.26 27.16
C LYS D 91 -4.35 -36.93 27.95
N ASN D 92 -3.30 -36.12 27.96
CA ASN D 92 -3.26 -34.88 28.72
C ASN D 92 -4.54 -34.08 28.63
N ASP D 93 -4.96 -33.75 27.42
CA ASP D 93 -6.09 -32.87 27.28
C ASP D 93 -7.30 -33.48 26.61
N GLY D 94 -7.25 -34.79 26.37
CA GLY D 94 -8.39 -35.55 25.92
C GLY D 94 -8.80 -35.40 24.49
N VAL D 95 -7.93 -34.79 23.71
CA VAL D 95 -8.19 -34.42 22.33
C VAL D 95 -8.91 -35.50 21.55
N ASP D 96 -9.90 -35.12 20.77
CA ASP D 96 -10.60 -36.06 19.94
C ASP D 96 -10.28 -35.75 18.50
N PHE D 97 -9.99 -34.51 18.20
CA PHE D 97 -9.93 -34.13 16.83
C PHE D 97 -8.81 -33.19 16.58
N VAL D 98 -8.05 -33.40 15.53
CA VAL D 98 -6.97 -32.50 15.23
C VAL D 98 -7.21 -31.63 14.04
N LEU D 99 -7.08 -30.34 14.22
CA LEU D 99 -7.16 -29.42 13.14
C LEU D 99 -5.74 -29.14 12.72
N GLU D 100 -5.41 -29.44 11.49
CA GLU D 100 -4.02 -29.39 11.08
C GLU D 100 -3.74 -28.29 10.08
N CYS D 101 -3.02 -27.26 10.48
CA CYS D 101 -2.72 -26.12 9.63
C CYS D 101 -1.29 -25.68 9.53
N THR D 102 -0.35 -26.59 9.40
CA THR D 102 1.05 -26.21 9.33
C THR D 102 1.57 -26.06 7.90
N GLY D 103 1.01 -26.82 6.98
CA GLY D 103 1.56 -26.97 5.66
C GLY D 103 2.47 -28.17 5.49
N PHE D 104 2.92 -28.77 6.60
CA PHE D 104 3.91 -29.84 6.56
C PHE D 104 3.32 -31.24 6.65
N TYR D 105 2.03 -31.29 6.74
CA TYR D 105 1.27 -32.51 6.73
C TYR D 105 0.26 -32.00 5.80
N THR D 106 0.00 -32.79 4.78
CA THR D 106 -0.69 -32.37 3.58
C THR D 106 -0.79 -33.62 2.75
N SER D 107 -1.06 -34.70 3.44
CA SER D 107 -1.34 -35.91 2.78
C SER D 107 -1.73 -36.87 3.81
N LYS D 108 -2.45 -37.87 3.35
CA LYS D 108 -2.93 -38.97 4.15
C LYS D 108 -1.75 -39.62 4.82
N ALA D 109 -0.74 -39.93 4.03
CA ALA D 109 0.49 -40.44 4.56
C ALA D 109 0.93 -39.74 5.82
N LYS D 110 1.20 -38.45 5.73
CA LYS D 110 1.78 -37.71 6.85
C LYS D 110 0.85 -37.32 7.97
N SER D 111 -0.45 -37.20 7.72
CA SER D 111 -1.35 -36.82 8.79
C SER D 111 -1.68 -38.03 9.62
N GLN D 112 -1.14 -39.18 9.24
CA GLN D 112 -1.35 -40.42 9.95
C GLN D 112 -0.67 -40.30 11.30
N ALA D 113 0.32 -39.44 11.38
CA ALA D 113 0.93 -39.20 12.65
C ALA D 113 -0.10 -38.84 13.73
N HIS D 114 -1.15 -38.12 13.40
CA HIS D 114 -2.07 -37.68 14.42
C HIS D 114 -2.87 -38.82 14.94
N LEU D 115 -3.19 -39.77 14.08
CA LEU D 115 -3.96 -40.92 14.50
C LEU D 115 -3.07 -41.89 15.25
N ASP D 116 -1.78 -41.86 14.96
CA ASP D 116 -0.84 -42.70 15.66
C ASP D 116 -0.73 -42.27 17.10
N ALA D 117 -1.29 -41.13 17.43
CA ALA D 117 -1.10 -40.58 18.73
C ALA D 117 -2.39 -40.36 19.46
N GLY D 118 -3.46 -40.98 18.96
CA GLY D 118 -4.73 -41.04 19.64
C GLY D 118 -5.94 -40.33 19.04
N ALA D 119 -5.75 -39.54 18.01
CA ALA D 119 -6.83 -38.70 17.48
C ALA D 119 -7.86 -39.49 16.70
N LYS D 120 -9.13 -39.11 16.82
CA LYS D 120 -10.19 -39.74 16.07
C LYS D 120 -10.15 -39.34 14.61
N ARG D 121 -10.10 -38.04 14.36
CA ARG D 121 -10.22 -37.50 13.01
C ARG D 121 -9.30 -36.32 12.80
N VAL D 122 -9.03 -36.01 11.55
CA VAL D 122 -8.07 -34.99 11.20
C VAL D 122 -8.54 -34.26 9.99
N LEU D 123 -8.56 -32.95 10.11
CA LEU D 123 -8.92 -32.11 9.03
C LEU D 123 -7.70 -31.37 8.58
N ILE D 124 -7.38 -31.51 7.31
CA ILE D 124 -6.29 -30.81 6.69
C ILE D 124 -6.79 -29.85 5.66
N SER D 125 -5.88 -29.18 5.00
CA SER D 125 -6.24 -28.30 3.91
C SER D 125 -5.30 -28.27 2.71
N ALA D 126 -5.77 -28.76 1.57
CA ALA D 126 -5.13 -28.54 0.27
C ALA D 126 -4.59 -29.81 -0.34
N GLY D 129 -4.26 -34.39 -1.30
CA GLY D 129 -4.11 -35.39 -2.32
C GLY D 129 -5.35 -35.99 -2.96
N SER D 130 -5.20 -37.17 -3.51
CA SER D 130 -6.28 -37.84 -4.22
C SER D 130 -6.76 -39.11 -3.53
N ASP D 131 -6.04 -39.57 -2.53
CA ASP D 131 -6.44 -40.77 -1.81
C ASP D 131 -7.25 -40.42 -0.59
N LEU D 132 -7.75 -39.19 -0.56
CA LEU D 132 -8.63 -38.72 0.49
C LEU D 132 -9.66 -37.73 -0.01
N LYS D 133 -10.77 -37.65 0.70
CA LYS D 133 -11.85 -36.78 0.34
C LYS D 133 -11.52 -35.33 0.57
N THR D 134 -11.78 -34.52 -0.42
CA THR D 134 -11.71 -33.09 -0.30
C THR D 134 -13.11 -32.60 -0.13
N ILE D 135 -13.38 -31.98 0.99
CA ILE D 135 -14.69 -31.49 1.33
C ILE D 135 -14.83 -29.96 1.29
N VAL D 136 -15.78 -29.46 0.50
CA VAL D 136 -16.20 -28.07 0.53
C VAL D 136 -17.58 -28.05 1.12
N TYR D 137 -17.71 -27.51 2.31
CA TYR D 137 -18.97 -27.55 2.99
C TYR D 137 -20.05 -26.86 2.22
N ASN D 138 -21.21 -27.49 2.18
CA ASN D 138 -22.35 -27.12 1.37
C ASN D 138 -22.22 -27.33 -0.11
N VAL D 139 -21.22 -28.06 -0.54
CA VAL D 139 -21.20 -28.59 -1.88
C VAL D 139 -21.18 -30.14 -1.87
N ASN D 140 -20.28 -30.73 -1.11
CA ASN D 140 -20.21 -32.17 -1.02
C ASN D 140 -19.93 -32.78 0.34
N ASP D 141 -20.30 -32.13 1.44
CA ASP D 141 -20.03 -32.71 2.75
C ASP D 141 -20.85 -33.94 3.05
N ASP D 142 -21.80 -34.23 2.19
CA ASP D 142 -22.63 -35.41 2.27
C ASP D 142 -21.83 -36.68 2.08
N ILE D 143 -20.78 -36.64 1.30
CA ILE D 143 -19.97 -37.82 1.10
C ILE D 143 -19.18 -38.25 2.32
N LEU D 144 -19.18 -37.49 3.38
CA LEU D 144 -18.44 -37.90 4.56
C LEU D 144 -19.12 -39.07 5.23
N THR D 145 -18.33 -39.96 5.79
CA THR D 145 -18.85 -41.09 6.55
C THR D 145 -18.02 -41.33 7.82
N ALA D 146 -18.49 -42.22 8.67
CA ALA D 146 -17.81 -42.52 9.92
C ALA D 146 -16.51 -43.23 9.68
N ASP D 147 -16.32 -43.72 8.48
CA ASP D 147 -15.10 -44.40 8.17
C ASP D 147 -13.98 -43.44 7.94
N ASP D 148 -14.30 -42.19 7.72
CA ASP D 148 -13.31 -41.24 7.30
C ASP D 148 -12.46 -40.78 8.46
N ARG D 149 -11.16 -40.77 8.28
CA ARG D 149 -10.30 -40.38 9.37
C ARG D 149 -9.53 -39.11 9.09
N ILE D 150 -9.13 -38.92 7.85
CA ILE D 150 -8.37 -37.80 7.45
C ILE D 150 -9.05 -37.20 6.25
N VAL D 151 -9.29 -35.92 6.27
CA VAL D 151 -10.05 -35.25 5.28
C VAL D 151 -9.46 -33.91 5.03
N SER D 152 -9.47 -33.48 3.79
CA SER D 152 -9.00 -32.19 3.37
C SER D 152 -10.18 -31.23 3.20
N ALA D 153 -10.04 -30.04 3.74
CA ALA D 153 -10.97 -28.96 3.51
C ALA D 153 -10.76 -28.27 2.17
N GLY D 154 -9.79 -28.70 1.41
CA GLY D 154 -9.45 -28.05 0.18
C GLY D 154 -8.76 -26.74 0.49
N SER D 155 -8.57 -25.91 -0.52
CA SER D 155 -7.90 -24.64 -0.37
C SER D 155 -8.85 -23.47 -0.30
N CYS D 156 -8.30 -22.32 0.01
CA CYS D 156 -9.09 -21.14 0.13
C CYS D 156 -9.80 -20.88 -1.17
N THR D 157 -9.11 -21.00 -2.27
CA THR D 157 -9.67 -20.79 -3.55
C THR D 157 -10.75 -21.83 -3.90
N THR D 158 -10.50 -23.08 -3.61
CA THR D 158 -11.46 -24.13 -3.87
C THR D 158 -12.80 -23.90 -3.21
N ASN D 159 -12.79 -23.38 -2.00
CA ASN D 159 -13.99 -23.05 -1.31
C ASN D 159 -14.72 -21.86 -1.87
N CYS D 160 -14.09 -21.05 -2.70
CA CYS D 160 -14.84 -20.00 -3.36
C CYS D 160 -15.38 -20.49 -4.69
N LEU D 161 -14.49 -21.04 -5.49
CA LEU D 161 -14.82 -21.57 -6.80
C LEU D 161 -15.84 -22.73 -6.81
N ALA D 162 -15.74 -23.67 -5.90
CA ALA D 162 -16.63 -24.81 -5.89
C ALA D 162 -18.10 -24.45 -6.03
N PRO D 163 -18.66 -23.69 -5.09
CA PRO D 163 -20.08 -23.42 -5.13
C PRO D 163 -20.52 -22.66 -6.37
N LEU D 164 -19.79 -21.66 -6.79
CA LEU D 164 -20.12 -20.98 -8.00
C LEU D 164 -20.20 -21.93 -9.16
N ALA D 165 -19.18 -22.74 -9.33
CA ALA D 165 -19.07 -23.65 -10.45
C ALA D 165 -20.07 -24.76 -10.37
N PHE D 166 -20.32 -25.26 -9.19
CA PHE D 166 -21.31 -26.27 -8.97
C PHE D 166 -22.70 -25.83 -9.42
N PHE D 167 -23.11 -24.66 -8.98
CA PHE D 167 -24.42 -24.14 -9.26
C PHE D 167 -24.55 -23.62 -10.70
N GLU D 168 -23.54 -22.96 -11.22
CA GLU D 168 -23.56 -22.56 -12.60
C GLU D 168 -23.66 -23.78 -13.50
N ASN D 169 -23.00 -24.87 -13.16
CA ASN D 169 -23.01 -26.07 -14.00
C ASN D 169 -24.34 -26.80 -13.94
N LYS D 170 -24.83 -26.98 -12.74
CA LYS D 170 -26.17 -27.41 -12.42
C LYS D 170 -27.27 -26.76 -13.29
N GLU D 171 -27.28 -25.45 -13.39
CA GLU D 171 -28.34 -24.76 -14.11
C GLU D 171 -28.13 -24.62 -15.61
N PHE D 172 -26.88 -24.51 -16.05
CA PHE D 172 -26.60 -24.22 -17.43
C PHE D 172 -25.62 -25.14 -18.11
N GLY D 173 -24.89 -25.93 -17.36
CA GLY D 173 -23.90 -26.82 -17.90
C GLY D 173 -22.64 -26.21 -18.44
N ILE D 174 -21.55 -26.34 -17.72
CA ILE D 174 -20.25 -25.81 -18.10
C ILE D 174 -19.55 -26.76 -19.05
N LYS D 175 -19.28 -26.30 -20.24
CA LYS D 175 -18.59 -27.10 -21.21
C LYS D 175 -17.09 -27.04 -20.94
N VAL D 176 -16.53 -25.85 -20.90
CA VAL D 176 -15.18 -25.63 -20.45
C VAL D 176 -15.20 -24.32 -19.71
N GLY D 177 -14.18 -24.05 -18.93
CA GLY D 177 -14.09 -22.82 -18.22
C GLY D 177 -12.70 -22.48 -17.81
N THR D 178 -12.43 -21.20 -17.74
CA THR D 178 -11.23 -20.66 -17.19
C THR D 178 -11.47 -19.57 -16.16
N MET D 179 -10.69 -19.62 -15.11
CA MET D 179 -10.81 -18.68 -14.01
C MET D 179 -9.54 -17.85 -13.82
N THR D 180 -9.69 -16.67 -13.27
CA THR D 180 -8.60 -15.87 -12.78
C THR D 180 -9.05 -15.36 -11.45
N THR D 181 -8.32 -15.67 -10.42
CA THR D 181 -8.58 -15.07 -9.14
C THR D 181 -7.64 -13.91 -8.83
N ILE D 182 -8.21 -12.75 -8.67
CA ILE D 182 -7.51 -11.57 -8.26
C ILE D 182 -7.47 -11.53 -6.74
N HIS D 183 -6.32 -11.90 -6.22
CA HIS D 183 -6.12 -12.42 -4.91
C HIS D 183 -5.23 -11.52 -4.10
N ALA D 184 -5.59 -11.33 -2.85
CA ALA D 184 -4.76 -10.63 -1.90
C ALA D 184 -3.42 -11.30 -1.74
N TYR D 185 -2.40 -10.52 -1.52
CA TYR D 185 -1.11 -11.11 -1.22
C TYR D 185 -1.10 -12.04 0.00
N THR D 186 -0.26 -13.05 0.01
CA THR D 186 -0.20 -13.98 1.10
C THR D 186 1.13 -14.17 1.75
N SER D 187 1.13 -14.96 2.79
CA SER D 187 2.31 -15.29 3.58
C SER D 187 3.44 -15.85 2.78
N THR D 188 3.13 -16.56 1.71
CA THR D 188 4.20 -17.13 0.89
C THR D 188 4.95 -16.05 0.13
N GLN D 189 4.36 -14.89 -0.02
CA GLN D 189 4.96 -13.86 -0.82
C GLN D 189 5.94 -13.04 -0.05
N MET D 190 6.61 -12.16 -0.74
CA MET D 190 7.59 -11.36 -0.09
C MET D 190 7.40 -9.86 -0.12
N LEU D 191 7.90 -9.22 0.90
CA LEU D 191 7.80 -7.81 1.08
C LEU D 191 8.61 -7.08 0.04
N LEU D 192 9.85 -7.48 -0.14
CA LEU D 192 10.75 -6.94 -1.16
C LEU D 192 11.35 -8.02 -2.04
N ASP D 193 11.84 -7.68 -3.22
CA ASP D 193 12.46 -8.65 -4.10
C ASP D 193 13.59 -9.42 -3.48
N GLY D 194 13.51 -10.72 -3.54
CA GLY D 194 14.57 -11.56 -3.11
C GLY D 194 14.26 -13.03 -3.23
N PRO D 195 15.20 -13.89 -2.88
CA PRO D 195 14.98 -15.31 -3.07
C PRO D 195 13.93 -15.81 -2.15
N VAL D 196 13.22 -16.81 -2.61
CA VAL D 196 12.05 -17.35 -1.97
C VAL D 196 12.14 -18.84 -2.12
N ARG D 197 11.47 -19.58 -1.25
CA ARG D 197 11.48 -21.04 -1.23
C ARG D 197 10.74 -21.57 -2.40
N GLY D 198 11.39 -22.42 -3.18
CA GLY D 198 10.88 -22.89 -4.44
C GLY D 198 11.69 -22.34 -5.58
N GLY D 199 11.98 -21.06 -5.51
CA GLY D 199 12.80 -20.39 -6.48
C GLY D 199 12.04 -19.76 -7.60
N ASN D 200 10.73 -19.74 -7.49
CA ASN D 200 9.95 -19.14 -8.51
C ASN D 200 10.27 -17.67 -8.73
N PHE D 201 10.43 -17.29 -9.98
CA PHE D 201 10.78 -15.95 -10.39
C PHE D 201 9.76 -14.87 -9.97
N ARG D 202 8.49 -15.21 -9.94
CA ARG D 202 7.44 -14.27 -9.59
C ARG D 202 7.16 -14.29 -8.10
N ALA D 203 7.35 -15.43 -7.49
CA ALA D 203 7.29 -15.55 -6.07
C ALA D 203 8.34 -14.69 -5.40
N ALA D 204 9.38 -14.38 -6.13
CA ALA D 204 10.48 -13.64 -5.59
C ALA D 204 10.25 -12.13 -5.50
N ARG D 205 9.14 -11.65 -5.99
CA ARG D 205 8.92 -10.24 -6.15
C ARG D 205 8.05 -9.54 -5.07
N ALA D 206 8.34 -8.26 -4.87
CA ALA D 206 7.65 -7.37 -3.96
C ALA D 206 6.16 -7.39 -4.16
N ALA D 207 5.45 -7.81 -3.16
CA ALA D 207 4.06 -8.12 -3.24
C ALA D 207 3.16 -6.94 -3.07
N GLY D 208 3.63 -5.94 -2.37
CA GLY D 208 2.83 -4.77 -2.11
C GLY D 208 2.73 -3.78 -3.25
N VAL D 209 3.65 -3.87 -4.19
CA VAL D 209 3.78 -2.92 -5.27
C VAL D 209 3.81 -3.54 -6.65
N ASN D 210 3.32 -4.74 -6.81
CA ASN D 210 3.24 -5.40 -8.08
C ASN D 210 1.91 -6.11 -8.23
N THR D 211 1.49 -6.31 -9.46
CA THR D 211 0.55 -7.36 -9.75
C THR D 211 1.28 -8.60 -10.23
N ILE D 212 1.07 -9.70 -9.56
CA ILE D 212 1.89 -10.86 -9.73
C ILE D 212 1.15 -12.15 -10.07
N PRO D 213 1.33 -12.64 -11.29
CA PRO D 213 0.77 -13.93 -11.68
C PRO D 213 1.25 -15.11 -10.84
N HIS D 214 0.31 -15.96 -10.51
CA HIS D 214 0.51 -17.09 -9.67
C HIS D 214 -0.27 -18.27 -10.11
N SER D 215 0.42 -19.40 -10.18
CA SER D 215 -0.17 -20.70 -10.40
C SER D 215 -1.11 -21.13 -9.30
N THR D 216 -2.21 -21.73 -9.68
CA THR D 216 -3.20 -22.28 -8.76
C THR D 216 -3.57 -23.64 -9.31
N GLY D 217 -4.02 -24.50 -8.41
CA GLY D 217 -4.44 -25.82 -8.78
C GLY D 217 -5.91 -26.07 -8.60
N ALA D 218 -6.64 -25.09 -8.09
CA ALA D 218 -8.04 -25.23 -7.74
C ALA D 218 -8.96 -25.59 -8.87
N ALA D 219 -8.76 -25.02 -10.04
CA ALA D 219 -9.62 -25.29 -11.14
C ALA D 219 -9.40 -26.70 -11.61
N LYS D 220 -8.16 -27.04 -11.80
CA LYS D 220 -7.77 -28.33 -12.26
C LYS D 220 -8.17 -29.45 -11.34
N ALA D 221 -8.12 -29.25 -10.05
CA ALA D 221 -8.48 -30.27 -9.09
C ALA D 221 -9.92 -30.24 -8.67
N LEU D 222 -10.72 -29.39 -9.28
CA LEU D 222 -12.08 -29.22 -8.85
C LEU D 222 -12.79 -30.53 -8.96
N GLY D 223 -12.30 -31.36 -9.86
CA GLY D 223 -12.78 -32.71 -10.02
C GLY D 223 -12.89 -33.45 -8.72
N LEU D 224 -12.02 -33.15 -7.78
CA LEU D 224 -12.11 -33.88 -6.55
C LEU D 224 -13.36 -33.59 -5.78
N VAL D 225 -13.98 -32.47 -6.10
CA VAL D 225 -15.15 -32.02 -5.41
C VAL D 225 -16.38 -32.12 -6.28
N ILE D 226 -16.24 -31.86 -7.56
CA ILE D 226 -17.36 -31.95 -8.45
C ILE D 226 -16.96 -32.81 -9.62
N PRO D 227 -17.19 -34.10 -9.49
CA PRO D 227 -16.70 -35.03 -10.47
C PRO D 227 -17.14 -34.68 -11.88
N GLU D 228 -18.31 -34.14 -12.09
CA GLU D 228 -18.69 -33.81 -13.46
C GLU D 228 -17.80 -32.73 -14.16
N LEU D 229 -17.06 -31.97 -13.36
CA LEU D 229 -16.24 -30.88 -13.85
C LEU D 229 -14.76 -31.18 -14.04
N ASN D 230 -14.36 -32.41 -13.76
CA ASN D 230 -13.00 -32.87 -13.95
C ASN D 230 -12.57 -32.71 -15.38
N GLY D 231 -11.44 -32.10 -15.58
CA GLY D 231 -10.94 -31.88 -16.92
C GLY D 231 -11.59 -30.75 -17.66
N LYS D 232 -12.53 -30.08 -17.05
CA LYS D 232 -13.21 -29.03 -17.76
C LYS D 232 -12.72 -27.62 -17.45
N LEU D 233 -12.02 -27.42 -16.34
CA LEU D 233 -11.59 -26.11 -15.94
C LEU D 233 -10.10 -25.94 -15.78
N GLN D 234 -9.61 -24.76 -16.12
CA GLN D 234 -8.30 -24.32 -15.78
C GLN D 234 -8.31 -22.92 -15.14
N GLY D 235 -7.20 -22.49 -14.56
CA GLY D 235 -7.10 -21.15 -14.02
C GLY D 235 -5.75 -20.79 -13.49
N HIS D 236 -5.60 -19.54 -13.11
CA HIS D 236 -4.48 -19.02 -12.39
C HIS D 236 -4.89 -17.86 -11.50
N ALA D 237 -3.93 -17.26 -10.85
CA ALA D 237 -4.19 -16.15 -9.98
C ALA D 237 -3.39 -14.97 -10.40
N GLN D 238 -3.86 -13.81 -10.00
CA GLN D 238 -3.07 -12.62 -9.95
C GLN D 238 -3.07 -12.14 -8.50
N ARG D 239 -1.89 -12.07 -7.95
CA ARG D 239 -1.68 -11.59 -6.61
C ARG D 239 -1.52 -10.08 -6.62
N VAL D 240 -2.42 -9.39 -5.98
CA VAL D 240 -2.41 -7.96 -5.97
C VAL D 240 -2.23 -7.35 -4.59
N GLY D 241 -2.03 -6.05 -4.55
CA GLY D 241 -1.56 -5.37 -3.37
C GLY D 241 -2.52 -4.99 -2.26
N VAL D 242 -3.28 -5.94 -1.73
CA VAL D 242 -4.10 -5.73 -0.56
C VAL D 242 -3.84 -6.84 0.44
N VAL D 243 -4.04 -6.58 1.73
CA VAL D 243 -3.73 -7.57 2.74
C VAL D 243 -4.61 -8.79 2.76
N ASP D 244 -5.84 -8.62 2.28
CA ASP D 244 -6.90 -9.59 2.35
C ASP D 244 -8.05 -9.21 1.46
N GLY D 245 -8.82 -10.18 1.02
CA GLY D 245 -9.93 -9.93 0.16
C GLY D 245 -9.59 -10.13 -1.30
N SER D 246 -10.32 -11.05 -1.87
CA SER D 246 -10.07 -11.59 -3.15
C SER D 246 -11.36 -11.80 -3.95
N LEU D 247 -11.24 -11.94 -5.26
CA LEU D 247 -12.36 -12.29 -6.11
C LEU D 247 -11.98 -13.29 -7.20
N THR D 248 -12.91 -14.13 -7.61
CA THR D 248 -12.70 -15.00 -8.76
C THR D 248 -13.60 -14.65 -9.95
N GLU D 249 -13.02 -14.51 -11.11
CA GLU D 249 -13.76 -14.44 -12.34
C GLU D 249 -13.73 -15.78 -13.05
N LEU D 250 -14.88 -16.31 -13.37
CA LEU D 250 -15.01 -17.50 -14.16
C LEU D 250 -15.60 -17.17 -15.52
N VAL D 251 -14.90 -17.52 -16.58
CA VAL D 251 -15.39 -17.39 -17.92
C VAL D 251 -15.62 -18.78 -18.53
N ALA D 252 -16.81 -19.03 -19.03
CA ALA D 252 -17.20 -20.35 -19.45
C ALA D 252 -17.93 -20.44 -20.78
N ILE D 253 -17.85 -21.57 -21.42
CA ILE D 253 -18.76 -21.92 -22.46
C ILE D 253 -19.82 -22.79 -21.81
N LEU D 254 -21.07 -22.38 -21.97
CA LEU D 254 -22.20 -23.09 -21.38
C LEU D 254 -23.00 -23.88 -22.39
N ASP D 255 -23.77 -24.82 -21.90
CA ASP D 255 -24.64 -25.58 -22.75
C ASP D 255 -25.97 -24.85 -23.01
N LYS D 256 -26.22 -23.73 -22.39
CA LYS D 256 -27.43 -23.00 -22.63
C LYS D 256 -27.08 -21.60 -23.02
N LYS D 257 -27.84 -21.02 -23.92
CA LYS D 257 -27.69 -19.64 -24.23
C LYS D 257 -28.54 -18.82 -23.25
N VAL D 258 -27.93 -17.78 -22.65
CA VAL D 258 -28.47 -17.00 -21.55
C VAL D 258 -28.23 -15.49 -21.61
N THR D 259 -28.91 -14.76 -20.73
CA THR D 259 -28.71 -13.34 -20.46
C THR D 259 -28.11 -13.15 -19.08
N ALA D 260 -27.53 -12.01 -18.79
CA ALA D 260 -27.00 -11.83 -17.46
C ALA D 260 -28.02 -12.03 -16.34
N ASP D 261 -29.25 -11.54 -16.51
CA ASP D 261 -30.30 -11.69 -15.52
C ASP D 261 -30.71 -13.13 -15.32
N GLU D 262 -30.77 -13.90 -16.40
CA GLU D 262 -31.11 -15.31 -16.32
C GLU D 262 -30.07 -15.97 -15.41
N VAL D 263 -28.81 -15.76 -15.68
CA VAL D 263 -27.72 -16.32 -14.91
C VAL D 263 -27.79 -15.89 -13.45
N ASN D 264 -27.98 -14.60 -13.22
CA ASN D 264 -28.16 -14.02 -11.89
C ASN D 264 -29.27 -14.58 -11.03
N ALA D 265 -30.45 -14.68 -11.60
CA ALA D 265 -31.60 -15.25 -10.96
C ALA D 265 -31.41 -16.73 -10.65
N ALA D 266 -30.81 -17.45 -11.60
CA ALA D 266 -30.50 -18.86 -11.43
C ALA D 266 -29.54 -19.14 -10.30
N ILE D 267 -28.44 -18.42 -10.27
CA ILE D 267 -27.45 -18.62 -9.23
C ILE D 267 -27.96 -18.10 -7.90
N LYS D 268 -28.68 -17.00 -7.90
CA LYS D 268 -29.24 -16.44 -6.70
C LYS D 268 -30.11 -17.38 -5.85
N LYS D 269 -30.98 -18.18 -6.45
CA LYS D 269 -31.77 -19.09 -5.65
C LYS D 269 -30.93 -20.06 -4.87
N HIS D 270 -29.78 -20.44 -5.37
CA HIS D 270 -28.90 -21.28 -4.61
C HIS D 270 -28.22 -20.64 -3.41
N THR D 271 -28.36 -19.33 -3.25
CA THR D 271 -27.75 -18.63 -2.14
C THR D 271 -28.71 -18.33 -1.05
N GLU D 272 -30.00 -18.57 -1.25
CA GLU D 272 -30.98 -18.25 -0.23
C GLU D 272 -30.74 -19.11 0.99
N GLY D 273 -30.48 -18.49 2.12
CA GLY D 273 -30.27 -19.21 3.36
C GLY D 273 -29.03 -20.06 3.39
N ASN D 274 -28.16 -19.83 2.42
CA ASN D 274 -26.94 -20.57 2.26
C ASN D 274 -25.81 -19.88 3.02
N GLU D 275 -25.41 -20.42 4.13
CA GLU D 275 -24.41 -19.73 4.89
C GLU D 275 -23.03 -19.87 4.28
N SER D 276 -22.91 -20.68 3.26
CA SER D 276 -21.63 -20.91 2.64
C SER D 276 -21.39 -20.13 1.37
N PHE D 277 -22.44 -19.89 0.62
CA PHE D 277 -22.35 -19.29 -0.68
C PHE D 277 -23.34 -18.17 -0.61
N GLY D 278 -22.86 -16.95 -0.58
CA GLY D 278 -23.74 -15.82 -0.47
C GLY D 278 -23.97 -15.01 -1.71
N TYR D 279 -24.53 -13.84 -1.50
CA TYR D 279 -25.00 -12.99 -2.55
C TYR D 279 -24.98 -11.56 -2.10
N ASN D 280 -24.39 -10.71 -2.91
CA ASN D 280 -24.37 -9.30 -2.67
C ASN D 280 -24.46 -8.49 -3.96
N ASP D 281 -25.47 -7.64 -4.04
CA ASP D 281 -25.66 -6.79 -5.19
C ASP D 281 -25.63 -5.31 -4.90
N ASP D 282 -24.89 -4.93 -3.86
CA ASP D 282 -24.71 -3.56 -3.44
C ASP D 282 -23.48 -2.87 -4.05
N GLU D 283 -22.88 -3.49 -5.05
CA GLU D 283 -21.67 -2.98 -5.67
C GLU D 283 -20.46 -2.81 -4.76
N ILE D 284 -20.14 -3.86 -4.03
CA ILE D 284 -19.11 -3.82 -3.02
C ILE D 284 -17.70 -3.88 -3.64
N VAL D 285 -16.69 -3.61 -2.82
CA VAL D 285 -15.31 -3.75 -3.18
C VAL D 285 -14.61 -4.72 -2.22
N SER D 286 -13.37 -5.07 -2.51
CA SER D 286 -12.73 -6.14 -1.79
C SER D 286 -12.73 -6.04 -0.29
N SER D 287 -12.49 -4.88 0.26
CA SER D 287 -12.46 -4.75 1.70
C SER D 287 -13.79 -5.01 2.40
N ASP D 288 -14.89 -4.95 1.69
CA ASP D 288 -16.19 -5.24 2.25
C ASP D 288 -16.39 -6.70 2.58
N VAL D 289 -15.61 -7.57 1.99
CA VAL D 289 -15.73 -8.97 2.28
C VAL D 289 -14.86 -9.45 3.39
N ILE D 290 -13.97 -8.60 3.86
CA ILE D 290 -13.11 -8.94 4.96
C ILE D 290 -13.95 -9.06 6.21
N GLY D 291 -13.91 -10.20 6.84
CA GLY D 291 -14.74 -10.50 7.98
C GLY D 291 -16.03 -11.26 7.70
N THR D 292 -16.35 -11.47 6.46
CA THR D 292 -17.54 -12.18 6.05
C THR D 292 -17.36 -13.68 6.23
N THR D 293 -18.44 -14.39 6.49
CA THR D 293 -18.43 -15.78 6.91
C THR D 293 -18.69 -16.81 5.82
N PHE D 294 -18.88 -16.32 4.62
CA PHE D 294 -19.20 -17.12 3.49
C PHE D 294 -17.92 -17.63 2.89
N GLY D 295 -17.96 -18.79 2.29
CA GLY D 295 -16.86 -19.25 1.51
C GLY D 295 -16.73 -18.53 0.19
N SER D 296 -17.79 -17.87 -0.22
CA SER D 296 -17.96 -17.34 -1.55
C SER D 296 -19.19 -16.46 -1.51
N ILE D 297 -19.12 -15.33 -2.19
CA ILE D 297 -20.19 -14.37 -2.29
C ILE D 297 -20.39 -14.01 -3.75
N PHE D 298 -21.46 -14.48 -4.35
CA PHE D 298 -21.79 -14.15 -5.71
C PHE D 298 -22.06 -12.65 -5.86
N ASP D 299 -21.52 -12.08 -6.92
CA ASP D 299 -21.76 -10.71 -7.28
C ASP D 299 -22.43 -10.56 -8.63
N PRO D 300 -23.74 -10.41 -8.60
CA PRO D 300 -24.53 -10.33 -9.82
C PRO D 300 -24.20 -9.15 -10.66
N THR D 301 -23.66 -8.11 -10.05
CA THR D 301 -23.38 -6.91 -10.78
C THR D 301 -22.26 -7.05 -11.78
N GLN D 302 -21.46 -8.08 -11.63
CA GLN D 302 -20.35 -8.31 -12.52
C GLN D 302 -20.60 -9.36 -13.59
N THR D 303 -21.79 -9.92 -13.60
CA THR D 303 -22.14 -10.89 -14.59
C THR D 303 -22.18 -10.26 -15.98
N GLU D 304 -21.53 -10.90 -16.93
CA GLU D 304 -21.45 -10.46 -18.29
C GLU D 304 -21.58 -11.63 -19.25
N VAL D 305 -22.50 -11.48 -20.18
CA VAL D 305 -22.64 -12.33 -21.33
C VAL D 305 -22.19 -11.65 -22.61
N THR D 306 -21.27 -12.28 -23.29
CA THR D 306 -20.77 -11.76 -24.54
C THR D 306 -21.17 -12.70 -25.66
N SER D 307 -21.83 -12.19 -26.68
CA SER D 307 -22.31 -13.02 -27.76
C SER D 307 -22.27 -12.39 -29.13
N ASP D 308 -21.97 -13.19 -30.11
CA ASP D 308 -22.00 -12.73 -31.47
C ASP D 308 -22.64 -13.84 -32.26
N GLY D 309 -23.87 -13.63 -32.69
CA GLY D 309 -24.66 -14.69 -33.20
C GLY D 309 -24.73 -15.79 -32.17
N ASP D 310 -24.59 -17.02 -32.60
CA ASP D 310 -24.74 -18.13 -31.69
C ASP D 310 -23.46 -18.55 -30.92
N ASN D 311 -22.44 -17.70 -30.90
CA ASN D 311 -21.25 -17.96 -30.13
C ASN D 311 -21.30 -17.16 -28.86
N GLN D 312 -21.22 -17.81 -27.74
CA GLN D 312 -21.39 -17.17 -26.44
C GLN D 312 -20.30 -17.46 -25.41
N LEU D 313 -19.87 -16.44 -24.70
CA LEU D 313 -19.11 -16.60 -23.47
C LEU D 313 -19.82 -15.96 -22.28
N VAL D 314 -19.78 -16.64 -21.16
CA VAL D 314 -20.34 -16.15 -19.91
C VAL D 314 -19.31 -15.97 -18.79
N LYS D 315 -19.26 -14.77 -18.26
CA LYS D 315 -18.39 -14.42 -17.20
C LYS D 315 -19.16 -14.20 -15.91
N THR D 316 -18.76 -14.89 -14.88
CA THR D 316 -19.34 -14.70 -13.56
C THR D 316 -18.28 -14.47 -12.50
N VAL D 317 -18.66 -13.84 -11.39
CA VAL D 317 -17.72 -13.36 -10.39
C VAL D 317 -18.23 -13.57 -8.97
N ALA D 318 -17.34 -14.02 -8.10
CA ALA D 318 -17.60 -14.12 -6.67
C ALA D 318 -16.45 -13.56 -5.82
N TRP D 319 -16.76 -13.01 -4.67
CA TRP D 319 -15.75 -12.43 -3.80
C TRP D 319 -15.55 -13.39 -2.68
N TYR D 320 -14.44 -13.26 -1.98
CA TYR D 320 -14.19 -13.97 -0.78
C TYR D 320 -13.08 -13.42 0.08
N ASP D 321 -13.29 -13.51 1.39
CA ASP D 321 -12.23 -13.40 2.37
C ASP D 321 -11.45 -14.69 2.42
N ASN D 322 -10.31 -14.69 1.74
CA ASN D 322 -9.45 -15.82 1.59
C ASN D 322 -8.93 -16.36 2.90
N GLU D 323 -8.95 -15.54 3.91
CA GLU D 323 -8.63 -15.96 5.23
C GLU D 323 -9.85 -16.41 5.97
N TYR D 324 -10.75 -15.49 6.23
CA TYR D 324 -11.86 -15.68 7.12
C TYR D 324 -12.97 -16.57 6.59
N GLY D 325 -13.28 -16.42 5.31
CA GLY D 325 -14.26 -17.23 4.65
C GLY D 325 -13.89 -18.69 4.56
N PHE D 326 -12.67 -18.97 4.17
CA PHE D 326 -12.13 -20.32 4.14
C PHE D 326 -12.16 -20.98 5.51
N THR D 327 -11.73 -20.24 6.51
CA THR D 327 -11.69 -20.72 7.87
C THR D 327 -13.07 -21.09 8.43
N CYS D 328 -14.07 -20.27 8.20
CA CYS D 328 -15.44 -20.55 8.62
C CYS D 328 -15.97 -21.80 7.95
N GLN D 329 -15.57 -22.04 6.73
CA GLN D 329 -15.84 -23.27 6.01
C GLN D 329 -15.18 -24.47 6.71
N MET D 330 -13.92 -24.34 7.09
CA MET D 330 -13.26 -25.38 7.85
C MET D 330 -13.98 -25.66 9.13
N VAL D 331 -14.45 -24.61 9.80
CA VAL D 331 -15.19 -24.75 11.04
C VAL D 331 -16.47 -25.54 10.81
N ARG D 332 -17.18 -25.22 9.73
CA ARG D 332 -18.41 -25.93 9.38
C ARG D 332 -18.14 -27.41 9.18
N THR D 333 -17.02 -27.71 8.52
CA THR D 333 -16.63 -29.10 8.27
C THR D 333 -16.22 -29.76 9.58
N LEU D 334 -15.49 -29.03 10.41
CA LEU D 334 -15.05 -29.54 11.71
C LEU D 334 -16.25 -29.96 12.54
N LEU D 335 -17.26 -29.09 12.59
CA LEU D 335 -18.48 -29.39 13.34
C LEU D 335 -19.17 -30.66 12.86
N LYS D 336 -19.11 -30.93 11.58
CA LYS D 336 -19.77 -32.07 11.01
C LYS D 336 -18.97 -33.30 11.21
N PHE D 337 -17.72 -33.20 10.84
CA PHE D 337 -16.78 -34.28 10.95
C PHE D 337 -16.78 -34.73 12.36
N ALA D 338 -16.24 -33.90 13.21
CA ALA D 338 -16.18 -34.24 14.61
C ALA D 338 -17.42 -34.98 15.10
N THR D 339 -18.63 -34.62 14.66
CA THR D 339 -19.81 -35.27 15.21
C THR D 339 -20.59 -36.23 14.32
N LEU D 340 -19.84 -36.99 13.54
CA LEU D 340 -20.35 -38.03 12.68
C LEU D 340 -20.29 -39.32 13.46
C1 EDO E . -26.29 -0.22 0.78
O1 EDO E . -25.65 0.14 -0.47
C2 EDO E . -27.25 0.85 1.34
O2 EDO E . -28.17 1.48 0.40
HG HG F . -0.35 13.02 20.45
HG HG G . -16.54 7.25 16.10
HG HG H . -14.59 16.87 9.83
C1 EDO I . -17.57 6.35 7.69
O1 EDO I . -17.57 6.52 6.30
C2 EDO I . -18.25 5.04 7.99
O2 EDO I . -19.61 5.19 7.62
C TRS J . 0.50 -0.11 -0.31
C1 TRS J . -0.78 0.46 0.09
C2 TRS J . 0.26 -1.59 -0.34
C3 TRS J . 1.50 0.34 0.74
N TRS J . 1.01 0.46 -1.60
O1 TRS J . -1.40 -0.40 1.02
O2 TRS J . 0.14 -2.12 -1.60
O3 TRS J . 1.88 -0.61 1.66
C1 EDO K . 17.46 -12.48 -17.13
O1 EDO K . 18.13 -13.67 -16.68
C2 EDO K . 15.96 -12.65 -16.89
O2 EDO K . 15.74 -13.69 -15.90
HG HG L . 19.71 11.66 8.74
HG HG M . 23.89 1.86 -5.62
HG HG N . 22.77 -11.23 1.21
C1 EDO O . 11.53 23.05 -10.42
O1 EDO O . 10.80 24.29 -10.39
C2 EDO O . 11.26 22.20 -9.16
O2 EDO O . 10.27 22.72 -8.24
HG HG P . 6.12 8.50 -22.56
HG HG Q . -4.08 -6.03 -23.82
C1 EDO R . -0.94 -8.64 24.26
O1 EDO R . 0.18 -9.07 23.45
C2 EDO R . -1.98 -9.77 24.45
O2 EDO R . -1.41 -10.87 25.15
HG HG S . -6.68 -26.58 9.12
HG HG T . -14.76 -18.02 -6.74
HG HG U . -12.97 -17.30 10.69
C1 EDO V . -3.36 -13.35 13.68
O1 EDO V . -2.67 -12.06 14.02
C2 EDO V . -4.91 -13.56 13.77
O2 EDO V . -5.52 -13.67 15.09
#